data_2CR4
#
_entry.id   2CR4
#
_entity_poly.entity_id   1
_entity_poly.type   'polypeptide(L)'
_entity_poly.pdbx_seq_one_letter_code
;GSSGSSGEDYEKVPLPNSVFVNTTESCEVERLFKATSPRGEPQDGLYCIRNSSTKSGKVLVVWDETSNKVRNYRIFEKDS
KFYLEGEVLFVSVGSMVEHYHTHVLPSHQSLLLRHPYGYTSGPSSG
;
_entity_poly.pdbx_strand_id   A
#
# COMPACT_ATOMS: atom_id res chain seq x y z
N GLY A 1 22.53 1.65 26.84
CA GLY A 1 23.60 1.96 25.92
C GLY A 1 24.02 3.43 26.00
N SER A 2 25.10 3.76 25.29
CA SER A 2 25.60 5.13 25.28
C SER A 2 24.73 6.02 24.40
N SER A 3 24.49 5.57 23.17
CA SER A 3 23.68 6.33 22.22
C SER A 3 22.20 5.99 22.38
N GLY A 4 21.34 6.98 22.15
CA GLY A 4 19.91 6.76 22.26
C GLY A 4 19.16 7.10 20.99
N SER A 5 17.97 7.66 21.13
CA SER A 5 17.15 8.02 19.98
C SER A 5 17.05 6.86 18.99
N SER A 6 16.85 5.65 19.52
CA SER A 6 16.75 4.47 18.69
C SER A 6 15.41 3.76 18.92
N GLY A 7 14.59 3.69 17.88
CA GLY A 7 13.30 3.04 18.00
C GLY A 7 12.18 3.83 17.34
N GLU A 8 11.36 3.15 16.55
CA GLU A 8 10.26 3.80 15.86
C GLU A 8 8.93 3.48 16.53
N ASP A 9 8.07 4.48 16.64
CA ASP A 9 6.76 4.31 17.26
C ASP A 9 5.66 4.83 16.35
N TYR A 10 5.00 3.91 15.64
CA TYR A 10 3.92 4.27 14.73
C TYR A 10 2.67 3.45 15.01
N GLU A 11 1.84 3.94 15.93
CA GLU A 11 0.61 3.25 16.29
C GLU A 11 -0.61 4.08 15.93
N LYS A 12 -1.67 3.42 15.50
CA LYS A 12 -2.91 4.11 15.13
C LYS A 12 -2.64 5.14 14.03
N VAL A 13 -1.68 4.84 13.17
CA VAL A 13 -1.34 5.74 12.07
C VAL A 13 -2.08 5.37 10.80
N PRO A 14 -2.45 6.40 10.01
CA PRO A 14 -3.17 6.21 8.75
C PRO A 14 -2.29 5.56 7.68
N LEU A 15 -1.12 6.14 7.44
CA LEU A 15 -0.20 5.61 6.44
C LEU A 15 1.18 5.38 7.05
N PRO A 16 1.45 4.15 7.50
CA PRO A 16 2.73 3.78 8.10
C PRO A 16 3.86 3.74 7.08
N ASN A 17 5.02 4.24 7.48
CA ASN A 17 6.19 4.27 6.61
C ASN A 17 6.43 2.91 5.96
N SER A 18 5.84 1.87 6.57
CA SER A 18 5.99 0.51 6.06
C SER A 18 5.62 0.45 4.58
N VAL A 19 4.41 0.90 4.26
CA VAL A 19 3.94 0.89 2.88
C VAL A 19 4.87 1.68 1.97
N PHE A 20 5.54 2.68 2.53
CA PHE A 20 6.46 3.51 1.77
C PHE A 20 7.82 2.83 1.65
N VAL A 21 8.08 2.24 0.48
CA VAL A 21 9.33 1.56 0.23
C VAL A 21 10.22 2.37 -0.72
N ASN A 22 11.52 2.34 -0.48
CA ASN A 22 12.48 3.07 -1.32
C ASN A 22 12.86 2.25 -2.53
N THR A 23 12.00 1.31 -2.91
CA THR A 23 12.25 0.45 -4.07
C THR A 23 11.48 0.94 -5.29
N THR A 24 12.21 1.30 -6.34
CA THR A 24 11.60 1.78 -7.58
C THR A 24 11.48 0.66 -8.60
N GLU A 25 11.38 -0.57 -8.12
CA GLU A 25 11.27 -1.73 -9.00
C GLU A 25 10.03 -2.56 -8.65
N SER A 26 8.99 -2.43 -9.45
CA SER A 26 7.75 -3.17 -9.23
C SER A 26 8.04 -4.64 -8.94
N CYS A 27 8.93 -5.23 -9.73
CA CYS A 27 9.30 -6.63 -9.56
C CYS A 27 9.68 -6.93 -8.11
N GLU A 28 10.53 -6.07 -7.54
CA GLU A 28 10.97 -6.24 -6.17
C GLU A 28 9.78 -6.29 -5.21
N VAL A 29 8.89 -5.31 -5.33
CA VAL A 29 7.71 -5.24 -4.49
C VAL A 29 7.00 -6.58 -4.43
N GLU A 30 6.85 -7.23 -5.58
CA GLU A 30 6.19 -8.52 -5.66
C GLU A 30 6.89 -9.55 -4.78
N ARG A 31 8.22 -9.51 -4.78
CA ARG A 31 9.02 -10.43 -3.99
C ARG A 31 8.88 -10.14 -2.50
N LEU A 32 8.97 -8.86 -2.15
CA LEU A 32 8.85 -8.45 -0.75
C LEU A 32 7.55 -8.96 -0.14
N PHE A 33 6.43 -8.61 -0.76
CA PHE A 33 5.12 -9.04 -0.28
C PHE A 33 5.17 -10.49 0.19
N LYS A 34 5.57 -11.39 -0.70
CA LYS A 34 5.66 -12.81 -0.37
C LYS A 34 6.74 -13.05 0.68
N ALA A 35 7.77 -12.21 0.68
CA ALA A 35 8.85 -12.34 1.63
C ALA A 35 8.39 -12.04 3.05
N THR A 36 7.98 -10.80 3.29
CA THR A 36 7.51 -10.39 4.61
C THR A 36 6.50 -11.39 5.17
N SER A 37 5.88 -12.15 4.28
CA SER A 37 4.89 -13.15 4.69
C SER A 37 5.57 -14.39 5.24
N PRO A 38 5.14 -14.81 6.45
CA PRO A 38 5.69 -15.99 7.12
C PRO A 38 5.31 -17.29 6.42
N ARG A 39 4.46 -17.18 5.40
CA ARG A 39 4.03 -18.35 4.66
C ARG A 39 4.35 -18.20 3.17
N GLY A 40 5.32 -17.35 2.87
CA GLY A 40 5.70 -17.12 1.49
C GLY A 40 4.51 -16.88 0.58
N GLU A 41 3.50 -16.21 1.11
CA GLU A 41 2.29 -15.91 0.34
C GLU A 41 1.53 -14.74 0.96
N PRO A 42 1.45 -13.64 0.19
CA PRO A 42 0.75 -12.42 0.64
C PRO A 42 -0.76 -12.61 0.71
N GLN A 43 -1.42 -11.79 1.52
CA GLN A 43 -2.87 -11.87 1.67
C GLN A 43 -3.57 -10.96 0.67
N ASP A 44 -4.68 -11.43 0.13
CA ASP A 44 -5.45 -10.65 -0.83
C ASP A 44 -5.73 -9.25 -0.32
N GLY A 45 -5.36 -8.25 -1.11
CA GLY A 45 -5.58 -6.87 -0.71
C GLY A 45 -4.28 -6.17 -0.33
N LEU A 46 -3.23 -6.95 -0.16
CA LEU A 46 -1.92 -6.40 0.21
C LEU A 46 -1.53 -5.25 -0.71
N TYR A 47 -1.52 -4.03 -0.16
CA TYR A 47 -1.16 -2.86 -0.93
C TYR A 47 0.03 -2.14 -0.31
N CYS A 48 0.65 -1.24 -1.09
CA CYS A 48 1.80 -0.48 -0.61
C CYS A 48 2.02 0.77 -1.46
N ILE A 49 3.10 1.48 -1.19
CA ILE A 49 3.41 2.70 -1.92
C ILE A 49 4.92 2.79 -2.21
N ARG A 50 5.28 2.54 -3.46
CA ARG A 50 6.68 2.59 -3.87
C ARG A 50 6.96 3.84 -4.70
N ASN A 51 8.23 4.04 -5.07
CA ASN A 51 8.63 5.19 -5.86
C ASN A 51 8.67 4.84 -7.34
N SER A 52 8.66 5.86 -8.19
CA SER A 52 8.70 5.67 -9.63
C SER A 52 9.90 6.38 -10.25
N SER A 53 10.28 5.97 -11.45
CA SER A 53 11.41 6.58 -12.15
C SER A 53 11.42 8.10 -11.94
N THR A 54 10.26 8.72 -12.10
CA THR A 54 10.14 10.15 -11.94
C THR A 54 10.78 10.62 -10.64
N LYS A 55 11.13 11.91 -10.58
CA LYS A 55 11.75 12.47 -9.38
C LYS A 55 10.70 12.81 -8.33
N SER A 56 10.84 12.19 -7.16
CA SER A 56 9.89 12.42 -6.07
C SER A 56 8.49 11.96 -6.45
N GLY A 57 8.41 10.81 -7.10
CA GLY A 57 7.12 10.28 -7.51
C GLY A 57 6.75 9.01 -6.79
N LYS A 58 5.46 8.71 -6.73
CA LYS A 58 4.98 7.52 -6.05
C LYS A 58 3.96 6.78 -6.91
N VAL A 59 3.77 5.49 -6.63
CA VAL A 59 2.82 4.67 -7.38
C VAL A 59 2.20 3.61 -6.49
N LEU A 60 0.89 3.70 -6.27
CA LEU A 60 0.19 2.74 -5.43
C LEU A 60 0.18 1.36 -6.10
N VAL A 61 0.78 0.37 -5.42
CA VAL A 61 0.83 -0.98 -5.93
C VAL A 61 0.05 -1.94 -5.03
N VAL A 62 -0.99 -2.56 -5.58
CA VAL A 62 -1.81 -3.50 -4.83
C VAL A 62 -1.55 -4.93 -5.28
N TRP A 63 -1.78 -5.88 -4.38
CA TRP A 63 -1.58 -7.30 -4.70
C TRP A 63 -2.89 -7.95 -5.10
N ASP A 64 -2.96 -8.40 -6.36
CA ASP A 64 -4.15 -9.06 -6.87
C ASP A 64 -4.11 -10.56 -6.61
N GLU A 65 -4.35 -10.94 -5.36
CA GLU A 65 -4.33 -12.35 -4.97
C GLU A 65 -5.15 -13.19 -5.95
N THR A 66 -6.22 -12.60 -6.47
CA THR A 66 -7.09 -13.30 -7.40
C THR A 66 -6.32 -13.74 -8.64
N SER A 67 -5.34 -12.94 -9.04
CA SER A 67 -4.53 -13.25 -10.22
C SER A 67 -3.11 -13.63 -9.81
N ASN A 68 -2.80 -13.45 -8.53
CA ASN A 68 -1.48 -13.78 -8.01
C ASN A 68 -0.41 -12.87 -8.62
N LYS A 69 -0.74 -11.60 -8.78
CA LYS A 69 0.19 -10.64 -9.35
C LYS A 69 0.02 -9.26 -8.69
N VAL A 70 0.84 -8.31 -9.11
CA VAL A 70 0.78 -6.95 -8.57
C VAL A 70 0.31 -5.95 -9.62
N ARG A 71 -0.37 -4.91 -9.18
CA ARG A 71 -0.87 -3.88 -10.08
C ARG A 71 -0.07 -2.59 -9.94
N ASN A 72 -0.46 -1.57 -10.71
CA ASN A 72 0.22 -0.29 -10.67
C ASN A 72 -0.78 0.86 -10.70
N TYR A 73 -0.68 1.75 -9.72
CA TYR A 73 -1.58 2.89 -9.64
C TYR A 73 -0.81 4.18 -9.35
N ARG A 74 -0.44 4.88 -10.42
CA ARG A 74 0.30 6.14 -10.29
C ARG A 74 -0.42 7.10 -9.35
N ILE A 75 0.34 7.72 -8.46
CA ILE A 75 -0.23 8.68 -7.50
C ILE A 75 0.14 10.11 -7.87
N PHE A 76 -0.68 10.74 -8.71
CA PHE A 76 -0.44 12.11 -9.14
C PHE A 76 -0.62 13.08 -7.97
N GLU A 77 -0.24 14.34 -8.20
CA GLU A 77 -0.35 15.37 -7.17
C GLU A 77 -0.94 16.65 -7.74
N LYS A 78 -2.22 16.87 -7.49
CA LYS A 78 -2.91 18.06 -7.98
C LYS A 78 -3.69 18.73 -6.85
N ASP A 79 -3.68 20.06 -6.86
CA ASP A 79 -4.39 20.83 -5.84
C ASP A 79 -4.04 20.33 -4.44
N SER A 80 -2.85 19.78 -4.29
CA SER A 80 -2.40 19.25 -3.01
C SER A 80 -3.26 18.08 -2.57
N LYS A 81 -3.72 17.29 -3.53
CA LYS A 81 -4.56 16.14 -3.25
C LYS A 81 -4.20 14.97 -4.16
N PHE A 82 -3.67 13.90 -3.56
CA PHE A 82 -3.29 12.71 -4.31
C PHE A 82 -4.47 12.14 -5.08
N TYR A 83 -4.30 11.99 -6.40
CA TYR A 83 -5.36 11.46 -7.25
C TYR A 83 -4.82 10.40 -8.20
N LEU A 84 -5.68 9.50 -8.62
CA LEU A 84 -5.29 8.43 -9.54
C LEU A 84 -6.04 8.55 -10.87
N GLU A 85 -7.27 9.03 -10.81
CA GLU A 85 -8.09 9.20 -12.00
C GLU A 85 -8.09 10.65 -12.46
N GLY A 86 -7.97 11.57 -11.51
CA GLY A 86 -7.96 12.98 -11.83
C GLY A 86 -8.96 13.78 -11.02
N GLU A 87 -10.08 14.12 -11.64
CA GLU A 87 -11.13 14.89 -10.97
C GLU A 87 -11.29 14.42 -9.52
N VAL A 88 -11.03 13.14 -9.28
CA VAL A 88 -11.14 12.57 -7.94
C VAL A 88 -9.80 12.56 -7.24
N LEU A 89 -9.62 13.49 -6.29
CA LEU A 89 -8.39 13.59 -5.53
C LEU A 89 -8.64 13.39 -4.04
N PHE A 90 -7.56 13.38 -3.26
CA PHE A 90 -7.67 13.20 -1.82
C PHE A 90 -6.60 14.01 -1.09
N VAL A 91 -7.03 15.01 -0.33
CA VAL A 91 -6.11 15.86 0.42
C VAL A 91 -4.91 15.06 0.92
N SER A 92 -5.17 13.84 1.39
CA SER A 92 -4.11 12.98 1.90
C SER A 92 -4.40 11.52 1.58
N VAL A 93 -3.33 10.75 1.39
CA VAL A 93 -3.46 9.33 1.06
C VAL A 93 -4.47 8.64 1.98
N GLY A 94 -4.33 8.89 3.28
CA GLY A 94 -5.23 8.28 4.25
C GLY A 94 -6.67 8.30 3.79
N SER A 95 -7.19 9.49 3.51
CA SER A 95 -8.56 9.64 3.06
C SER A 95 -8.83 8.78 1.83
N MET A 96 -7.96 8.90 0.83
CA MET A 96 -8.09 8.12 -0.41
C MET A 96 -8.31 6.65 -0.10
N VAL A 97 -7.46 6.09 0.75
CA VAL A 97 -7.55 4.69 1.13
C VAL A 97 -8.95 4.36 1.65
N GLU A 98 -9.43 5.15 2.60
CA GLU A 98 -10.75 4.94 3.17
C GLU A 98 -11.83 4.99 2.10
N HIS A 99 -11.62 5.83 1.10
CA HIS A 99 -12.57 5.98 0.00
C HIS A 99 -12.64 4.71 -0.84
N TYR A 100 -11.47 4.16 -1.15
CA TYR A 100 -11.40 2.94 -1.96
C TYR A 100 -11.97 1.75 -1.19
N HIS A 101 -11.71 1.72 0.11
CA HIS A 101 -12.20 0.63 0.96
C HIS A 101 -13.59 0.17 0.52
N THR A 102 -14.37 1.11 0.00
CA THR A 102 -15.72 0.81 -0.46
C THR A 102 -15.84 0.96 -1.98
N HIS A 103 -14.94 1.75 -2.56
CA HIS A 103 -14.93 1.98 -4.00
C HIS A 103 -13.73 1.29 -4.65
N VAL A 104 -13.93 0.04 -5.06
CA VAL A 104 -12.87 -0.72 -5.71
C VAL A 104 -12.02 0.16 -6.60
N LEU A 105 -10.73 -0.15 -6.68
CA LEU A 105 -9.80 0.62 -7.50
C LEU A 105 -10.09 0.41 -8.99
N PRO A 106 -9.68 1.39 -9.81
CA PRO A 106 -9.89 1.33 -11.26
C PRO A 106 -9.02 0.28 -11.93
N SER A 107 -9.37 -0.10 -13.15
CA SER A 107 -8.62 -1.11 -13.90
C SER A 107 -8.81 -2.48 -13.28
N HIS A 108 -9.92 -2.67 -12.58
CA HIS A 108 -10.22 -3.95 -11.93
C HIS A 108 -11.72 -4.12 -11.73
N GLN A 109 -12.10 -5.20 -11.07
CA GLN A 109 -13.51 -5.49 -10.82
C GLN A 109 -13.82 -5.41 -9.33
N SER A 110 -13.11 -6.20 -8.54
CA SER A 110 -13.32 -6.22 -7.09
C SER A 110 -11.98 -6.20 -6.35
N LEU A 111 -11.18 -5.18 -6.63
CA LEU A 111 -9.87 -5.04 -5.99
C LEU A 111 -9.85 -3.87 -5.01
N LEU A 112 -10.13 -4.16 -3.74
CA LEU A 112 -10.14 -3.13 -2.71
C LEU A 112 -8.93 -3.25 -1.80
N LEU A 113 -8.72 -2.24 -0.97
CA LEU A 113 -7.59 -2.23 -0.04
C LEU A 113 -7.99 -2.83 1.31
N ARG A 114 -7.44 -4.00 1.61
CA ARG A 114 -7.74 -4.68 2.87
C ARG A 114 -6.65 -4.41 3.89
N HIS A 115 -5.42 -4.83 3.58
CA HIS A 115 -4.30 -4.64 4.48
C HIS A 115 -3.09 -4.09 3.73
N PRO A 116 -2.42 -3.09 4.34
CA PRO A 116 -1.24 -2.45 3.75
C PRO A 116 -0.04 -3.39 3.70
N TYR A 117 1.06 -2.89 3.14
CA TYR A 117 2.28 -3.69 3.03
C TYR A 117 3.19 -3.44 4.23
N GLY A 118 3.98 -4.45 4.59
CA GLY A 118 4.88 -4.32 5.71
C GLY A 118 4.18 -4.48 7.04
N TYR A 119 3.06 -3.79 7.21
CA TYR A 119 2.30 -3.85 8.45
C TYR A 119 1.86 -5.28 8.74
N THR A 120 1.69 -5.59 10.02
CA THR A 120 1.28 -6.93 10.43
C THR A 120 0.01 -6.87 11.29
N SER A 121 -0.78 -7.94 11.25
CA SER A 121 -2.01 -8.00 12.01
C SER A 121 -2.01 -9.22 12.95
N GLY A 122 -2.75 -9.10 14.05
CA GLY A 122 -2.81 -10.19 15.01
C GLY A 122 -3.85 -11.23 14.64
N PRO A 123 -3.63 -12.48 15.07
CA PRO A 123 -4.54 -13.59 14.79
C PRO A 123 -5.86 -13.46 15.54
N SER A 124 -5.88 -12.58 16.54
CA SER A 124 -7.08 -12.36 17.35
C SER A 124 -8.24 -11.90 16.47
N SER A 125 -7.99 -10.89 15.65
CA SER A 125 -9.02 -10.34 14.76
C SER A 125 -9.60 -11.44 13.88
N GLY A 126 -8.73 -12.17 13.20
CA GLY A 126 -9.17 -13.25 12.32
C GLY A 126 -9.26 -14.58 13.03
N GLY A 1 15.67 6.70 18.33
CA GLY A 1 15.36 5.29 18.12
C GLY A 1 15.77 4.82 16.74
N SER A 2 16.81 3.98 16.69
CA SER A 2 17.30 3.45 15.42
C SER A 2 16.72 2.07 15.15
N SER A 3 15.78 1.99 14.22
CA SER A 3 15.15 0.73 13.86
C SER A 3 14.74 -0.04 15.13
N GLY A 4 14.19 0.68 16.10
CA GLY A 4 13.77 0.05 17.33
C GLY A 4 12.45 0.59 17.84
N SER A 5 12.50 1.36 18.93
CA SER A 5 11.30 1.95 19.50
C SER A 5 10.30 0.85 19.89
N SER A 6 10.83 -0.28 20.35
CA SER A 6 9.99 -1.41 20.75
C SER A 6 9.26 -1.10 22.05
N GLY A 7 8.05 -0.58 21.95
CA GLY A 7 7.26 -0.26 23.13
C GLY A 7 5.97 0.44 22.80
N GLU A 8 6.02 1.35 21.83
CA GLU A 8 4.84 2.10 21.41
C GLU A 8 3.97 1.26 20.46
N ASP A 9 2.68 1.58 20.42
CA ASP A 9 1.74 0.86 19.56
C ASP A 9 0.85 1.84 18.80
N TYR A 10 1.15 2.04 17.52
CA TYR A 10 0.37 2.95 16.69
C TYR A 10 -0.27 2.21 15.52
N GLU A 11 -1.32 1.45 15.81
CA GLU A 11 -2.02 0.69 14.78
C GLU A 11 -3.17 1.51 14.20
N LYS A 12 -3.65 2.47 14.96
CA LYS A 12 -4.75 3.33 14.51
C LYS A 12 -4.23 4.45 13.61
N VAL A 13 -3.29 4.11 12.73
CA VAL A 13 -2.71 5.08 11.82
C VAL A 13 -3.21 4.86 10.39
N PRO A 14 -3.43 5.95 9.66
CA PRO A 14 -3.91 5.91 8.28
C PRO A 14 -2.85 5.36 7.32
N LEU A 15 -1.66 5.95 7.37
CA LEU A 15 -0.56 5.52 6.51
C LEU A 15 0.68 5.20 7.33
N PRO A 16 0.89 3.90 7.59
CA PRO A 16 2.05 3.42 8.36
C PRO A 16 3.36 3.59 7.60
N ASN A 17 4.47 3.54 8.34
CA ASN A 17 5.79 3.69 7.74
C ASN A 17 6.30 2.36 7.20
N SER A 18 5.37 1.42 6.97
CA SER A 18 5.72 0.10 6.47
C SER A 18 5.37 -0.02 4.99
N VAL A 19 4.32 0.67 4.57
CA VAL A 19 3.88 0.64 3.18
C VAL A 19 4.85 1.42 2.29
N PHE A 20 5.45 2.45 2.86
CA PHE A 20 6.39 3.28 2.11
C PHE A 20 7.75 2.58 1.97
N VAL A 21 7.94 1.89 0.86
CA VAL A 21 9.18 1.18 0.59
C VAL A 21 10.18 2.06 -0.15
N ASN A 22 11.47 1.84 0.10
CA ASN A 22 12.52 2.61 -0.54
C ASN A 22 12.92 1.98 -1.86
N THR A 23 12.01 1.22 -2.46
CA THR A 23 12.28 0.55 -3.73
C THR A 23 11.64 1.30 -4.89
N THR A 24 12.32 1.29 -6.04
CA THR A 24 11.82 1.97 -7.23
C THR A 24 11.61 1.00 -8.38
N GLU A 25 11.38 -0.27 -8.04
CA GLU A 25 11.16 -1.30 -9.04
C GLU A 25 9.90 -2.10 -8.74
N SER A 26 9.14 -2.42 -9.79
CA SER A 26 7.91 -3.18 -9.62
C SER A 26 8.21 -4.65 -9.37
N CYS A 27 9.24 -5.17 -10.02
CA CYS A 27 9.63 -6.56 -9.87
C CYS A 27 10.06 -6.84 -8.43
N GLU A 28 10.57 -5.83 -7.75
CA GLU A 28 11.02 -5.97 -6.37
C GLU A 28 9.83 -6.03 -5.42
N VAL A 29 8.96 -5.01 -5.51
CA VAL A 29 7.79 -4.94 -4.66
C VAL A 29 7.13 -6.31 -4.51
N GLU A 30 6.77 -6.90 -5.65
CA GLU A 30 6.13 -8.22 -5.65
C GLU A 30 6.88 -9.19 -4.77
N ARG A 31 8.20 -9.24 -4.92
CA ARG A 31 9.04 -10.13 -4.13
C ARG A 31 8.90 -9.83 -2.64
N LEU A 32 9.02 -8.55 -2.29
CA LEU A 32 8.90 -8.13 -0.90
C LEU A 32 7.63 -8.68 -0.26
N PHE A 33 6.51 -8.54 -0.96
CA PHE A 33 5.24 -9.03 -0.45
C PHE A 33 5.32 -10.51 -0.09
N LYS A 34 5.52 -11.35 -1.11
CA LYS A 34 5.63 -12.79 -0.90
C LYS A 34 6.74 -13.11 0.10
N ALA A 35 7.57 -12.13 0.39
CA ALA A 35 8.68 -12.31 1.32
C ALA A 35 8.22 -12.13 2.76
N THR A 36 7.56 -11.00 3.04
CA THR A 36 7.07 -10.72 4.37
C THR A 36 6.12 -11.81 4.85
N SER A 37 5.45 -12.46 3.91
CA SER A 37 4.50 -13.52 4.24
C SER A 37 5.18 -14.64 5.01
N PRO A 38 4.45 -15.24 5.96
CA PRO A 38 4.97 -16.32 6.79
C PRO A 38 5.16 -17.61 6.00
N ARG A 39 4.16 -17.96 5.19
CA ARG A 39 4.21 -19.17 4.38
C ARG A 39 4.80 -18.87 2.99
N GLY A 40 5.04 -17.59 2.72
CA GLY A 40 5.60 -17.20 1.45
C GLY A 40 4.53 -16.70 0.47
N GLU A 41 3.29 -16.63 0.96
CA GLU A 41 2.19 -16.18 0.12
C GLU A 41 1.47 -15.00 0.77
N PRO A 42 1.37 -13.89 0.02
CA PRO A 42 0.71 -12.67 0.49
C PRO A 42 -0.80 -12.83 0.61
N GLN A 43 -1.43 -11.92 1.35
CA GLN A 43 -2.88 -11.96 1.54
C GLN A 43 -3.58 -10.95 0.65
N ASP A 44 -4.70 -11.37 0.06
CA ASP A 44 -5.47 -10.50 -0.82
C ASP A 44 -5.67 -9.12 -0.19
N GLY A 45 -5.37 -8.07 -0.95
CA GLY A 45 -5.52 -6.72 -0.44
C GLY A 45 -4.20 -6.08 -0.08
N LEU A 46 -3.14 -6.89 -0.04
CA LEU A 46 -1.82 -6.39 0.29
C LEU A 46 -1.44 -5.22 -0.60
N TYR A 47 -1.39 -4.03 -0.01
CA TYR A 47 -1.04 -2.82 -0.75
C TYR A 47 0.19 -2.15 -0.16
N CYS A 48 0.79 -1.24 -0.91
CA CYS A 48 1.98 -0.53 -0.45
C CYS A 48 2.20 0.74 -1.28
N ILE A 49 3.28 1.45 -0.99
CA ILE A 49 3.61 2.67 -1.70
C ILE A 49 5.10 2.74 -2.03
N ARG A 50 5.43 2.51 -3.29
CA ARG A 50 6.83 2.55 -3.73
C ARG A 50 7.12 3.84 -4.49
N ASN A 51 8.41 4.10 -4.73
CA ASN A 51 8.83 5.30 -5.44
C ASN A 51 8.99 5.02 -6.93
N SER A 52 8.81 6.05 -7.74
CA SER A 52 8.94 5.92 -9.19
C SER A 52 10.14 6.71 -9.70
N SER A 53 10.83 6.14 -10.70
CA SER A 53 11.99 6.79 -11.28
C SER A 53 11.58 7.91 -12.23
N THR A 54 10.56 7.64 -13.04
CA THR A 54 10.07 8.63 -14.00
C THR A 54 9.53 9.86 -13.28
N LYS A 55 9.34 10.94 -14.04
CA LYS A 55 8.82 12.18 -13.49
C LYS A 55 7.80 11.91 -12.38
N SER A 56 6.74 11.17 -12.73
CA SER A 56 5.70 10.85 -11.77
C SER A 56 6.29 10.58 -10.39
N GLY A 57 5.47 10.77 -9.35
CA GLY A 57 5.94 10.55 -8.00
C GLY A 57 5.74 9.12 -7.55
N LYS A 58 5.21 8.94 -6.35
CA LYS A 58 4.97 7.61 -5.80
C LYS A 58 3.99 6.82 -6.66
N VAL A 59 3.87 5.53 -6.40
CA VAL A 59 2.96 4.68 -7.15
C VAL A 59 2.34 3.60 -6.26
N LEU A 60 1.04 3.68 -6.08
CA LEU A 60 0.32 2.70 -5.25
C LEU A 60 0.34 1.32 -5.88
N VAL A 61 1.00 0.37 -5.22
CA VAL A 61 1.09 -0.99 -5.72
C VAL A 61 0.29 -1.95 -4.85
N VAL A 62 -0.75 -2.54 -5.44
CA VAL A 62 -1.60 -3.48 -4.71
C VAL A 62 -1.36 -4.91 -5.19
N TRP A 63 -1.73 -5.87 -4.35
CA TRP A 63 -1.56 -7.28 -4.70
C TRP A 63 -2.88 -7.90 -5.12
N ASP A 64 -2.85 -8.66 -6.21
CA ASP A 64 -4.05 -9.31 -6.73
C ASP A 64 -4.05 -10.80 -6.39
N GLU A 65 -4.87 -11.17 -5.40
CA GLU A 65 -4.97 -12.56 -4.98
C GLU A 65 -5.70 -13.41 -6.02
N THR A 66 -6.65 -12.78 -6.71
CA THR A 66 -7.42 -13.48 -7.74
C THR A 66 -6.58 -13.73 -8.99
N SER A 67 -5.66 -12.81 -9.27
CA SER A 67 -4.79 -12.92 -10.43
C SER A 67 -3.38 -13.34 -10.03
N ASN A 68 -3.12 -13.30 -8.72
CA ASN A 68 -1.81 -13.67 -8.19
C ASN A 68 -0.70 -12.79 -8.79
N LYS A 69 -0.99 -11.50 -8.89
CA LYS A 69 -0.03 -10.55 -9.44
C LYS A 69 -0.24 -9.16 -8.84
N VAL A 70 0.80 -8.33 -8.90
CA VAL A 70 0.72 -6.97 -8.37
C VAL A 70 0.19 -6.01 -9.42
N ARG A 71 -0.36 -4.89 -8.96
CA ARG A 71 -0.91 -3.88 -9.85
C ARG A 71 -0.07 -2.61 -9.83
N ASN A 72 -0.52 -1.58 -10.53
CA ASN A 72 0.19 -0.31 -10.60
C ASN A 72 -0.79 0.86 -10.61
N TYR A 73 -0.68 1.73 -9.62
CA TYR A 73 -1.55 2.89 -9.52
C TYR A 73 -0.74 4.16 -9.28
N ARG A 74 -0.47 4.90 -10.35
CA ARG A 74 0.29 6.13 -10.26
C ARG A 74 -0.42 7.14 -9.35
N ILE A 75 0.33 7.70 -8.40
CA ILE A 75 -0.21 8.68 -7.48
C ILE A 75 0.15 10.10 -7.89
N PHE A 76 -0.64 10.68 -8.79
CA PHE A 76 -0.40 12.03 -9.27
C PHE A 76 -0.72 13.05 -8.19
N GLU A 77 -0.28 14.29 -8.40
CA GLU A 77 -0.52 15.36 -7.44
C GLU A 77 -1.18 16.56 -8.13
N LYS A 78 -2.47 16.75 -7.86
CA LYS A 78 -3.21 17.85 -8.45
C LYS A 78 -3.91 18.67 -7.37
N ASP A 79 -3.82 19.99 -7.47
CA ASP A 79 -4.44 20.89 -6.51
C ASP A 79 -4.10 20.47 -5.08
N SER A 80 -2.89 19.95 -4.90
CA SER A 80 -2.44 19.50 -3.58
C SER A 80 -3.26 18.32 -3.10
N LYS A 81 -3.71 17.49 -4.04
CA LYS A 81 -4.51 16.31 -3.71
C LYS A 81 -4.13 15.12 -4.58
N PHE A 82 -3.73 14.02 -3.94
CA PHE A 82 -3.34 12.82 -4.66
C PHE A 82 -4.53 12.20 -5.38
N TYR A 83 -4.31 11.78 -6.62
CA TYR A 83 -5.37 11.17 -7.42
C TYR A 83 -4.79 10.14 -8.39
N LEU A 84 -5.65 9.23 -8.85
CA LEU A 84 -5.23 8.19 -9.78
C LEU A 84 -6.03 8.26 -11.08
N GLU A 85 -7.19 8.90 -11.01
CA GLU A 85 -8.05 9.05 -12.18
C GLU A 85 -8.00 10.46 -12.73
N GLY A 86 -8.14 11.44 -11.84
CA GLY A 86 -8.10 12.83 -12.25
C GLY A 86 -9.09 13.69 -11.49
N GLU A 87 -10.38 13.54 -11.80
CA GLU A 87 -11.42 14.31 -11.14
C GLU A 87 -11.56 13.88 -9.67
N VAL A 88 -11.23 12.63 -9.40
CA VAL A 88 -11.32 12.11 -8.04
C VAL A 88 -9.95 12.10 -7.36
N LEU A 89 -9.73 13.08 -6.48
CA LEU A 89 -8.48 13.19 -5.76
C LEU A 89 -8.70 13.09 -4.25
N PHE A 90 -7.62 13.26 -3.49
CA PHE A 90 -7.69 13.18 -2.04
C PHE A 90 -6.62 14.05 -1.40
N VAL A 91 -7.05 15.09 -0.68
CA VAL A 91 -6.13 15.99 -0.02
C VAL A 91 -4.90 15.25 0.49
N SER A 92 -5.10 14.02 0.94
CA SER A 92 -4.00 13.19 1.46
C SER A 92 -4.22 11.73 1.12
N VAL A 93 -3.15 10.95 1.19
CA VAL A 93 -3.22 9.51 0.89
C VAL A 93 -4.22 8.82 1.81
N GLY A 94 -4.16 9.13 3.10
CA GLY A 94 -5.07 8.52 4.06
C GLY A 94 -6.50 8.51 3.57
N SER A 95 -7.09 9.71 3.46
CA SER A 95 -8.47 9.83 3.01
C SER A 95 -8.73 8.93 1.80
N MET A 96 -7.82 8.94 0.84
CA MET A 96 -7.95 8.12 -0.35
C MET A 96 -8.14 6.65 0.01
N VAL A 97 -7.18 6.11 0.76
CA VAL A 97 -7.23 4.71 1.17
C VAL A 97 -8.58 4.38 1.78
N GLU A 98 -9.08 5.26 2.63
CA GLU A 98 -10.38 5.06 3.29
C GLU A 98 -11.51 5.07 2.27
N HIS A 99 -11.30 5.82 1.18
CA HIS A 99 -12.31 5.92 0.13
C HIS A 99 -12.38 4.63 -0.67
N TYR A 100 -11.22 4.10 -1.04
CA TYR A 100 -11.17 2.87 -1.83
C TYR A 100 -11.64 1.68 -1.00
N HIS A 101 -11.45 1.76 0.31
CA HIS A 101 -11.86 0.69 1.20
C HIS A 101 -13.24 0.15 0.83
N THR A 102 -14.03 1.00 0.18
CA THR A 102 -15.37 0.61 -0.24
C THR A 102 -15.52 0.69 -1.76
N HIS A 103 -14.73 1.56 -2.37
CA HIS A 103 -14.78 1.73 -3.82
C HIS A 103 -13.56 1.10 -4.48
N VAL A 104 -13.73 -0.12 -4.98
CA VAL A 104 -12.64 -0.84 -5.64
C VAL A 104 -11.86 0.08 -6.56
N LEU A 105 -10.56 -0.17 -6.68
CA LEU A 105 -9.69 0.64 -7.54
C LEU A 105 -10.02 0.41 -9.00
N PRO A 106 -9.71 1.41 -9.84
CA PRO A 106 -9.95 1.34 -11.28
C PRO A 106 -9.04 0.35 -11.99
N SER A 107 -9.49 -0.17 -13.13
CA SER A 107 -8.71 -1.13 -13.89
C SER A 107 -8.71 -2.49 -13.21
N HIS A 108 -9.75 -2.74 -12.41
CA HIS A 108 -9.87 -4.01 -11.70
C HIS A 108 -11.34 -4.33 -11.40
N GLN A 109 -11.58 -5.55 -10.93
CA GLN A 109 -12.94 -5.98 -10.60
C GLN A 109 -13.37 -5.44 -9.24
N SER A 110 -12.86 -6.07 -8.18
CA SER A 110 -13.20 -5.66 -6.82
C SER A 110 -11.94 -5.61 -5.94
N LEU A 111 -10.89 -5.03 -6.49
CA LEU A 111 -9.62 -4.91 -5.75
C LEU A 111 -9.66 -3.73 -4.79
N LEU A 112 -9.73 -4.04 -3.50
CA LEU A 112 -9.77 -3.00 -2.47
C LEU A 112 -8.57 -3.11 -1.53
N LEU A 113 -8.36 -2.08 -0.73
CA LEU A 113 -7.25 -2.07 0.21
C LEU A 113 -7.66 -2.63 1.56
N ARG A 114 -7.25 -3.87 1.83
CA ARG A 114 -7.59 -4.53 3.09
C ARG A 114 -6.45 -4.39 4.09
N HIS A 115 -5.28 -4.90 3.73
CA HIS A 115 -4.11 -4.83 4.60
C HIS A 115 -2.91 -4.22 3.88
N PRO A 116 -2.23 -3.27 4.53
CA PRO A 116 -1.06 -2.61 3.95
C PRO A 116 0.14 -3.54 3.84
N TYR A 117 1.24 -3.01 3.31
CA TYR A 117 2.46 -3.79 3.14
C TYR A 117 3.40 -3.61 4.34
N GLY A 118 4.19 -4.64 4.63
CA GLY A 118 5.11 -4.57 5.74
C GLY A 118 4.45 -4.82 7.07
N TYR A 119 3.31 -4.18 7.30
CA TYR A 119 2.57 -4.34 8.54
C TYR A 119 2.22 -5.81 8.79
N THR A 120 2.54 -6.28 9.99
CA THR A 120 2.26 -7.66 10.35
C THR A 120 0.83 -8.06 9.99
N SER A 121 -0.13 -7.57 10.77
CA SER A 121 -1.53 -7.87 10.54
C SER A 121 -2.42 -6.96 11.36
N GLY A 122 -3.26 -6.18 10.67
CA GLY A 122 -4.17 -5.27 11.35
C GLY A 122 -4.65 -5.82 12.68
N PRO A 123 -5.63 -6.73 12.62
CA PRO A 123 -6.21 -7.34 13.82
C PRO A 123 -5.23 -8.30 14.51
N SER A 124 -4.99 -8.06 15.79
CA SER A 124 -4.07 -8.88 16.56
C SER A 124 -4.83 -9.70 17.61
N SER A 125 -4.18 -10.74 18.13
CA SER A 125 -4.78 -11.59 19.14
C SER A 125 -3.76 -12.56 19.72
N GLY A 126 -4.09 -13.15 20.86
CA GLY A 126 -3.19 -14.09 21.51
C GLY A 126 -2.10 -13.40 22.30
N GLY A 1 16.59 -13.37 30.97
CA GLY A 1 16.12 -12.08 31.47
C GLY A 1 15.78 -11.11 30.35
N SER A 2 14.58 -10.57 30.38
CA SER A 2 14.13 -9.64 29.36
C SER A 2 13.70 -8.32 29.98
N SER A 3 13.50 -7.31 29.14
CA SER A 3 13.09 -5.99 29.61
C SER A 3 11.99 -5.41 28.72
N GLY A 4 11.12 -4.61 29.33
CA GLY A 4 10.03 -4.00 28.59
C GLY A 4 10.51 -2.98 27.58
N SER A 5 10.06 -3.12 26.33
CA SER A 5 10.46 -2.20 25.27
C SER A 5 9.37 -1.17 25.01
N SER A 6 9.69 0.10 25.26
CA SER A 6 8.74 1.19 25.07
C SER A 6 8.58 1.50 23.58
N GLY A 7 7.38 1.23 23.06
CA GLY A 7 7.11 1.49 21.65
C GLY A 7 6.08 2.58 21.46
N GLU A 8 6.08 3.19 20.27
CA GLU A 8 5.15 4.26 19.96
C GLU A 8 3.80 3.69 19.51
N ASP A 9 2.80 4.56 19.38
CA ASP A 9 1.47 4.14 18.96
C ASP A 9 1.23 4.46 17.50
N TYR A 10 1.68 3.57 16.62
CA TYR A 10 1.52 3.76 15.19
C TYR A 10 0.77 2.59 14.56
N GLU A 11 -0.52 2.48 14.90
CA GLU A 11 -1.35 1.40 14.38
C GLU A 11 -2.65 1.95 13.79
N LYS A 12 -3.29 2.83 14.55
CA LYS A 12 -4.55 3.44 14.11
C LYS A 12 -4.29 4.56 13.11
N VAL A 13 -3.05 4.65 12.63
CA VAL A 13 -2.67 5.67 11.66
C VAL A 13 -3.18 5.33 10.27
N PRO A 14 -3.45 6.36 9.46
CA PRO A 14 -3.94 6.20 8.09
C PRO A 14 -2.88 5.63 7.16
N LEU A 15 -1.71 6.26 7.15
CA LEU A 15 -0.61 5.81 6.30
C LEU A 15 0.63 5.50 7.14
N PRO A 16 0.83 4.21 7.44
CA PRO A 16 1.98 3.75 8.23
C PRO A 16 3.30 3.89 7.47
N ASN A 17 4.39 3.92 8.21
CA ASN A 17 5.72 4.06 7.62
C ASN A 17 6.25 2.69 7.18
N SER A 18 5.34 1.82 6.75
CA SER A 18 5.72 0.48 6.31
C SER A 18 5.40 0.28 4.84
N VAL A 19 4.30 0.88 4.40
CA VAL A 19 3.87 0.77 3.00
C VAL A 19 4.84 1.50 2.07
N PHE A 20 5.53 2.50 2.62
CA PHE A 20 6.48 3.29 1.84
C PHE A 20 7.83 2.58 1.75
N VAL A 21 8.07 1.91 0.64
CA VAL A 21 9.32 1.20 0.42
C VAL A 21 10.31 2.04 -0.37
N ASN A 22 11.59 1.83 -0.11
CA ASN A 22 12.65 2.57 -0.78
C ASN A 22 13.03 1.88 -2.10
N THR A 23 12.08 1.17 -2.68
CA THR A 23 12.33 0.46 -3.94
C THR A 23 11.68 1.20 -5.12
N THR A 24 12.46 1.41 -6.17
CA THR A 24 11.97 2.10 -7.35
C THR A 24 11.70 1.12 -8.49
N GLU A 25 11.31 -0.10 -8.14
CA GLU A 25 11.03 -1.13 -9.12
C GLU A 25 9.67 -1.79 -8.85
N SER A 26 9.25 -2.65 -9.77
CA SER A 26 7.97 -3.33 -9.65
C SER A 26 8.18 -4.81 -9.30
N CYS A 27 9.08 -5.45 -10.03
CA CYS A 27 9.38 -6.87 -9.81
C CYS A 27 9.75 -7.11 -8.35
N GLU A 28 10.56 -6.22 -7.79
CA GLU A 28 10.98 -6.35 -6.40
C GLU A 28 9.78 -6.40 -5.46
N VAL A 29 9.00 -5.33 -5.45
CA VAL A 29 7.81 -5.26 -4.60
C VAL A 29 7.07 -6.59 -4.57
N GLU A 30 6.79 -7.13 -5.76
CA GLU A 30 6.08 -8.40 -5.87
C GLU A 30 6.77 -9.48 -5.04
N ARG A 31 8.10 -9.49 -5.08
CA ARG A 31 8.88 -10.47 -4.33
C ARG A 31 8.78 -10.21 -2.83
N LEU A 32 8.99 -8.97 -2.44
CA LEU A 32 8.94 -8.59 -1.03
C LEU A 32 7.65 -9.07 -0.39
N PHE A 33 6.51 -8.70 -0.97
CA PHE A 33 5.22 -9.10 -0.45
C PHE A 33 5.25 -10.54 0.03
N LYS A 34 5.53 -11.46 -0.89
CA LYS A 34 5.59 -12.88 -0.56
C LYS A 34 6.69 -13.15 0.46
N ALA A 35 7.71 -12.31 0.45
CA ALA A 35 8.83 -12.45 1.39
C ALA A 35 8.40 -12.13 2.81
N THR A 36 8.03 -10.88 3.05
CA THR A 36 7.60 -10.45 4.37
C THR A 36 6.58 -11.41 4.96
N SER A 37 5.94 -12.20 4.10
CA SER A 37 4.94 -13.17 4.54
C SER A 37 5.60 -14.36 5.21
N PRO A 38 5.09 -14.74 6.39
CA PRO A 38 5.61 -15.87 7.15
C PRO A 38 5.31 -17.22 6.49
N ARG A 39 4.48 -17.18 5.45
CA ARG A 39 4.12 -18.39 4.73
C ARG A 39 4.47 -18.26 3.25
N GLY A 40 5.35 -17.32 2.92
CA GLY A 40 5.76 -17.11 1.55
C GLY A 40 4.58 -16.82 0.64
N GLU A 41 3.57 -16.15 1.17
CA GLU A 41 2.38 -15.80 0.40
C GLU A 41 1.67 -14.59 1.00
N PRO A 42 1.51 -13.54 0.19
CA PRO A 42 0.85 -12.30 0.60
C PRO A 42 -0.65 -12.49 0.83
N GLN A 43 -1.25 -11.56 1.57
CA GLN A 43 -2.68 -11.63 1.85
C GLN A 43 -3.47 -10.80 0.84
N ASP A 44 -4.62 -11.33 0.42
CA ASP A 44 -5.47 -10.64 -0.54
C ASP A 44 -5.76 -9.22 -0.08
N GLY A 45 -5.26 -8.25 -0.84
CA GLY A 45 -5.48 -6.85 -0.50
C GLY A 45 -4.21 -6.15 -0.08
N LEU A 46 -3.09 -6.87 -0.14
CA LEU A 46 -1.79 -6.30 0.24
C LEU A 46 -1.41 -5.16 -0.68
N TYR A 47 -1.41 -3.94 -0.15
CA TYR A 47 -1.06 -2.75 -0.92
C TYR A 47 0.15 -2.05 -0.31
N CYS A 48 0.80 -1.21 -1.12
CA CYS A 48 1.97 -0.47 -0.66
C CYS A 48 2.17 0.79 -1.51
N ILE A 49 3.27 1.49 -1.25
CA ILE A 49 3.59 2.70 -1.98
C ILE A 49 5.09 2.82 -2.26
N ARG A 50 5.46 2.58 -3.50
CA ARG A 50 6.87 2.64 -3.90
C ARG A 50 7.16 3.94 -4.65
N ASN A 51 8.43 4.19 -4.93
CA ASN A 51 8.84 5.39 -5.65
C ASN A 51 8.80 5.17 -7.15
N SER A 52 8.71 6.26 -7.89
CA SER A 52 8.66 6.19 -9.35
C SER A 52 9.97 6.66 -9.97
N SER A 53 10.12 6.44 -11.27
CA SER A 53 11.33 6.84 -11.98
C SER A 53 11.26 8.31 -12.39
N THR A 54 10.72 9.14 -11.51
CA THR A 54 10.59 10.56 -11.77
C THR A 54 11.16 11.39 -10.62
N LYS A 55 11.67 12.57 -10.94
CA LYS A 55 12.24 13.46 -9.94
C LYS A 55 11.37 13.50 -8.69
N SER A 56 10.07 13.29 -8.88
CA SER A 56 9.12 13.31 -7.76
C SER A 56 7.83 12.61 -8.15
N GLY A 57 7.35 11.72 -7.28
CA GLY A 57 6.12 10.99 -7.54
C GLY A 57 6.13 9.60 -6.94
N LYS A 58 4.94 9.11 -6.60
CA LYS A 58 4.81 7.77 -6.02
C LYS A 58 3.87 6.90 -6.85
N VAL A 59 3.90 5.60 -6.59
CA VAL A 59 3.05 4.66 -7.31
C VAL A 59 2.45 3.62 -6.36
N LEU A 60 1.13 3.64 -6.23
CA LEU A 60 0.44 2.70 -5.36
C LEU A 60 0.30 1.33 -6.03
N VAL A 61 0.90 0.31 -5.42
CA VAL A 61 0.85 -1.03 -5.94
C VAL A 61 0.08 -1.97 -5.02
N VAL A 62 -0.96 -2.61 -5.56
CA VAL A 62 -1.79 -3.52 -4.78
C VAL A 62 -1.59 -4.95 -5.24
N TRP A 63 -1.80 -5.90 -4.33
CA TRP A 63 -1.66 -7.31 -4.64
C TRP A 63 -3.01 -7.96 -4.91
N ASP A 64 -3.16 -8.57 -6.08
CA ASP A 64 -4.40 -9.23 -6.45
C ASP A 64 -4.30 -10.73 -6.24
N GLU A 65 -4.59 -11.17 -5.02
CA GLU A 65 -4.54 -12.59 -4.68
C GLU A 65 -5.42 -13.41 -5.62
N THR A 66 -6.48 -12.78 -6.12
CA THR A 66 -7.41 -13.44 -7.03
C THR A 66 -6.70 -13.89 -8.30
N SER A 67 -5.71 -13.12 -8.73
CA SER A 67 -4.96 -13.45 -9.94
C SER A 67 -3.47 -13.60 -9.63
N ASN A 68 -3.14 -13.58 -8.34
CA ASN A 68 -1.75 -13.72 -7.90
C ASN A 68 -0.84 -12.81 -8.72
N LYS A 69 -1.21 -11.54 -8.83
CA LYS A 69 -0.43 -10.57 -9.58
C LYS A 69 -0.52 -9.19 -8.94
N VAL A 70 0.49 -8.36 -9.20
CA VAL A 70 0.52 -7.01 -8.65
C VAL A 70 0.02 -5.99 -9.66
N ARG A 71 -0.38 -4.81 -9.17
CA ARG A 71 -0.88 -3.75 -10.03
C ARG A 71 -0.09 -2.46 -9.83
N ASN A 72 -0.43 -1.44 -10.60
CA ASN A 72 0.25 -0.15 -10.51
C ASN A 72 -0.75 1.00 -10.54
N TYR A 73 -0.64 1.91 -9.58
CA TYR A 73 -1.53 3.05 -9.51
C TYR A 73 -0.74 4.34 -9.30
N ARG A 74 -0.43 5.02 -10.39
CA ARG A 74 0.33 6.27 -10.34
C ARG A 74 -0.36 7.27 -9.40
N ILE A 75 0.43 7.83 -8.48
CA ILE A 75 -0.10 8.79 -7.53
C ILE A 75 0.25 10.22 -7.95
N PHE A 76 -0.63 10.83 -8.75
CA PHE A 76 -0.42 12.19 -9.21
C PHE A 76 -0.58 13.19 -8.07
N GLU A 77 -0.25 14.45 -8.34
CA GLU A 77 -0.35 15.50 -7.33
C GLU A 77 -1.00 16.75 -7.91
N LYS A 78 -2.30 16.90 -7.67
CA LYS A 78 -3.06 18.04 -8.16
C LYS A 78 -3.82 18.72 -7.04
N ASP A 79 -3.86 20.05 -7.07
CA ASP A 79 -4.56 20.82 -6.05
C ASP A 79 -4.17 20.35 -4.65
N SER A 80 -2.94 19.87 -4.51
CA SER A 80 -2.45 19.38 -3.23
C SER A 80 -3.28 18.19 -2.75
N LYS A 81 -3.71 17.35 -3.69
CA LYS A 81 -4.51 16.18 -3.36
C LYS A 81 -4.13 14.99 -4.24
N PHE A 82 -3.63 13.93 -3.63
CA PHE A 82 -3.22 12.73 -4.37
C PHE A 82 -4.42 12.11 -5.09
N TYR A 83 -4.28 11.93 -6.39
CA TYR A 83 -5.34 11.34 -7.20
C TYR A 83 -4.80 10.28 -8.15
N LEU A 84 -5.63 9.30 -8.47
CA LEU A 84 -5.23 8.23 -9.37
C LEU A 84 -6.05 8.24 -10.65
N GLU A 85 -7.28 8.75 -10.56
CA GLU A 85 -8.17 8.83 -11.70
C GLU A 85 -8.20 10.25 -12.27
N GLY A 86 -8.05 11.23 -11.40
CA GLY A 86 -8.06 12.61 -11.83
C GLY A 86 -9.06 13.46 -11.05
N GLU A 87 -10.17 13.80 -11.70
CA GLU A 87 -11.21 14.60 -11.06
C GLU A 87 -11.35 14.24 -9.59
N VAL A 88 -11.21 12.95 -9.29
CA VAL A 88 -11.33 12.48 -7.91
C VAL A 88 -9.97 12.46 -7.23
N LEU A 89 -9.76 13.40 -6.32
CA LEU A 89 -8.50 13.49 -5.58
C LEU A 89 -8.73 13.31 -4.09
N PHE A 90 -7.64 13.36 -3.32
CA PHE A 90 -7.72 13.21 -1.87
C PHE A 90 -6.68 14.07 -1.18
N VAL A 91 -7.14 15.02 -0.36
CA VAL A 91 -6.25 15.91 0.37
C VAL A 91 -5.04 15.15 0.92
N SER A 92 -5.24 13.87 1.17
CA SER A 92 -4.16 13.03 1.71
C SER A 92 -4.42 11.56 1.40
N VAL A 93 -3.34 10.80 1.22
CA VAL A 93 -3.45 9.37 0.92
C VAL A 93 -4.43 8.69 1.87
N GLY A 94 -4.34 9.02 3.14
CA GLY A 94 -5.22 8.43 4.14
C GLY A 94 -6.65 8.38 3.67
N SER A 95 -7.24 9.54 3.42
CA SER A 95 -8.63 9.63 2.97
C SER A 95 -8.85 8.77 1.73
N MET A 96 -7.93 8.88 0.78
CA MET A 96 -8.02 8.11 -0.46
C MET A 96 -8.24 6.63 -0.16
N VAL A 97 -7.39 6.06 0.68
CA VAL A 97 -7.48 4.66 1.05
C VAL A 97 -8.87 4.32 1.56
N GLU A 98 -9.37 5.14 2.49
CA GLU A 98 -10.68 4.93 3.07
C GLU A 98 -11.76 4.95 2.00
N HIS A 99 -11.55 5.77 0.97
CA HIS A 99 -12.50 5.88 -0.13
C HIS A 99 -12.54 4.60 -0.96
N TYR A 100 -11.36 4.07 -1.26
CA TYR A 100 -11.27 2.84 -2.05
C TYR A 100 -11.84 1.65 -1.28
N HIS A 101 -11.62 1.64 0.03
CA HIS A 101 -12.11 0.57 0.89
C HIS A 101 -13.47 0.06 0.40
N THR A 102 -14.26 0.98 -0.16
CA THR A 102 -15.58 0.63 -0.66
C THR A 102 -15.64 0.74 -2.18
N HIS A 103 -14.82 1.62 -2.74
CA HIS A 103 -14.78 1.82 -4.18
C HIS A 103 -13.54 1.15 -4.80
N VAL A 104 -13.70 -0.11 -5.20
CA VAL A 104 -12.61 -0.86 -5.79
C VAL A 104 -11.71 0.05 -6.63
N LEU A 105 -10.42 -0.27 -6.64
CA LEU A 105 -9.44 0.52 -7.40
C LEU A 105 -9.68 0.37 -8.90
N PRO A 106 -9.23 1.38 -9.67
CA PRO A 106 -9.39 1.38 -11.13
C PRO A 106 -8.50 0.34 -11.80
N SER A 107 -8.78 0.06 -13.07
CA SER A 107 -8.00 -0.92 -13.83
C SER A 107 -8.18 -2.31 -13.24
N HIS A 108 -9.30 -2.53 -12.56
CA HIS A 108 -9.58 -3.82 -11.94
C HIS A 108 -11.09 -4.04 -11.83
N GLN A 109 -11.47 -5.14 -11.19
CA GLN A 109 -12.88 -5.47 -11.01
C GLN A 109 -13.27 -5.43 -9.55
N SER A 110 -12.61 -6.26 -8.74
CA SER A 110 -12.88 -6.32 -7.31
C SER A 110 -11.58 -6.33 -6.50
N LEU A 111 -10.78 -5.29 -6.67
CA LEU A 111 -9.51 -5.17 -5.97
C LEU A 111 -9.53 -3.98 -5.01
N LEU A 112 -9.88 -4.24 -3.75
CA LEU A 112 -9.93 -3.20 -2.74
C LEU A 112 -8.73 -3.28 -1.80
N LEU A 113 -8.58 -2.29 -0.94
CA LEU A 113 -7.48 -2.24 0.01
C LEU A 113 -7.90 -2.82 1.36
N ARG A 114 -7.31 -3.95 1.73
CA ARG A 114 -7.63 -4.60 2.99
C ARG A 114 -6.52 -4.37 4.01
N HIS A 115 -5.31 -4.82 3.67
CA HIS A 115 -4.16 -4.67 4.55
C HIS A 115 -2.98 -4.07 3.80
N PRO A 116 -2.31 -3.08 4.43
CA PRO A 116 -1.16 -2.41 3.84
C PRO A 116 0.07 -3.32 3.76
N TYR A 117 1.16 -2.79 3.22
CA TYR A 117 2.39 -3.56 3.09
C TYR A 117 3.32 -3.30 4.28
N GLY A 118 4.09 -4.32 4.64
CA GLY A 118 5.01 -4.20 5.76
C GLY A 118 4.31 -4.30 7.10
N TYR A 119 3.18 -3.60 7.22
CA TYR A 119 2.41 -3.62 8.47
C TYR A 119 2.24 -5.04 8.99
N THR A 120 1.71 -5.15 10.20
CA THR A 120 1.49 -6.46 10.82
C THR A 120 0.14 -6.52 11.51
N SER A 121 -0.69 -7.48 11.08
CA SER A 121 -2.02 -7.64 11.66
C SER A 121 -2.16 -9.01 12.32
N GLY A 122 -2.55 -9.01 13.59
CA GLY A 122 -2.71 -10.26 14.31
C GLY A 122 -3.38 -11.33 13.47
N PRO A 123 -2.60 -12.36 13.09
CA PRO A 123 -3.11 -13.47 12.28
C PRO A 123 -4.07 -14.37 13.04
N SER A 124 -5.03 -14.96 12.32
CA SER A 124 -6.01 -15.83 12.94
C SER A 124 -6.75 -16.65 11.88
N SER A 125 -6.86 -17.96 12.12
CA SER A 125 -7.54 -18.84 11.18
C SER A 125 -8.81 -18.20 10.65
N GLY A 126 -9.73 -17.88 11.54
CA GLY A 126 -10.99 -17.27 11.14
C GLY A 126 -11.44 -16.20 12.12
N GLY A 1 4.57 -14.67 31.58
CA GLY A 1 3.42 -14.65 32.45
C GLY A 1 3.16 -13.27 33.03
N SER A 2 3.27 -12.25 32.19
CA SER A 2 3.05 -10.87 32.63
C SER A 2 2.41 -10.04 31.52
N SER A 3 1.46 -9.20 31.90
CA SER A 3 0.76 -8.36 30.93
C SER A 3 1.27 -6.93 31.00
N GLY A 4 1.97 -6.51 29.95
CA GLY A 4 2.52 -5.16 29.90
C GLY A 4 3.49 -4.96 28.76
N SER A 5 3.18 -5.55 27.61
CA SER A 5 4.03 -5.44 26.43
C SER A 5 4.69 -4.07 26.36
N SER A 6 5.99 -4.03 26.61
CA SER A 6 6.73 -2.78 26.58
C SER A 6 7.16 -2.42 25.15
N GLY A 7 6.42 -1.50 24.54
CA GLY A 7 6.73 -1.10 23.17
C GLY A 7 5.89 0.08 22.72
N GLU A 8 5.64 0.16 21.42
CA GLU A 8 4.86 1.25 20.86
C GLU A 8 3.44 0.78 20.53
N ASP A 9 2.51 1.74 20.46
CA ASP A 9 1.12 1.43 20.15
C ASP A 9 0.61 2.32 19.02
N TYR A 10 1.16 2.14 17.84
CA TYR A 10 0.75 2.94 16.68
C TYR A 10 -0.04 2.09 15.68
N GLU A 11 -1.25 1.71 16.07
CA GLU A 11 -2.10 0.89 15.22
C GLU A 11 -3.25 1.72 14.65
N LYS A 12 -3.61 2.80 15.35
CA LYS A 12 -4.68 3.68 14.91
C LYS A 12 -4.15 4.74 13.95
N VAL A 13 -3.14 4.38 13.17
CA VAL A 13 -2.55 5.31 12.21
C VAL A 13 -3.11 5.08 10.81
N PRO A 14 -3.31 6.17 10.05
CA PRO A 14 -3.83 6.11 8.69
C PRO A 14 -2.84 5.49 7.71
N LEU A 15 -1.62 6.02 7.70
CA LEU A 15 -0.58 5.52 6.81
C LEU A 15 0.70 5.23 7.59
N PRO A 16 0.95 3.93 7.85
CA PRO A 16 2.14 3.49 8.58
C PRO A 16 3.42 3.67 7.77
N ASN A 17 4.56 3.66 8.46
CA ASN A 17 5.85 3.82 7.80
C ASN A 17 6.37 2.49 7.28
N SER A 18 5.44 1.62 6.86
CA SER A 18 5.81 0.31 6.34
C SER A 18 5.47 0.20 4.86
N VAL A 19 4.31 0.75 4.48
CA VAL A 19 3.88 0.72 3.09
C VAL A 19 4.86 1.46 2.19
N PHE A 20 5.25 2.67 2.61
CA PHE A 20 6.19 3.49 1.85
C PHE A 20 7.55 2.82 1.77
N VAL A 21 7.88 2.29 0.60
CA VAL A 21 9.16 1.62 0.38
C VAL A 21 10.06 2.45 -0.53
N ASN A 22 11.37 2.28 -0.35
CA ASN A 22 12.34 3.01 -1.16
C ASN A 22 12.75 2.19 -2.38
N THR A 23 11.86 1.33 -2.83
CA THR A 23 12.12 0.48 -3.99
C THR A 23 11.40 1.01 -5.23
N THR A 24 12.17 1.34 -6.27
CA THR A 24 11.61 1.85 -7.51
C THR A 24 11.49 0.75 -8.56
N GLU A 25 11.35 -0.49 -8.10
CA GLU A 25 11.23 -1.63 -9.01
C GLU A 25 9.99 -2.45 -8.68
N SER A 26 8.95 -2.29 -9.51
CA SER A 26 7.70 -3.01 -9.31
C SER A 26 7.97 -4.49 -9.02
N CYS A 27 8.93 -5.06 -9.73
CA CYS A 27 9.29 -6.46 -9.56
C CYS A 27 9.65 -6.75 -8.11
N GLU A 28 10.52 -5.92 -7.55
CA GLU A 28 10.97 -6.09 -6.17
C GLU A 28 9.77 -6.17 -5.22
N VAL A 29 8.93 -5.14 -5.26
CA VAL A 29 7.75 -5.09 -4.40
C VAL A 29 7.01 -6.43 -4.40
N GLU A 30 6.88 -7.03 -5.58
CA GLU A 30 6.20 -8.31 -5.71
C GLU A 30 6.88 -9.38 -4.87
N ARG A 31 8.22 -9.40 -4.91
CA ARG A 31 8.99 -10.38 -4.14
C ARG A 31 8.84 -10.13 -2.65
N LEU A 32 9.06 -8.88 -2.22
CA LEU A 32 8.94 -8.52 -0.82
C LEU A 32 7.63 -9.03 -0.23
N PHE A 33 6.53 -8.63 -0.84
CA PHE A 33 5.21 -9.03 -0.37
C PHE A 33 5.23 -10.48 0.12
N LYS A 34 5.66 -11.38 -0.75
CA LYS A 34 5.73 -12.80 -0.41
C LYS A 34 6.77 -13.05 0.70
N ALA A 35 7.85 -12.27 0.67
CA ALA A 35 8.90 -12.39 1.66
C ALA A 35 8.38 -12.08 3.06
N THR A 36 7.85 -10.87 3.23
CA THR A 36 7.32 -10.44 4.52
C THR A 36 6.28 -11.43 5.04
N SER A 37 5.73 -12.24 4.13
CA SER A 37 4.72 -13.22 4.50
C SER A 37 5.37 -14.46 5.11
N PRO A 38 4.76 -14.96 6.20
CA PRO A 38 5.26 -16.15 6.90
C PRO A 38 5.07 -17.42 6.09
N ARG A 39 4.23 -17.35 5.07
CA ARG A 39 3.96 -18.50 4.21
C ARG A 39 4.41 -18.23 2.78
N GLY A 40 5.40 -17.35 2.63
CA GLY A 40 5.90 -17.02 1.31
C GLY A 40 4.79 -16.70 0.33
N GLU A 41 3.68 -16.18 0.84
CA GLU A 41 2.54 -15.84 -0.01
C GLU A 41 1.70 -14.74 0.63
N PRO A 42 1.58 -13.61 -0.09
CA PRO A 42 0.81 -12.45 0.39
C PRO A 42 -0.69 -12.72 0.40
N GLN A 43 -1.42 -11.89 1.13
CA GLN A 43 -2.88 -12.04 1.23
C GLN A 43 -3.59 -11.02 0.35
N ASP A 44 -4.80 -11.37 -0.08
CA ASP A 44 -5.59 -10.48 -0.92
C ASP A 44 -5.80 -9.13 -0.24
N GLY A 45 -5.42 -8.06 -0.94
CA GLY A 45 -5.59 -6.72 -0.38
C GLY A 45 -4.26 -6.09 -0.03
N LEU A 46 -3.19 -6.87 -0.06
CA LEU A 46 -1.85 -6.38 0.26
C LEU A 46 -1.48 -5.20 -0.63
N TYR A 47 -1.53 -4.00 -0.06
CA TYR A 47 -1.20 -2.79 -0.80
C TYR A 47 0.01 -2.09 -0.19
N CYS A 48 0.61 -1.19 -0.95
CA CYS A 48 1.79 -0.45 -0.50
C CYS A 48 2.02 0.78 -1.36
N ILE A 49 3.12 1.49 -1.09
CA ILE A 49 3.46 2.68 -1.84
C ILE A 49 4.96 2.73 -2.15
N ARG A 50 5.28 2.62 -3.44
CA ARG A 50 6.68 2.65 -3.87
C ARG A 50 6.98 3.93 -4.63
N ASN A 51 8.25 4.13 -4.97
CA ASN A 51 8.68 5.32 -5.70
C ASN A 51 8.82 5.02 -7.19
N SER A 52 8.59 6.04 -8.02
CA SER A 52 8.69 5.88 -9.46
C SER A 52 9.29 7.14 -10.10
N SER A 53 10.38 6.95 -10.85
CA SER A 53 11.06 8.06 -11.50
C SER A 53 10.15 8.69 -12.56
N THR A 54 9.15 9.45 -12.10
CA THR A 54 8.22 10.11 -13.00
C THR A 54 7.63 11.35 -12.36
N LYS A 55 7.41 12.39 -13.16
CA LYS A 55 6.84 13.64 -12.67
C LYS A 55 5.81 13.37 -11.59
N SER A 56 4.99 12.34 -11.78
CA SER A 56 3.95 11.99 -10.83
C SER A 56 4.55 11.78 -9.44
N GLY A 57 5.33 10.71 -9.30
CA GLY A 57 5.95 10.41 -8.02
C GLY A 57 5.60 9.02 -7.52
N LYS A 58 5.27 8.92 -6.24
CA LYS A 58 4.91 7.65 -5.63
C LYS A 58 3.88 6.91 -6.49
N VAL A 59 3.85 5.58 -6.36
CA VAL A 59 2.92 4.76 -7.13
C VAL A 59 2.30 3.68 -6.25
N LEU A 60 0.98 3.76 -6.08
CA LEU A 60 0.25 2.80 -5.26
C LEU A 60 0.21 1.44 -5.94
N VAL A 61 0.80 0.44 -5.28
CA VAL A 61 0.83 -0.92 -5.82
C VAL A 61 0.07 -1.88 -4.93
N VAL A 62 -0.98 -2.49 -5.49
CA VAL A 62 -1.81 -3.43 -4.74
C VAL A 62 -1.58 -4.86 -5.22
N TRP A 63 -1.74 -5.81 -4.31
CA TRP A 63 -1.55 -7.22 -4.65
C TRP A 63 -2.84 -7.85 -5.14
N ASP A 64 -2.75 -8.64 -6.20
CA ASP A 64 -3.92 -9.30 -6.77
C ASP A 64 -3.92 -10.79 -6.43
N GLU A 65 -4.76 -11.18 -5.48
CA GLU A 65 -4.86 -12.58 -5.07
C GLU A 65 -5.54 -13.41 -6.14
N THR A 66 -6.50 -12.81 -6.84
CA THR A 66 -7.22 -13.50 -7.90
C THR A 66 -6.34 -13.73 -9.12
N SER A 67 -5.45 -12.78 -9.39
CA SER A 67 -4.55 -12.88 -10.52
C SER A 67 -3.13 -13.20 -10.07
N ASN A 68 -2.94 -13.27 -8.76
CA ASN A 68 -1.63 -13.57 -8.19
C ASN A 68 -0.55 -12.69 -8.80
N LYS A 69 -0.82 -11.39 -8.86
CA LYS A 69 0.14 -10.43 -9.42
C LYS A 69 -0.08 -9.04 -8.83
N VAL A 70 0.95 -8.20 -8.92
CA VAL A 70 0.87 -6.84 -8.40
C VAL A 70 0.30 -5.88 -9.43
N ARG A 71 -0.27 -4.78 -8.96
CA ARG A 71 -0.86 -3.78 -9.86
C ARG A 71 -0.04 -2.49 -9.83
N ASN A 72 -0.45 -1.53 -10.65
CA ASN A 72 0.24 -0.25 -10.72
C ASN A 72 -0.76 0.91 -10.76
N TYR A 73 -0.76 1.71 -9.70
CA TYR A 73 -1.67 2.85 -9.61
C TYR A 73 -0.89 4.14 -9.39
N ARG A 74 -0.62 4.85 -10.49
CA ARG A 74 0.11 6.11 -10.42
C ARG A 74 -0.59 7.11 -9.50
N ILE A 75 0.17 7.72 -8.61
CA ILE A 75 -0.37 8.68 -7.67
C ILE A 75 -0.05 10.11 -8.11
N PHE A 76 -0.86 10.65 -9.01
CA PHE A 76 -0.66 12.01 -9.50
C PHE A 76 -0.87 13.03 -8.39
N GLU A 77 -0.11 14.12 -8.45
CA GLU A 77 -0.21 15.18 -7.45
C GLU A 77 -0.83 16.44 -8.04
N LYS A 78 -2.08 16.71 -7.68
CA LYS A 78 -2.79 17.88 -8.18
C LYS A 78 -3.48 18.62 -7.04
N ASP A 79 -3.34 19.94 -7.03
CA ASP A 79 -3.95 20.76 -6.00
C ASP A 79 -3.59 20.26 -4.60
N SER A 80 -2.42 19.62 -4.50
CA SER A 80 -1.95 19.10 -3.23
C SER A 80 -2.82 17.93 -2.77
N LYS A 81 -3.40 17.22 -3.73
CA LYS A 81 -4.26 16.08 -3.44
C LYS A 81 -3.91 14.88 -4.30
N PHE A 82 -3.60 13.76 -3.67
CA PHE A 82 -3.24 12.55 -4.38
C PHE A 82 -4.45 11.95 -5.10
N TYR A 83 -4.33 11.80 -6.41
CA TYR A 83 -5.42 11.26 -7.21
C TYR A 83 -4.90 10.27 -8.25
N LEU A 84 -5.78 9.42 -8.76
CA LEU A 84 -5.41 8.43 -9.76
C LEU A 84 -6.21 8.62 -11.05
N GLU A 85 -7.46 9.05 -10.90
CA GLU A 85 -8.33 9.28 -12.04
C GLU A 85 -8.10 10.66 -12.64
N GLY A 86 -8.49 11.69 -11.89
CA GLY A 86 -8.31 13.05 -12.37
C GLY A 86 -9.23 14.03 -11.67
N GLU A 87 -10.42 13.56 -11.31
CA GLU A 87 -11.40 14.41 -10.63
C GLU A 87 -11.58 13.98 -9.17
N VAL A 88 -11.13 12.76 -8.87
CA VAL A 88 -11.24 12.22 -7.52
C VAL A 88 -9.88 12.20 -6.82
N LEU A 89 -9.60 13.25 -6.06
CA LEU A 89 -8.34 13.36 -5.33
C LEU A 89 -8.56 13.27 -3.83
N PHE A 90 -7.48 13.34 -3.07
CA PHE A 90 -7.56 13.28 -1.62
C PHE A 90 -6.46 14.13 -0.97
N VAL A 91 -6.88 15.14 -0.22
CA VAL A 91 -5.94 16.03 0.46
C VAL A 91 -4.75 15.25 1.00
N SER A 92 -4.96 13.98 1.28
CA SER A 92 -3.91 13.12 1.82
C SER A 92 -4.20 11.65 1.52
N VAL A 93 -3.13 10.87 1.36
CA VAL A 93 -3.26 9.45 1.07
C VAL A 93 -4.29 8.80 1.98
N GLY A 94 -4.28 9.16 3.25
CA GLY A 94 -5.22 8.60 4.21
C GLY A 94 -6.63 8.58 3.67
N SER A 95 -7.23 9.76 3.49
CA SER A 95 -8.59 9.85 2.99
C SER A 95 -8.79 8.94 1.79
N MET A 96 -7.87 9.02 0.83
CA MET A 96 -7.95 8.19 -0.37
C MET A 96 -8.14 6.72 -0.02
N VAL A 97 -7.24 6.19 0.80
CA VAL A 97 -7.32 4.79 1.22
C VAL A 97 -8.70 4.47 1.78
N GLU A 98 -9.20 5.33 2.66
CA GLU A 98 -10.51 5.14 3.27
C GLU A 98 -11.60 5.11 2.21
N HIS A 99 -11.40 5.88 1.13
CA HIS A 99 -12.37 5.94 0.05
C HIS A 99 -12.40 4.64 -0.74
N TYR A 100 -11.22 4.14 -1.08
CA TYR A 100 -11.10 2.90 -1.84
C TYR A 100 -11.64 1.72 -1.03
N HIS A 101 -11.47 1.78 0.29
CA HIS A 101 -11.94 0.72 1.17
C HIS A 101 -13.33 0.25 0.77
N THR A 102 -14.06 1.11 0.07
CA THR A 102 -15.41 0.78 -0.39
C THR A 102 -15.52 0.88 -1.90
N HIS A 103 -14.65 1.68 -2.51
CA HIS A 103 -14.66 1.87 -3.95
C HIS A 103 -13.49 1.14 -4.60
N VAL A 104 -13.70 -0.12 -4.97
CA VAL A 104 -12.67 -0.93 -5.59
C VAL A 104 -11.84 -0.10 -6.56
N LEU A 105 -10.54 -0.39 -6.63
CA LEU A 105 -9.64 0.33 -7.53
C LEU A 105 -9.94 -0.01 -8.98
N PRO A 106 -9.56 0.90 -9.89
CA PRO A 106 -9.78 0.71 -11.33
C PRO A 106 -8.88 -0.37 -11.91
N SER A 107 -9.28 -0.90 -13.07
CA SER A 107 -8.52 -1.96 -13.72
C SER A 107 -8.70 -3.30 -13.01
N HIS A 108 -9.82 -3.43 -12.32
CA HIS A 108 -10.13 -4.67 -11.59
C HIS A 108 -11.62 -4.79 -11.34
N GLN A 109 -12.01 -5.84 -10.62
CA GLN A 109 -13.42 -6.07 -10.30
C GLN A 109 -13.71 -5.81 -8.83
N SER A 110 -12.98 -6.52 -7.96
CA SER A 110 -13.16 -6.36 -6.52
C SER A 110 -11.81 -6.26 -5.81
N LEU A 111 -10.99 -5.32 -6.26
CA LEU A 111 -9.67 -5.11 -5.66
C LEU A 111 -9.67 -3.90 -4.73
N LEU A 112 -9.86 -4.16 -3.43
CA LEU A 112 -9.89 -3.10 -2.44
C LEU A 112 -8.67 -3.19 -1.52
N LEU A 113 -8.44 -2.13 -0.74
CA LEU A 113 -7.32 -2.11 0.19
C LEU A 113 -7.73 -2.65 1.55
N ARG A 114 -7.37 -3.90 1.81
CA ARG A 114 -7.68 -4.55 3.08
C ARG A 114 -6.55 -4.37 4.08
N HIS A 115 -5.37 -4.88 3.73
CA HIS A 115 -4.21 -4.78 4.59
C HIS A 115 -3.01 -4.20 3.84
N PRO A 116 -2.33 -3.21 4.46
CA PRO A 116 -1.17 -2.56 3.85
C PRO A 116 0.05 -3.48 3.79
N TYR A 117 1.13 -2.98 3.23
CA TYR A 117 2.36 -3.76 3.10
C TYR A 117 3.28 -3.52 4.30
N GLY A 118 4.08 -4.53 4.64
CA GLY A 118 4.99 -4.41 5.76
C GLY A 118 4.30 -4.61 7.09
N TYR A 119 3.13 -4.00 7.25
CA TYR A 119 2.37 -4.11 8.49
C TYR A 119 2.03 -5.56 8.79
N THR A 120 1.86 -5.87 10.07
CA THR A 120 1.53 -7.24 10.49
C THR A 120 0.16 -7.27 11.16
N SER A 121 -0.42 -8.47 11.23
CA SER A 121 -1.73 -8.66 11.84
C SER A 121 -1.79 -9.96 12.63
N GLY A 122 -1.94 -9.84 13.94
CA GLY A 122 -2.01 -11.02 14.79
C GLY A 122 -0.65 -11.66 14.99
N PRO A 123 0.11 -11.15 15.97
CA PRO A 123 1.44 -11.66 16.30
C PRO A 123 1.39 -13.06 16.93
N SER A 124 0.18 -13.57 17.13
CA SER A 124 0.00 -14.89 17.72
C SER A 124 -0.06 -15.97 16.65
N SER A 125 1.10 -16.56 16.36
CA SER A 125 1.19 -17.61 15.35
C SER A 125 1.30 -18.98 16.00
N GLY A 126 0.15 -19.65 16.17
CA GLY A 126 0.15 -20.97 16.77
C GLY A 126 -0.07 -22.07 15.76
N GLY A 1 1.18 -19.73 24.40
CA GLY A 1 1.08 -18.28 24.33
C GLY A 1 2.41 -17.63 24.03
N SER A 2 2.49 -16.90 22.92
CA SER A 2 3.71 -16.22 22.53
C SER A 2 3.79 -14.83 23.16
N SER A 3 5.02 -14.37 23.39
CA SER A 3 5.23 -13.06 23.99
C SER A 3 5.48 -11.99 22.91
N GLY A 4 4.51 -11.11 22.73
CA GLY A 4 4.64 -10.06 21.74
C GLY A 4 5.86 -9.19 21.97
N SER A 5 5.84 -7.99 21.40
CA SER A 5 6.97 -7.07 21.54
C SER A 5 6.48 -5.64 21.72
N SER A 6 7.39 -4.75 22.10
CA SER A 6 7.05 -3.35 22.31
C SER A 6 8.14 -2.44 21.76
N GLY A 7 7.73 -1.29 21.23
CA GLY A 7 8.69 -0.35 20.67
C GLY A 7 8.02 0.90 20.12
N GLU A 8 7.56 0.83 18.88
CA GLU A 8 6.90 1.97 18.23
C GLU A 8 5.45 2.08 18.71
N ASP A 9 4.98 3.32 18.84
CA ASP A 9 3.61 3.57 19.27
C ASP A 9 2.72 3.97 18.09
N TYR A 10 2.84 3.23 16.99
CA TYR A 10 2.06 3.51 15.80
C TYR A 10 0.79 2.66 15.77
N GLU A 11 -0.27 3.17 16.38
CA GLU A 11 -1.55 2.46 16.42
C GLU A 11 -2.67 3.33 15.85
N LYS A 12 -3.59 2.69 15.13
CA LYS A 12 -4.70 3.39 14.53
C LYS A 12 -4.22 4.48 13.56
N VAL A 13 -3.06 4.23 12.95
CA VAL A 13 -2.49 5.19 12.00
C VAL A 13 -3.02 4.94 10.60
N PRO A 14 -3.23 6.03 9.85
CA PRO A 14 -3.74 5.97 8.47
C PRO A 14 -2.71 5.39 7.51
N LEU A 15 -1.51 5.96 7.52
CA LEU A 15 -0.44 5.49 6.64
C LEU A 15 0.83 5.21 7.43
N PRO A 16 1.06 3.92 7.74
CA PRO A 16 2.24 3.49 8.50
C PRO A 16 3.53 3.64 7.70
N ASN A 17 4.66 3.64 8.40
CA ASN A 17 5.96 3.77 7.76
C ASN A 17 6.46 2.41 7.27
N SER A 18 5.53 1.51 6.98
CA SER A 18 5.89 0.17 6.51
C SER A 18 5.58 0.02 5.03
N VAL A 19 4.48 0.61 4.59
CA VAL A 19 4.07 0.55 3.20
C VAL A 19 5.06 1.28 2.30
N PHE A 20 5.48 2.46 2.73
CA PHE A 20 6.43 3.26 1.97
C PHE A 20 7.78 2.56 1.86
N VAL A 21 8.04 1.97 0.70
CA VAL A 21 9.30 1.26 0.47
C VAL A 21 10.28 2.12 -0.30
N ASN A 22 11.57 1.84 -0.13
CA ASN A 22 12.61 2.60 -0.81
C ASN A 22 12.95 1.97 -2.16
N THR A 23 11.97 1.30 -2.76
CA THR A 23 12.17 0.64 -4.05
C THR A 23 11.52 1.43 -5.17
N THR A 24 12.13 1.39 -6.35
CA THR A 24 11.60 2.10 -7.51
C THR A 24 11.27 1.14 -8.64
N GLU A 25 10.92 -0.08 -8.28
CA GLU A 25 10.57 -1.11 -9.28
C GLU A 25 9.38 -1.94 -8.80
N SER A 26 8.61 -2.47 -9.75
CA SER A 26 7.45 -3.28 -9.43
C SER A 26 7.86 -4.73 -9.16
N CYS A 27 8.84 -5.20 -9.91
CA CYS A 27 9.32 -6.57 -9.76
C CYS A 27 9.67 -6.87 -8.30
N GLU A 28 10.41 -5.96 -7.69
CA GLU A 28 10.82 -6.11 -6.29
C GLU A 28 9.61 -6.20 -5.38
N VAL A 29 8.76 -5.17 -5.45
CA VAL A 29 7.55 -5.12 -4.62
C VAL A 29 6.94 -6.51 -4.47
N GLU A 30 6.58 -7.13 -5.59
CA GLU A 30 5.98 -8.45 -5.58
C GLU A 30 6.78 -9.40 -4.69
N ARG A 31 8.10 -9.32 -4.79
CA ARG A 31 8.98 -10.17 -3.99
C ARG A 31 8.88 -9.83 -2.51
N LEU A 32 8.95 -8.53 -2.21
CA LEU A 32 8.86 -8.08 -0.82
C LEU A 32 7.61 -8.62 -0.14
N PHE A 33 6.47 -8.49 -0.80
CA PHE A 33 5.21 -8.96 -0.27
C PHE A 33 5.33 -10.41 0.19
N LYS A 34 5.69 -11.30 -0.73
CA LYS A 34 5.83 -12.71 -0.43
C LYS A 34 6.94 -12.94 0.60
N ALA A 35 8.00 -12.12 0.52
CA ALA A 35 9.12 -12.23 1.44
C ALA A 35 8.66 -11.97 2.87
N THR A 36 7.84 -10.95 3.05
CA THR A 36 7.34 -10.60 4.38
C THR A 36 6.08 -11.40 4.72
N SER A 37 5.95 -12.57 4.11
CA SER A 37 4.79 -13.42 4.35
C SER A 37 5.21 -14.70 5.09
N PRO A 38 4.31 -15.17 5.97
CA PRO A 38 4.55 -16.39 6.75
C PRO A 38 4.55 -17.64 5.91
N ARG A 39 3.49 -17.82 5.11
CA ARG A 39 3.37 -18.99 4.25
C ARG A 39 4.00 -18.72 2.89
N GLY A 40 4.87 -17.72 2.82
CA GLY A 40 5.53 -17.38 1.57
C GLY A 40 4.56 -16.86 0.54
N GLU A 41 3.39 -16.41 0.99
CA GLU A 41 2.38 -15.88 0.09
C GLU A 41 1.60 -14.74 0.75
N PRO A 42 1.52 -13.60 0.04
CA PRO A 42 0.82 -12.41 0.54
C PRO A 42 -0.69 -12.61 0.58
N GLN A 43 -1.36 -11.87 1.46
CA GLN A 43 -2.81 -11.96 1.59
C GLN A 43 -3.51 -11.06 0.58
N ASP A 44 -4.75 -11.41 0.24
CA ASP A 44 -5.53 -10.64 -0.72
C ASP A 44 -5.80 -9.24 -0.19
N GLY A 45 -5.32 -8.23 -0.91
CA GLY A 45 -5.52 -6.86 -0.49
C GLY A 45 -4.22 -6.18 -0.09
N LEU A 46 -3.14 -6.93 -0.08
CA LEU A 46 -1.83 -6.39 0.29
C LEU A 46 -1.44 -5.24 -0.63
N TYR A 47 -1.42 -4.03 -0.08
CA TYR A 47 -1.07 -2.84 -0.84
C TYR A 47 0.14 -2.14 -0.23
N CYS A 48 0.76 -1.26 -1.01
CA CYS A 48 1.93 -0.52 -0.54
C CYS A 48 2.14 0.73 -1.38
N ILE A 49 3.22 1.46 -1.08
CA ILE A 49 3.53 2.68 -1.81
C ILE A 49 5.02 2.78 -2.11
N ARG A 50 5.37 2.65 -3.39
CA ARG A 50 6.76 2.72 -3.81
C ARG A 50 7.04 4.03 -4.54
N ASN A 51 8.28 4.21 -4.96
CA ASN A 51 8.69 5.42 -5.67
C ASN A 51 8.74 5.17 -7.17
N SER A 52 8.61 6.25 -7.95
CA SER A 52 8.63 6.15 -9.40
C SER A 52 9.95 6.70 -9.95
N SER A 53 10.18 8.00 -9.77
CA SER A 53 11.39 8.64 -10.25
C SER A 53 11.89 9.67 -9.24
N THR A 54 12.97 10.36 -9.60
CA THR A 54 13.55 11.38 -8.73
C THR A 54 12.64 12.60 -8.63
N LYS A 55 12.10 12.83 -7.44
CA LYS A 55 11.22 13.97 -7.21
C LYS A 55 10.11 14.03 -8.27
N SER A 56 9.48 12.88 -8.51
CA SER A 56 8.41 12.80 -9.49
C SER A 56 7.08 12.49 -8.81
N GLY A 57 7.08 11.53 -7.90
CA GLY A 57 5.87 11.16 -7.20
C GLY A 57 5.93 9.74 -6.65
N LYS A 58 4.76 9.18 -6.36
CA LYS A 58 4.67 7.82 -5.83
C LYS A 58 3.77 6.95 -6.70
N VAL A 59 3.80 5.64 -6.45
CA VAL A 59 2.97 4.71 -7.20
C VAL A 59 2.38 3.64 -6.29
N LEU A 60 1.06 3.67 -6.14
CA LEU A 60 0.37 2.70 -5.29
C LEU A 60 0.30 1.33 -5.96
N VAL A 61 0.88 0.33 -5.31
CA VAL A 61 0.89 -1.03 -5.84
C VAL A 61 0.12 -1.97 -4.93
N VAL A 62 -0.90 -2.63 -5.49
CA VAL A 62 -1.72 -3.57 -4.74
C VAL A 62 -1.50 -4.99 -5.22
N TRP A 63 -1.79 -5.95 -4.34
CA TRP A 63 -1.61 -7.37 -4.67
C TRP A 63 -2.95 -8.01 -5.01
N ASP A 64 -3.09 -8.44 -6.26
CA ASP A 64 -4.33 -9.08 -6.71
C ASP A 64 -4.30 -10.59 -6.44
N GLU A 65 -4.50 -10.96 -5.18
CA GLU A 65 -4.50 -12.37 -4.79
C GLU A 65 -5.39 -13.19 -5.72
N THR A 66 -6.41 -12.56 -6.26
CA THR A 66 -7.34 -13.23 -7.17
C THR A 66 -6.66 -13.61 -8.48
N SER A 67 -5.71 -12.77 -8.91
CA SER A 67 -4.99 -13.02 -10.15
C SER A 67 -3.53 -13.37 -9.86
N ASN A 68 -3.19 -13.45 -8.58
CA ASN A 68 -1.83 -13.78 -8.16
C ASN A 68 -0.82 -12.87 -8.87
N LYS A 69 -1.13 -11.59 -8.95
CA LYS A 69 -0.25 -10.63 -9.59
C LYS A 69 -0.35 -9.26 -8.92
N VAL A 70 0.53 -8.34 -9.33
CA VAL A 70 0.54 -7.00 -8.75
C VAL A 70 0.10 -5.96 -9.78
N ARG A 71 -0.36 -4.82 -9.30
CA ARG A 71 -0.81 -3.74 -10.17
C ARG A 71 0.07 -2.50 -10.01
N ASN A 72 -0.29 -1.44 -10.73
CA ASN A 72 0.47 -0.19 -10.66
C ASN A 72 -0.46 1.02 -10.73
N TYR A 73 -0.58 1.73 -9.63
CA TYR A 73 -1.44 2.91 -9.57
C TYR A 73 -0.62 4.18 -9.38
N ARG A 74 -0.50 4.97 -10.45
CA ARG A 74 0.25 6.21 -10.42
C ARG A 74 -0.41 7.21 -9.48
N ILE A 75 0.36 7.69 -8.49
CA ILE A 75 -0.15 8.67 -7.53
C ILE A 75 0.23 10.08 -7.95
N PHE A 76 -0.58 10.68 -8.83
CA PHE A 76 -0.34 12.03 -9.29
C PHE A 76 -0.52 13.04 -8.16
N GLU A 77 -0.13 14.28 -8.42
CA GLU A 77 -0.26 15.34 -7.42
C GLU A 77 -0.91 16.59 -8.03
N LYS A 78 -2.20 16.75 -7.78
CA LYS A 78 -2.94 17.90 -8.30
C LYS A 78 -3.69 18.61 -7.18
N ASP A 79 -3.71 19.93 -7.23
CA ASP A 79 -4.41 20.74 -6.23
C ASP A 79 -4.07 20.24 -4.82
N SER A 80 -2.84 19.76 -4.65
CA SER A 80 -2.40 19.25 -3.36
C SER A 80 -3.26 18.06 -2.92
N LYS A 81 -3.65 17.23 -3.88
CA LYS A 81 -4.47 16.06 -3.60
C LYS A 81 -4.06 14.89 -4.48
N PHE A 82 -3.56 13.83 -3.86
CA PHE A 82 -3.13 12.64 -4.58
C PHE A 82 -4.29 12.02 -5.35
N TYR A 83 -4.07 11.74 -6.63
CA TYR A 83 -5.10 11.14 -7.46
C TYR A 83 -4.51 10.11 -8.42
N LEU A 84 -5.32 9.15 -8.84
CA LEU A 84 -4.88 8.11 -9.76
C LEU A 84 -5.60 8.22 -11.10
N GLU A 85 -6.88 8.58 -11.06
CA GLU A 85 -7.67 8.73 -12.27
C GLU A 85 -7.63 10.16 -12.78
N GLY A 86 -7.90 11.11 -11.88
CA GLY A 86 -7.88 12.51 -12.26
C GLY A 86 -8.88 13.33 -11.47
N GLU A 87 -9.99 13.68 -12.10
CA GLU A 87 -11.03 14.48 -11.45
C GLU A 87 -11.19 14.06 -10.00
N VAL A 88 -10.93 12.79 -9.71
CA VAL A 88 -11.05 12.26 -8.35
C VAL A 88 -9.71 12.28 -7.65
N LEU A 89 -9.55 13.18 -6.68
CA LEU A 89 -8.31 13.29 -5.93
C LEU A 89 -8.57 13.18 -4.43
N PHE A 90 -7.50 13.23 -3.64
CA PHE A 90 -7.62 13.12 -2.19
C PHE A 90 -6.59 14.01 -1.50
N VAL A 91 -7.06 14.92 -0.66
CA VAL A 91 -6.18 15.83 0.07
C VAL A 91 -4.97 15.09 0.62
N SER A 92 -5.18 13.85 1.05
CA SER A 92 -4.10 13.03 1.60
C SER A 92 -4.33 11.56 1.31
N VAL A 93 -3.24 10.79 1.21
CA VAL A 93 -3.33 9.37 0.94
C VAL A 93 -4.30 8.68 1.89
N GLY A 94 -4.19 9.00 3.17
CA GLY A 94 -5.08 8.40 4.16
C GLY A 94 -6.52 8.32 3.68
N SER A 95 -7.11 9.48 3.41
CA SER A 95 -8.50 9.53 2.94
C SER A 95 -8.71 8.62 1.75
N MET A 96 -7.84 8.75 0.74
CA MET A 96 -7.93 7.93 -0.45
C MET A 96 -8.10 6.46 -0.10
N VAL A 97 -7.26 5.98 0.82
CA VAL A 97 -7.31 4.59 1.25
C VAL A 97 -8.69 4.24 1.81
N GLU A 98 -9.19 5.09 2.70
CA GLU A 98 -10.49 4.87 3.31
C GLU A 98 -11.61 4.98 2.28
N HIS A 99 -11.37 5.77 1.24
CA HIS A 99 -12.35 5.96 0.18
C HIS A 99 -12.44 4.71 -0.70
N TYR A 100 -11.29 4.21 -1.14
CA TYR A 100 -11.24 3.03 -1.99
C TYR A 100 -11.74 1.80 -1.24
N HIS A 101 -11.57 1.81 0.08
CA HIS A 101 -12.00 0.70 0.91
C HIS A 101 -13.37 0.19 0.48
N THR A 102 -14.17 1.09 -0.09
CA THR A 102 -15.51 0.73 -0.55
C THR A 102 -15.62 0.82 -2.06
N HIS A 103 -14.76 1.64 -2.67
CA HIS A 103 -14.75 1.81 -4.11
C HIS A 103 -13.53 1.13 -4.75
N VAL A 104 -13.70 -0.12 -5.16
CA VAL A 104 -12.61 -0.87 -5.77
C VAL A 104 -11.77 0.02 -6.68
N LEU A 105 -10.48 -0.27 -6.76
CA LEU A 105 -9.56 0.50 -7.60
C LEU A 105 -9.81 0.20 -9.08
N PRO A 106 -9.42 1.16 -9.93
CA PRO A 106 -9.58 1.03 -11.38
C PRO A 106 -8.66 -0.02 -11.99
N SER A 107 -9.01 -0.51 -13.17
CA SER A 107 -8.21 -1.52 -13.84
C SER A 107 -8.39 -2.89 -13.18
N HIS A 108 -9.53 -3.08 -12.52
CA HIS A 108 -9.83 -4.34 -11.85
C HIS A 108 -11.33 -4.50 -11.65
N GLN A 109 -11.73 -5.58 -10.97
CA GLN A 109 -13.13 -5.86 -10.72
C GLN A 109 -13.47 -5.72 -9.25
N SER A 110 -12.75 -6.46 -8.41
CA SER A 110 -12.98 -6.42 -6.96
C SER A 110 -11.66 -6.35 -6.21
N LEU A 111 -10.85 -5.34 -6.53
CA LEU A 111 -9.55 -5.16 -5.89
C LEU A 111 -9.59 -3.98 -4.91
N LEU A 112 -9.82 -4.29 -3.64
CA LEU A 112 -9.88 -3.26 -2.60
C LEU A 112 -8.67 -3.35 -1.68
N LEU A 113 -8.48 -2.32 -0.87
CA LEU A 113 -7.36 -2.28 0.07
C LEU A 113 -7.77 -2.85 1.43
N ARG A 114 -7.31 -4.05 1.74
CA ARG A 114 -7.63 -4.70 3.00
C ARG A 114 -6.53 -4.45 4.02
N HIS A 115 -5.31 -4.91 3.71
CA HIS A 115 -4.18 -4.74 4.62
C HIS A 115 -2.98 -4.15 3.86
N PRO A 116 -2.32 -3.16 4.48
CA PRO A 116 -1.15 -2.50 3.89
C PRO A 116 0.07 -3.42 3.85
N TYR A 117 1.16 -2.90 3.30
CA TYR A 117 2.39 -3.67 3.20
C TYR A 117 3.30 -3.44 4.42
N GLY A 118 4.09 -4.45 4.75
CA GLY A 118 4.98 -4.34 5.89
C GLY A 118 4.23 -4.12 7.20
N TYR A 119 2.95 -4.48 7.21
CA TYR A 119 2.13 -4.32 8.40
C TYR A 119 1.63 -5.67 8.91
N THR A 120 1.49 -5.78 10.22
CA THR A 120 1.03 -7.03 10.83
C THR A 120 -0.40 -6.88 11.37
N SER A 121 -1.27 -7.80 10.97
CA SER A 121 -2.66 -7.77 11.40
C SER A 121 -3.07 -9.10 12.00
N GLY A 122 -3.15 -9.15 13.34
CA GLY A 122 -3.53 -10.38 14.01
C GLY A 122 -2.66 -10.68 15.21
N PRO A 123 -3.22 -10.49 16.42
CA PRO A 123 -2.50 -10.74 17.67
C PRO A 123 -2.24 -12.22 17.91
N SER A 124 -2.74 -13.06 17.02
CA SER A 124 -2.57 -14.50 17.13
C SER A 124 -1.52 -15.00 16.14
N SER A 125 -0.41 -15.49 16.68
CA SER A 125 0.68 -16.00 15.85
C SER A 125 0.16 -17.06 14.87
N GLY A 126 1.02 -17.47 13.94
CA GLY A 126 0.63 -18.47 12.96
C GLY A 126 0.86 -18.01 11.54
N GLY A 1 13.22 12.09 8.69
CA GLY A 1 13.71 11.31 9.81
C GLY A 1 15.13 11.67 10.19
N SER A 2 15.98 10.66 10.32
CA SER A 2 17.38 10.86 10.68
C SER A 2 17.49 11.64 11.99
N SER A 3 16.69 11.24 12.97
CA SER A 3 16.69 11.90 14.28
C SER A 3 17.60 11.16 15.26
N GLY A 4 17.84 11.78 16.41
CA GLY A 4 18.68 11.16 17.42
C GLY A 4 17.92 10.23 18.33
N SER A 5 17.11 9.36 17.74
CA SER A 5 16.31 8.41 18.52
C SER A 5 16.51 6.99 18.00
N SER A 6 16.13 6.01 18.81
CA SER A 6 16.28 4.61 18.45
C SER A 6 15.01 3.83 18.77
N GLY A 7 14.46 3.18 17.74
CA GLY A 7 13.24 2.41 17.93
C GLY A 7 11.99 3.23 17.72
N GLU A 8 11.74 3.61 16.46
CA GLU A 8 10.57 4.41 16.12
C GLU A 8 9.29 3.71 16.57
N ASP A 9 8.20 4.47 16.63
CA ASP A 9 6.91 3.93 17.04
C ASP A 9 5.77 4.59 16.28
N TYR A 10 5.11 3.84 15.42
CA TYR A 10 4.00 4.36 14.62
C TYR A 10 2.76 3.49 14.78
N GLU A 11 2.07 3.64 15.91
CA GLU A 11 0.86 2.87 16.18
C GLU A 11 -0.39 3.68 15.86
N LYS A 12 -1.49 2.98 15.64
CA LYS A 12 -2.76 3.64 15.33
C LYS A 12 -2.56 4.75 14.30
N VAL A 13 -1.58 4.56 13.42
CA VAL A 13 -1.29 5.54 12.38
C VAL A 13 -2.02 5.21 11.08
N PRO A 14 -2.36 6.25 10.32
CA PRO A 14 -3.07 6.10 9.04
C PRO A 14 -2.20 5.46 7.97
N LEU A 15 -1.01 6.02 7.76
CA LEU A 15 -0.08 5.50 6.76
C LEU A 15 1.29 5.23 7.38
N PRO A 16 1.57 3.95 7.68
CA PRO A 16 2.83 3.53 8.28
C PRO A 16 4.00 3.65 7.31
N ASN A 17 5.21 3.72 7.84
CA ASN A 17 6.41 3.84 7.02
C ASN A 17 6.78 2.50 6.41
N SER A 18 6.05 1.45 6.80
CA SER A 18 6.31 0.10 6.30
C SER A 18 5.92 0.00 4.82
N VAL A 19 4.81 0.62 4.46
CA VAL A 19 4.34 0.59 3.07
C VAL A 19 5.30 1.34 2.15
N PHE A 20 5.69 2.54 2.57
CA PHE A 20 6.61 3.35 1.78
C PHE A 20 7.98 2.69 1.67
N VAL A 21 8.30 2.20 0.47
CA VAL A 21 9.58 1.54 0.23
C VAL A 21 10.49 2.41 -0.63
N ASN A 22 11.79 2.29 -0.41
CA ASN A 22 12.78 3.06 -1.17
C ASN A 22 13.11 2.38 -2.49
N THR A 23 12.15 1.60 -3.01
CA THR A 23 12.33 0.89 -4.27
C THR A 23 11.51 1.53 -5.38
N THR A 24 12.12 1.70 -6.54
CA THR A 24 11.45 2.30 -7.68
C THR A 24 11.15 1.24 -8.75
N GLU A 25 10.89 0.02 -8.30
CA GLU A 25 10.59 -1.08 -9.22
C GLU A 25 9.42 -1.91 -8.70
N SER A 26 8.91 -2.79 -9.54
CA SER A 26 7.78 -3.64 -9.18
C SER A 26 8.27 -5.06 -8.82
N CYS A 27 9.09 -5.63 -9.69
CA CYS A 27 9.62 -6.97 -9.47
C CYS A 27 10.03 -7.15 -8.02
N GLU A 28 10.67 -6.13 -7.45
CA GLU A 28 11.12 -6.19 -6.07
C GLU A 28 9.93 -6.24 -5.11
N VAL A 29 9.09 -5.22 -5.17
CA VAL A 29 7.91 -5.13 -4.31
C VAL A 29 7.18 -6.46 -4.26
N GLU A 30 6.96 -7.07 -5.43
CA GLU A 30 6.26 -8.34 -5.52
C GLU A 30 6.95 -9.39 -4.65
N ARG A 31 8.28 -9.46 -4.75
CA ARG A 31 9.05 -10.42 -3.97
C ARG A 31 8.91 -10.15 -2.48
N LEU A 32 9.01 -8.87 -2.10
CA LEU A 32 8.89 -8.48 -0.70
C LEU A 32 7.56 -8.92 -0.11
N PHE A 33 6.47 -8.60 -0.81
CA PHE A 33 5.14 -8.96 -0.36
C PHE A 33 5.10 -10.41 0.11
N LYS A 34 5.39 -11.33 -0.80
CA LYS A 34 5.39 -12.75 -0.48
C LYS A 34 6.32 -13.05 0.69
N ALA A 35 7.31 -12.18 0.89
CA ALA A 35 8.26 -12.34 1.98
C ALA A 35 7.60 -12.10 3.33
N THR A 36 6.94 -10.96 3.47
CA THR A 36 6.26 -10.61 4.71
C THR A 36 5.38 -11.75 5.20
N SER A 37 4.77 -12.47 4.25
CA SER A 37 3.90 -13.59 4.59
C SER A 37 4.69 -14.74 5.19
N PRO A 38 4.16 -15.33 6.27
CA PRO A 38 4.80 -16.46 6.95
C PRO A 38 4.78 -17.74 6.12
N ARG A 39 3.69 -17.94 5.39
CA ARG A 39 3.55 -19.13 4.55
C ARG A 39 4.12 -18.87 3.16
N GLY A 40 4.57 -17.65 2.92
CA GLY A 40 5.13 -17.30 1.63
C GLY A 40 4.09 -16.75 0.67
N GLU A 41 2.83 -16.82 1.07
CA GLU A 41 1.74 -16.32 0.25
C GLU A 41 1.08 -15.10 0.89
N PRO A 42 1.12 -13.96 0.16
CA PRO A 42 0.54 -12.71 0.64
C PRO A 42 -0.98 -12.75 0.68
N GLN A 43 -1.56 -11.91 1.54
CA GLN A 43 -3.02 -11.86 1.68
C GLN A 43 -3.62 -10.88 0.68
N ASP A 44 -4.80 -11.22 0.18
CA ASP A 44 -5.49 -10.38 -0.80
C ASP A 44 -5.67 -8.95 -0.25
N GLY A 45 -5.28 -7.96 -1.05
CA GLY A 45 -5.41 -6.58 -0.63
C GLY A 45 -4.07 -5.95 -0.30
N LEU A 46 -3.05 -6.79 -0.13
CA LEU A 46 -1.71 -6.32 0.21
C LEU A 46 -1.31 -5.15 -0.70
N TYR A 47 -1.35 -3.94 -0.14
CA TYR A 47 -0.99 -2.74 -0.89
C TYR A 47 0.22 -2.06 -0.28
N CYS A 48 0.84 -1.17 -1.04
CA CYS A 48 2.01 -0.44 -0.58
C CYS A 48 2.24 0.82 -1.40
N ILE A 49 3.35 1.51 -1.14
CA ILE A 49 3.68 2.73 -1.86
C ILE A 49 5.17 2.78 -2.21
N ARG A 50 5.47 2.66 -3.50
CA ARG A 50 6.85 2.68 -3.97
C ARG A 50 7.13 3.96 -4.75
N ASN A 51 8.40 4.25 -4.95
CA ASN A 51 8.81 5.44 -5.68
C ASN A 51 8.68 5.23 -7.19
N SER A 52 8.36 6.30 -7.91
CA SER A 52 8.21 6.23 -9.36
C SER A 52 9.43 6.79 -10.07
N SER A 53 10.55 6.11 -9.94
CA SER A 53 11.79 6.54 -10.58
C SER A 53 11.97 8.05 -10.45
N THR A 54 11.62 8.59 -9.28
CA THR A 54 11.73 10.01 -9.03
C THR A 54 11.40 10.34 -7.57
N LYS A 55 11.86 11.51 -7.12
CA LYS A 55 11.60 11.94 -5.76
C LYS A 55 10.18 12.46 -5.59
N SER A 56 9.73 13.25 -6.56
CA SER A 56 8.39 13.82 -6.52
C SER A 56 7.42 12.95 -7.32
N GLY A 57 6.88 11.92 -6.67
CA GLY A 57 5.94 11.05 -7.34
C GLY A 57 5.94 9.65 -6.74
N LYS A 58 4.75 9.07 -6.59
CA LYS A 58 4.62 7.73 -6.04
C LYS A 58 3.62 6.90 -6.84
N VAL A 59 3.69 5.58 -6.67
CA VAL A 59 2.79 4.68 -7.38
C VAL A 59 2.19 3.64 -6.44
N LEU A 60 0.88 3.69 -6.26
CA LEU A 60 0.19 2.75 -5.38
C LEU A 60 0.17 1.36 -5.99
N VAL A 61 0.83 0.41 -5.33
CA VAL A 61 0.89 -0.97 -5.81
C VAL A 61 0.07 -1.88 -4.90
N VAL A 62 -0.94 -2.52 -5.49
CA VAL A 62 -1.80 -3.44 -4.74
C VAL A 62 -1.59 -4.88 -5.19
N TRP A 63 -1.81 -5.82 -4.27
CA TRP A 63 -1.65 -7.23 -4.57
C TRP A 63 -2.98 -7.87 -4.98
N ASP A 64 -3.01 -8.41 -6.19
CA ASP A 64 -4.23 -9.05 -6.70
C ASP A 64 -4.20 -10.55 -6.44
N GLU A 65 -4.82 -10.96 -5.32
CA GLU A 65 -4.87 -12.37 -4.95
C GLU A 65 -5.62 -13.17 -6.01
N THR A 66 -6.59 -12.54 -6.66
CA THR A 66 -7.38 -13.20 -7.69
C THR A 66 -6.54 -13.50 -8.93
N SER A 67 -5.58 -12.62 -9.21
CA SER A 67 -4.71 -12.79 -10.37
C SER A 67 -3.28 -13.09 -9.94
N ASN A 68 -3.09 -13.24 -8.63
CA ASN A 68 -1.76 -13.53 -8.09
C ASN A 68 -0.70 -12.66 -8.75
N LYS A 69 -0.93 -11.36 -8.75
CA LYS A 69 0.01 -10.42 -9.37
C LYS A 69 -0.05 -9.06 -8.67
N VAL A 70 0.69 -8.09 -9.20
CA VAL A 70 0.71 -6.75 -8.64
C VAL A 70 0.28 -5.70 -9.66
N ARG A 71 -0.31 -4.62 -9.18
CA ARG A 71 -0.78 -3.55 -10.05
C ARG A 71 0.07 -2.29 -9.86
N ASN A 72 -0.12 -1.32 -10.76
CA ASN A 72 0.62 -0.07 -10.68
C ASN A 72 -0.32 1.12 -10.82
N TYR A 73 -0.67 1.72 -9.69
CA TYR A 73 -1.56 2.88 -9.68
C TYR A 73 -0.78 4.17 -9.44
N ARG A 74 -0.39 4.82 -10.53
CA ARG A 74 0.36 6.07 -10.44
C ARG A 74 -0.41 7.11 -9.63
N ILE A 75 0.22 7.59 -8.56
CA ILE A 75 -0.41 8.59 -7.70
C ILE A 75 -0.06 10.01 -8.17
N PHE A 76 -0.96 10.61 -8.94
CA PHE A 76 -0.74 11.97 -9.44
C PHE A 76 -0.83 12.99 -8.30
N GLU A 77 -0.41 14.21 -8.60
CA GLU A 77 -0.43 15.28 -7.60
C GLU A 77 -1.10 16.53 -8.17
N LYS A 78 -2.36 16.75 -7.79
CA LYS A 78 -3.10 17.91 -8.26
C LYS A 78 -3.76 18.64 -7.09
N ASP A 79 -3.63 19.97 -7.10
CA ASP A 79 -4.21 20.79 -6.03
C ASP A 79 -3.80 20.27 -4.66
N SER A 80 -2.64 19.64 -4.59
CA SER A 80 -2.13 19.09 -3.34
C SER A 80 -3.01 17.94 -2.86
N LYS A 81 -3.57 17.20 -3.80
CA LYS A 81 -4.43 16.06 -3.48
C LYS A 81 -4.10 14.85 -4.34
N PHE A 82 -3.61 13.79 -3.71
CA PHE A 82 -3.26 12.57 -4.44
C PHE A 82 -4.47 11.99 -5.15
N TYR A 83 -4.34 11.81 -6.46
CA TYR A 83 -5.43 11.27 -7.26
C TYR A 83 -4.91 10.26 -8.27
N LEU A 84 -5.76 9.29 -8.62
CA LEU A 84 -5.38 8.26 -9.58
C LEU A 84 -6.15 8.41 -10.89
N GLU A 85 -7.40 8.87 -10.78
CA GLU A 85 -8.24 9.07 -11.95
C GLU A 85 -8.18 10.52 -12.42
N GLY A 86 -8.41 11.45 -11.49
CA GLY A 86 -8.39 12.86 -11.82
C GLY A 86 -9.35 13.67 -10.96
N GLU A 87 -10.45 14.10 -11.57
CA GLU A 87 -11.45 14.90 -10.85
C GLU A 87 -11.56 14.45 -9.40
N VAL A 88 -11.34 13.16 -9.17
CA VAL A 88 -11.42 12.60 -7.82
C VAL A 88 -10.04 12.52 -7.17
N LEU A 89 -9.80 13.43 -6.22
CA LEU A 89 -8.52 13.46 -5.52
C LEU A 89 -8.71 13.28 -4.02
N PHE A 90 -7.60 13.28 -3.29
CA PHE A 90 -7.65 13.11 -1.83
C PHE A 90 -6.57 13.95 -1.16
N VAL A 91 -6.99 14.91 -0.35
CA VAL A 91 -6.06 15.78 0.36
C VAL A 91 -4.85 14.99 0.86
N SER A 92 -5.10 13.78 1.33
CA SER A 92 -4.03 12.93 1.84
C SER A 92 -4.31 11.46 1.53
N VAL A 93 -3.24 10.69 1.33
CA VAL A 93 -3.38 9.26 1.04
C VAL A 93 -4.34 8.59 2.00
N GLY A 94 -4.15 8.82 3.29
CA GLY A 94 -5.02 8.23 4.30
C GLY A 94 -6.47 8.19 3.86
N SER A 95 -7.05 9.37 3.64
CA SER A 95 -8.45 9.46 3.21
C SER A 95 -8.70 8.61 1.98
N MET A 96 -7.81 8.74 0.98
CA MET A 96 -7.94 7.97 -0.25
C MET A 96 -8.16 6.49 0.04
N VAL A 97 -7.28 5.92 0.86
CA VAL A 97 -7.38 4.51 1.22
C VAL A 97 -8.76 4.18 1.77
N GLU A 98 -9.22 4.99 2.73
CA GLU A 98 -10.52 4.77 3.35
C GLU A 98 -11.64 4.85 2.30
N HIS A 99 -11.41 5.65 1.26
CA HIS A 99 -12.39 5.80 0.19
C HIS A 99 -12.47 4.55 -0.67
N TYR A 100 -11.31 4.02 -1.05
CA TYR A 100 -11.25 2.82 -1.88
C TYR A 100 -11.81 1.61 -1.13
N HIS A 101 -11.62 1.61 0.19
CA HIS A 101 -12.11 0.52 1.03
C HIS A 101 -13.49 0.07 0.58
N THR A 102 -14.23 0.98 -0.06
CA THR A 102 -15.57 0.66 -0.54
C THR A 102 -15.65 0.78 -2.05
N HIS A 103 -14.75 1.56 -2.63
CA HIS A 103 -14.72 1.75 -4.08
C HIS A 103 -13.51 1.05 -4.70
N VAL A 104 -13.73 -0.17 -5.17
CA VAL A 104 -12.65 -0.94 -5.79
C VAL A 104 -11.82 -0.09 -6.74
N LEU A 105 -10.52 -0.36 -6.80
CA LEU A 105 -9.62 0.38 -7.66
C LEU A 105 -9.90 0.08 -9.13
N PRO A 106 -9.52 1.01 -10.02
CA PRO A 106 -9.71 0.85 -11.47
C PRO A 106 -8.80 -0.22 -12.05
N SER A 107 -9.15 -0.69 -13.25
CA SER A 107 -8.37 -1.72 -13.92
C SER A 107 -8.52 -3.07 -13.22
N HIS A 108 -9.64 -3.24 -12.53
CA HIS A 108 -9.92 -4.48 -11.82
C HIS A 108 -11.42 -4.68 -11.63
N GLN A 109 -11.78 -5.74 -10.90
CA GLN A 109 -13.18 -6.03 -10.64
C GLN A 109 -13.52 -5.84 -9.16
N SER A 110 -12.79 -6.55 -8.30
CA SER A 110 -13.01 -6.46 -6.86
C SER A 110 -11.69 -6.33 -6.12
N LEU A 111 -10.86 -5.40 -6.56
CA LEU A 111 -9.56 -5.17 -5.94
C LEU A 111 -9.62 -3.99 -4.98
N LEU A 112 -9.76 -4.28 -3.69
CA LEU A 112 -9.83 -3.24 -2.67
C LEU A 112 -8.63 -3.31 -1.73
N LEU A 113 -8.50 -2.32 -0.87
CA LEU A 113 -7.39 -2.27 0.08
C LEU A 113 -7.80 -2.88 1.42
N ARG A 114 -7.20 -4.01 1.75
CA ARG A 114 -7.50 -4.70 3.00
C ARG A 114 -6.39 -4.46 4.03
N HIS A 115 -5.18 -4.88 3.69
CA HIS A 115 -4.03 -4.71 4.58
C HIS A 115 -2.83 -4.15 3.82
N PRO A 116 -2.15 -3.18 4.44
CA PRO A 116 -0.98 -2.54 3.86
C PRO A 116 0.23 -3.46 3.78
N TYR A 117 1.31 -2.99 3.19
CA TYR A 117 2.53 -3.78 3.05
C TYR A 117 3.42 -3.61 4.27
N GLY A 118 4.22 -4.64 4.55
CA GLY A 118 5.12 -4.58 5.69
C GLY A 118 4.41 -4.82 7.00
N TYR A 119 3.29 -4.14 7.20
CA TYR A 119 2.52 -4.29 8.43
C TYR A 119 2.08 -5.74 8.63
N THR A 120 1.67 -6.05 9.85
CA THR A 120 1.22 -7.40 10.18
C THR A 120 -0.24 -7.41 10.64
N SER A 121 -1.03 -8.31 10.06
CA SER A 121 -2.44 -8.41 10.40
C SER A 121 -2.79 -9.84 10.83
N GLY A 122 -3.87 -9.98 11.59
CA GLY A 122 -4.30 -11.29 12.04
C GLY A 122 -4.57 -11.32 13.53
N PRO A 123 -5.67 -12.00 13.92
CA PRO A 123 -6.06 -12.12 15.33
C PRO A 123 -5.11 -13.01 16.12
N SER A 124 -4.25 -12.39 16.93
CA SER A 124 -3.29 -13.14 17.73
C SER A 124 -3.54 -12.91 19.22
N SER A 125 -3.44 -11.65 19.64
CA SER A 125 -3.65 -11.29 21.04
C SER A 125 -4.88 -10.41 21.19
N GLY A 126 -5.80 -10.82 22.07
CA GLY A 126 -7.01 -10.05 22.29
C GLY A 126 -7.69 -9.64 21.00
N GLY A 1 12.37 -4.78 17.83
CA GLY A 1 13.37 -4.73 18.88
C GLY A 1 14.52 -3.81 18.55
N SER A 2 14.21 -2.59 18.12
CA SER A 2 15.23 -1.61 17.77
C SER A 2 14.86 -0.22 18.27
N SER A 3 15.85 0.66 18.33
CA SER A 3 15.62 2.02 18.80
C SER A 3 16.15 3.04 17.80
N GLY A 4 15.27 3.95 17.37
CA GLY A 4 15.67 4.97 16.42
C GLY A 4 14.84 6.23 16.53
N SER A 5 15.03 7.15 15.59
CA SER A 5 14.29 8.41 15.60
C SER A 5 13.10 8.35 14.66
N SER A 6 13.37 8.15 13.37
CA SER A 6 12.31 8.07 12.38
C SER A 6 11.64 6.70 12.40
N GLY A 7 10.31 6.71 12.38
CA GLY A 7 9.56 5.46 12.40
C GLY A 7 8.47 5.46 13.46
N GLU A 8 7.55 6.43 13.36
CA GLU A 8 6.46 6.53 14.31
C GLU A 8 5.93 5.15 14.68
N ASP A 9 5.60 4.97 15.97
CA ASP A 9 5.08 3.70 16.44
C ASP A 9 3.68 3.87 17.03
N TYR A 10 2.68 3.79 16.17
CA TYR A 10 1.29 3.93 16.60
C TYR A 10 0.33 3.30 15.58
N GLU A 11 -0.80 2.82 16.08
CA GLU A 11 -1.80 2.19 15.22
C GLU A 11 -2.85 3.21 14.78
N LYS A 12 -2.86 4.36 15.44
CA LYS A 12 -3.82 5.42 15.10
C LYS A 12 -3.30 6.26 13.94
N VAL A 13 -2.39 5.70 13.16
CA VAL A 13 -1.83 6.40 12.01
C VAL A 13 -2.55 6.00 10.71
N PRO A 14 -2.79 6.99 9.84
CA PRO A 14 -3.46 6.77 8.56
C PRO A 14 -2.60 5.99 7.58
N LEU A 15 -1.37 6.44 7.37
CA LEU A 15 -0.45 5.78 6.46
C LEU A 15 0.88 5.49 7.14
N PRO A 16 1.12 4.20 7.44
CA PRO A 16 2.36 3.77 8.11
C PRO A 16 3.58 3.89 7.19
N ASN A 17 4.76 3.63 7.75
CA ASN A 17 5.99 3.71 6.98
C ASN A 17 6.30 2.38 6.30
N SER A 18 5.54 1.34 6.67
CA SER A 18 5.73 0.02 6.10
C SER A 18 5.35 0.01 4.63
N VAL A 19 4.32 0.76 4.28
CA VAL A 19 3.87 0.84 2.88
C VAL A 19 4.91 1.52 2.01
N PHE A 20 5.38 2.67 2.45
CA PHE A 20 6.37 3.44 1.70
C PHE A 20 7.71 2.71 1.68
N VAL A 21 8.04 2.11 0.55
CA VAL A 21 9.30 1.39 0.39
C VAL A 21 10.31 2.20 -0.39
N ASN A 22 11.60 1.99 -0.08
CA ASN A 22 12.68 2.71 -0.76
C ASN A 22 13.08 2.00 -2.05
N THR A 23 12.12 1.30 -2.66
CA THR A 23 12.37 0.57 -3.90
C THR A 23 11.69 1.26 -5.08
N THR A 24 12.46 1.48 -6.14
CA THR A 24 11.93 2.13 -7.34
C THR A 24 11.72 1.12 -8.46
N GLU A 25 11.41 -0.12 -8.09
CA GLU A 25 11.18 -1.18 -9.07
C GLU A 25 9.88 -1.92 -8.78
N SER A 26 9.45 -2.74 -9.73
CA SER A 26 8.22 -3.49 -9.59
C SER A 26 8.51 -4.95 -9.24
N CYS A 27 9.47 -5.54 -9.95
CA CYS A 27 9.85 -6.93 -9.72
C CYS A 27 10.16 -7.17 -8.24
N GLU A 28 10.82 -6.20 -7.62
CA GLU A 28 11.18 -6.31 -6.21
C GLU A 28 9.94 -6.36 -5.33
N VAL A 29 9.13 -5.30 -5.40
CA VAL A 29 7.91 -5.22 -4.62
C VAL A 29 7.19 -6.57 -4.57
N GLU A 30 6.98 -7.16 -5.74
CA GLU A 30 6.31 -8.45 -5.82
C GLU A 30 7.00 -9.49 -4.95
N ARG A 31 8.32 -9.42 -4.90
CA ARG A 31 9.11 -10.35 -4.10
C ARG A 31 8.95 -10.06 -2.61
N LEU A 32 9.04 -8.79 -2.24
CA LEU A 32 8.90 -8.38 -0.85
C LEU A 32 7.60 -8.92 -0.26
N PHE A 33 6.49 -8.60 -0.90
CA PHE A 33 5.18 -9.06 -0.43
C PHE A 33 5.23 -10.51 0.01
N LYS A 34 5.45 -11.41 -0.95
CA LYS A 34 5.52 -12.83 -0.67
C LYS A 34 6.58 -13.13 0.38
N ALA A 35 7.43 -12.14 0.64
CA ALA A 35 8.50 -12.29 1.62
C ALA A 35 7.99 -11.98 3.03
N THR A 36 7.53 -10.75 3.23
CA THR A 36 7.01 -10.33 4.53
C THR A 36 5.99 -11.32 5.07
N SER A 37 5.29 -11.99 4.16
CA SER A 37 4.28 -12.96 4.54
C SER A 37 4.92 -14.14 5.27
N PRO A 38 4.27 -14.59 6.36
CA PRO A 38 4.75 -15.72 7.17
C PRO A 38 4.63 -17.05 6.44
N ARG A 39 3.55 -17.20 5.67
CA ARG A 39 3.32 -18.42 4.92
C ARG A 39 3.94 -18.34 3.52
N GLY A 40 4.62 -17.23 3.26
CA GLY A 40 5.26 -17.05 1.97
C GLY A 40 4.32 -16.49 0.92
N GLU A 41 3.03 -16.39 1.28
CA GLU A 41 2.02 -15.87 0.37
C GLU A 41 1.35 -14.63 0.94
N PRO A 42 1.26 -13.57 0.12
CA PRO A 42 0.64 -12.30 0.53
C PRO A 42 -0.86 -12.42 0.69
N GLN A 43 -1.44 -11.55 1.52
CA GLN A 43 -2.87 -11.56 1.77
C GLN A 43 -3.59 -10.62 0.81
N ASP A 44 -4.73 -11.08 0.28
CA ASP A 44 -5.51 -10.27 -0.65
C ASP A 44 -5.69 -8.85 -0.13
N GLY A 45 -5.35 -7.87 -0.95
CA GLY A 45 -5.48 -6.48 -0.55
C GLY A 45 -4.14 -5.84 -0.22
N LEU A 46 -3.12 -6.68 -0.04
CA LEU A 46 -1.79 -6.19 0.28
C LEU A 46 -1.37 -5.05 -0.64
N TYR A 47 -1.44 -3.83 -0.14
CA TYR A 47 -1.07 -2.66 -0.92
C TYR A 47 0.13 -1.94 -0.30
N CYS A 48 0.81 -1.14 -1.12
CA CYS A 48 1.98 -0.40 -0.65
C CYS A 48 2.24 0.82 -1.53
N ILE A 49 3.33 1.52 -1.26
CA ILE A 49 3.69 2.71 -2.03
C ILE A 49 5.18 2.73 -2.32
N ARG A 50 5.53 2.48 -3.59
CA ARG A 50 6.93 2.48 -4.00
C ARG A 50 7.29 3.79 -4.70
N ASN A 51 8.58 4.03 -4.85
CA ASN A 51 9.06 5.25 -5.50
C ASN A 51 9.10 5.07 -7.02
N SER A 52 8.88 6.16 -7.75
CA SER A 52 8.89 6.13 -9.20
C SER A 52 10.25 6.57 -9.74
N SER A 53 10.45 6.37 -11.03
CA SER A 53 11.71 6.74 -11.68
C SER A 53 12.11 8.17 -11.31
N THR A 54 11.12 8.95 -10.87
CA THR A 54 11.37 10.34 -10.48
C THR A 54 11.33 10.51 -8.97
N LYS A 55 12.25 11.32 -8.45
CA LYS A 55 12.32 11.56 -7.01
C LYS A 55 10.99 12.14 -6.49
N SER A 56 10.34 12.93 -7.31
CA SER A 56 9.07 13.54 -6.94
C SER A 56 7.90 12.77 -7.54
N GLY A 57 7.32 11.87 -6.74
CA GLY A 57 6.20 11.08 -7.22
C GLY A 57 6.14 9.71 -6.56
N LYS A 58 4.94 9.13 -6.53
CA LYS A 58 4.75 7.81 -5.93
C LYS A 58 3.81 6.96 -6.77
N VAL A 59 3.83 5.66 -6.53
CA VAL A 59 2.98 4.73 -7.26
C VAL A 59 2.40 3.66 -6.34
N LEU A 60 1.09 3.72 -6.13
CA LEU A 60 0.42 2.75 -5.27
C LEU A 60 0.32 1.39 -5.94
N VAL A 61 0.96 0.39 -5.34
CA VAL A 61 0.94 -0.96 -5.89
C VAL A 61 0.15 -1.91 -4.99
N VAL A 62 -0.95 -2.43 -5.51
CA VAL A 62 -1.79 -3.36 -4.76
C VAL A 62 -1.62 -4.78 -5.25
N TRP A 63 -1.77 -5.73 -4.33
CA TRP A 63 -1.63 -7.15 -4.67
C TRP A 63 -2.97 -7.75 -5.05
N ASP A 64 -2.97 -8.60 -6.08
CA ASP A 64 -4.20 -9.24 -6.54
C ASP A 64 -4.18 -10.73 -6.21
N GLU A 65 -4.98 -11.12 -5.22
CA GLU A 65 -5.06 -12.51 -4.80
C GLU A 65 -5.85 -13.34 -5.81
N THR A 66 -6.85 -12.73 -6.42
CA THR A 66 -7.69 -13.40 -7.40
C THR A 66 -6.91 -13.67 -8.68
N SER A 67 -6.06 -12.72 -9.06
CA SER A 67 -5.26 -12.84 -10.26
C SER A 67 -3.84 -13.28 -9.95
N ASN A 68 -3.44 -13.09 -8.69
CA ASN A 68 -2.10 -13.46 -8.24
C ASN A 68 -1.04 -12.58 -8.92
N LYS A 69 -1.30 -11.28 -8.96
CA LYS A 69 -0.37 -10.34 -9.58
C LYS A 69 -0.50 -8.96 -8.94
N VAL A 70 0.54 -8.16 -9.05
CA VAL A 70 0.55 -6.82 -8.49
C VAL A 70 0.15 -5.78 -9.54
N ARG A 71 -0.43 -4.67 -9.08
CA ARG A 71 -0.86 -3.62 -9.97
C ARG A 71 -0.06 -2.34 -9.72
N ASN A 72 -0.19 -1.37 -10.63
CA ASN A 72 0.52 -0.10 -10.51
C ASN A 72 -0.45 1.08 -10.62
N TYR A 73 -0.56 1.83 -9.53
CA TYR A 73 -1.45 3.00 -9.50
C TYR A 73 -0.65 4.28 -9.33
N ARG A 74 -0.37 4.95 -10.45
CA ARG A 74 0.38 6.20 -10.42
C ARG A 74 -0.31 7.23 -9.53
N ILE A 75 0.41 7.68 -8.51
CA ILE A 75 -0.12 8.66 -7.58
C ILE A 75 0.21 10.09 -8.02
N PHE A 76 -0.71 10.68 -8.79
CA PHE A 76 -0.51 12.03 -9.28
C PHE A 76 -0.68 13.06 -8.15
N GLU A 77 -0.32 14.31 -8.44
CA GLU A 77 -0.42 15.37 -7.46
C GLU A 77 -1.13 16.59 -8.04
N LYS A 78 -2.44 16.68 -7.82
CA LYS A 78 -3.23 17.79 -8.33
C LYS A 78 -3.98 18.47 -7.19
N ASP A 79 -4.05 19.81 -7.25
CA ASP A 79 -4.74 20.58 -6.24
C ASP A 79 -4.31 20.15 -4.83
N SER A 80 -3.09 19.62 -4.73
CA SER A 80 -2.57 19.16 -3.45
C SER A 80 -3.37 17.97 -2.93
N LYS A 81 -3.80 17.12 -3.84
CA LYS A 81 -4.58 15.93 -3.47
C LYS A 81 -4.19 14.74 -4.34
N PHE A 82 -3.68 13.70 -3.70
CA PHE A 82 -3.27 12.48 -4.42
C PHE A 82 -4.45 11.84 -5.13
N TYR A 83 -4.32 11.66 -6.43
CA TYR A 83 -5.38 11.06 -7.23
C TYR A 83 -4.81 10.05 -8.22
N LEU A 84 -5.61 9.04 -8.56
CA LEU A 84 -5.19 8.01 -9.50
C LEU A 84 -5.95 8.12 -10.82
N GLU A 85 -7.22 8.53 -10.72
CA GLU A 85 -8.06 8.68 -11.91
C GLU A 85 -8.05 10.12 -12.41
N GLY A 86 -8.33 11.04 -11.50
CA GLY A 86 -8.34 12.45 -11.86
C GLY A 86 -9.34 13.26 -11.04
N GLU A 87 -10.46 13.61 -11.64
CA GLU A 87 -11.49 14.38 -10.97
C GLU A 87 -11.57 14.00 -9.49
N VAL A 88 -11.40 12.71 -9.21
CA VAL A 88 -11.45 12.21 -7.85
C VAL A 88 -10.08 12.22 -7.20
N LEU A 89 -9.88 13.14 -6.25
CA LEU A 89 -8.62 13.26 -5.55
C LEU A 89 -8.80 13.12 -4.04
N PHE A 90 -7.69 13.17 -3.32
CA PHE A 90 -7.74 13.04 -1.86
C PHE A 90 -6.66 13.90 -1.20
N VAL A 91 -7.08 14.91 -0.46
CA VAL A 91 -6.15 15.80 0.22
C VAL A 91 -4.92 15.05 0.70
N SER A 92 -5.11 13.79 1.08
CA SER A 92 -4.01 12.97 1.57
C SER A 92 -4.25 11.50 1.23
N VAL A 93 -3.18 10.71 1.28
CA VAL A 93 -3.27 9.28 0.98
C VAL A 93 -4.28 8.58 1.88
N GLY A 94 -4.27 8.96 3.16
CA GLY A 94 -5.20 8.37 4.10
C GLY A 94 -6.63 8.34 3.59
N SER A 95 -7.18 9.52 3.34
CA SER A 95 -8.55 9.63 2.85
C SER A 95 -8.79 8.68 1.67
N MET A 96 -7.93 8.79 0.66
CA MET A 96 -8.05 7.94 -0.52
C MET A 96 -8.21 6.48 -0.13
N VAL A 97 -7.32 5.99 0.73
CA VAL A 97 -7.36 4.61 1.18
C VAL A 97 -8.74 4.26 1.75
N GLU A 98 -9.24 5.13 2.64
CA GLU A 98 -10.54 4.92 3.26
C GLU A 98 -11.65 4.89 2.21
N HIS A 99 -11.48 5.70 1.16
CA HIS A 99 -12.47 5.77 0.09
C HIS A 99 -12.49 4.46 -0.70
N TYR A 100 -11.31 3.96 -1.05
CA TYR A 100 -11.20 2.73 -1.81
C TYR A 100 -11.73 1.54 -1.02
N HIS A 101 -11.49 1.56 0.29
CA HIS A 101 -11.95 0.49 1.17
C HIS A 101 -13.36 0.04 0.78
N THR A 102 -14.12 0.94 0.17
CA THR A 102 -15.48 0.65 -0.25
C THR A 102 -15.62 0.71 -1.77
N HIS A 103 -14.72 1.44 -2.40
CA HIS A 103 -14.75 1.58 -3.86
C HIS A 103 -13.51 0.94 -4.49
N VAL A 104 -13.69 -0.24 -5.06
CA VAL A 104 -12.60 -0.96 -5.69
C VAL A 104 -11.72 -0.02 -6.51
N LEU A 105 -10.47 -0.41 -6.71
CA LEU A 105 -9.53 0.40 -7.49
C LEU A 105 -9.75 0.21 -8.98
N PRO A 106 -9.32 1.21 -9.77
CA PRO A 106 -9.45 1.17 -11.23
C PRO A 106 -8.53 0.15 -11.87
N SER A 107 -8.89 -0.30 -13.06
CA SER A 107 -8.08 -1.30 -13.78
C SER A 107 -8.25 -2.68 -13.17
N HIS A 108 -9.38 -2.90 -12.51
CA HIS A 108 -9.66 -4.18 -11.87
C HIS A 108 -11.17 -4.34 -11.62
N GLN A 109 -11.53 -5.43 -10.96
CA GLN A 109 -12.93 -5.70 -10.64
C GLN A 109 -13.11 -6.03 -9.16
N SER A 110 -12.24 -6.90 -8.65
CA SER A 110 -12.31 -7.29 -7.25
C SER A 110 -10.96 -7.08 -6.56
N LEU A 111 -10.45 -5.86 -6.64
CA LEU A 111 -9.17 -5.52 -6.02
C LEU A 111 -9.31 -4.29 -5.14
N LEU A 112 -9.57 -4.51 -3.85
CA LEU A 112 -9.73 -3.43 -2.90
C LEU A 112 -8.51 -3.33 -1.98
N LEU A 113 -8.58 -2.43 -1.01
CA LEU A 113 -7.49 -2.24 -0.06
C LEU A 113 -7.87 -2.78 1.32
N ARG A 114 -7.32 -3.93 1.68
CA ARG A 114 -7.61 -4.55 2.97
C ARG A 114 -6.52 -4.21 3.98
N HIS A 115 -5.30 -4.67 3.70
CA HIS A 115 -4.17 -4.41 4.59
C HIS A 115 -2.97 -3.91 3.80
N PRO A 116 -2.24 -2.93 4.37
CA PRO A 116 -1.05 -2.35 3.74
C PRO A 116 0.12 -3.33 3.70
N TYR A 117 1.22 -2.88 3.10
CA TYR A 117 2.41 -3.72 2.99
C TYR A 117 3.27 -3.62 4.24
N GLY A 118 3.97 -4.69 4.57
CA GLY A 118 4.83 -4.70 5.74
C GLY A 118 4.04 -4.83 7.03
N TYR A 119 2.98 -4.02 7.16
CA TYR A 119 2.15 -4.05 8.35
C TYR A 119 1.70 -5.47 8.68
N THR A 120 1.02 -5.62 9.81
CA THR A 120 0.53 -6.92 10.24
C THR A 120 -0.84 -6.82 10.90
N SER A 121 -1.74 -7.72 10.52
CA SER A 121 -3.09 -7.72 11.07
C SER A 121 -3.53 -9.14 11.42
N GLY A 122 -4.57 -9.24 12.24
CA GLY A 122 -5.07 -10.54 12.64
C GLY A 122 -6.16 -11.05 11.72
N PRO A 123 -6.92 -12.06 12.18
CA PRO A 123 -8.00 -12.66 11.39
C PRO A 123 -9.19 -11.71 11.23
N SER A 124 -9.56 -11.45 9.99
CA SER A 124 -10.68 -10.57 9.69
C SER A 124 -11.93 -10.98 10.46
N SER A 125 -12.38 -10.12 11.36
CA SER A 125 -13.57 -10.40 12.17
C SER A 125 -14.83 -10.40 11.31
N GLY A 126 -15.02 -9.32 10.56
CA GLY A 126 -16.19 -9.21 9.70
C GLY A 126 -15.82 -9.25 8.23
N GLY A 1 20.47 -7.20 30.52
CA GLY A 1 19.67 -5.99 30.48
C GLY A 1 18.52 -6.08 29.49
N SER A 2 17.65 -5.07 29.51
CA SER A 2 16.50 -5.04 28.61
C SER A 2 16.85 -4.32 27.32
N SER A 3 16.46 -4.92 26.19
CA SER A 3 16.73 -4.32 24.88
C SER A 3 15.67 -3.29 24.53
N GLY A 4 15.94 -2.03 24.86
CA GLY A 4 15.00 -0.97 24.56
C GLY A 4 13.69 -1.13 25.31
N SER A 5 13.53 -0.38 26.39
CA SER A 5 12.32 -0.44 27.20
C SER A 5 11.21 0.41 26.59
N SER A 6 11.55 1.65 26.25
CA SER A 6 10.59 2.57 25.66
C SER A 6 9.80 1.89 24.55
N GLY A 7 8.76 2.57 24.07
CA GLY A 7 7.93 2.02 23.01
C GLY A 7 6.96 3.04 22.44
N GLU A 8 6.78 3.00 21.13
CA GLU A 8 5.87 3.93 20.47
C GLU A 8 4.63 3.20 19.94
N ASP A 9 3.47 3.80 20.13
CA ASP A 9 2.22 3.21 19.67
C ASP A 9 1.66 3.97 18.48
N TYR A 10 2.44 4.05 17.41
CA TYR A 10 2.04 4.76 16.20
C TYR A 10 1.36 3.80 15.21
N GLU A 11 0.54 2.90 15.74
CA GLU A 11 -0.16 1.93 14.90
C GLU A 11 -1.46 2.51 14.37
N LYS A 12 -2.01 3.50 15.08
CA LYS A 12 -3.24 4.14 14.67
C LYS A 12 -2.99 5.12 13.53
N VAL A 13 -1.74 5.22 13.11
CA VAL A 13 -1.37 6.12 12.01
C VAL A 13 -2.09 5.73 10.72
N PRO A 14 -2.41 6.75 9.90
CA PRO A 14 -3.10 6.54 8.63
C PRO A 14 -2.21 5.85 7.59
N LEU A 15 -1.01 6.39 7.39
CA LEU A 15 -0.07 5.84 6.42
C LEU A 15 1.28 5.57 7.08
N PRO A 16 1.50 4.33 7.51
CA PRO A 16 2.75 3.92 8.17
C PRO A 16 3.92 3.89 7.19
N ASN A 17 5.08 4.35 7.65
CA ASN A 17 6.28 4.38 6.82
C ASN A 17 6.64 2.98 6.35
N SER A 18 6.02 1.98 6.95
CA SER A 18 6.28 0.59 6.59
C SER A 18 5.93 0.34 5.13
N VAL A 19 4.76 0.79 4.72
CA VAL A 19 4.30 0.62 3.33
C VAL A 19 5.22 1.35 2.36
N PHE A 20 5.76 2.48 2.80
CA PHE A 20 6.66 3.26 1.96
C PHE A 20 8.02 2.60 1.85
N VAL A 21 8.24 1.89 0.74
CA VAL A 21 9.50 1.20 0.51
C VAL A 21 10.48 2.08 -0.26
N ASN A 22 11.77 1.89 -0.01
CA ASN A 22 12.80 2.67 -0.68
C ASN A 22 13.22 2.01 -1.99
N THR A 23 12.28 1.32 -2.63
CA THR A 23 12.55 0.64 -3.89
C THR A 23 11.83 1.32 -5.05
N THR A 24 12.41 1.23 -6.24
CA THR A 24 11.82 1.83 -7.43
C THR A 24 11.59 0.78 -8.52
N GLU A 25 11.37 -0.46 -8.10
CA GLU A 25 11.14 -1.54 -9.05
C GLU A 25 9.99 -2.43 -8.58
N SER A 26 9.21 -2.93 -9.54
CA SER A 26 8.08 -3.80 -9.22
C SER A 26 8.54 -5.24 -8.97
N CYS A 27 9.55 -5.66 -9.73
CA CYS A 27 10.08 -7.01 -9.61
C CYS A 27 10.55 -7.28 -8.18
N GLU A 28 10.74 -6.21 -7.42
CA GLU A 28 11.19 -6.32 -6.03
C GLU A 28 9.99 -6.37 -5.08
N VAL A 29 9.13 -5.36 -5.17
CA VAL A 29 7.95 -5.29 -4.31
C VAL A 29 7.22 -6.63 -4.26
N GLU A 30 6.95 -7.19 -5.44
CA GLU A 30 6.25 -8.46 -5.54
C GLU A 30 6.94 -9.52 -4.68
N ARG A 31 8.26 -9.53 -4.72
CA ARG A 31 9.04 -10.50 -3.95
C ARG A 31 8.93 -10.22 -2.46
N LEU A 32 9.06 -8.94 -2.09
CA LEU A 32 8.98 -8.55 -0.69
C LEU A 32 7.68 -9.05 -0.06
N PHE A 33 6.56 -8.75 -0.71
CA PHE A 33 5.25 -9.17 -0.21
C PHE A 33 5.27 -10.64 0.21
N LYS A 34 5.56 -11.51 -0.74
CA LYS A 34 5.62 -12.95 -0.47
C LYS A 34 6.65 -13.25 0.60
N ALA A 35 7.74 -12.50 0.60
CA ALA A 35 8.81 -12.69 1.58
C ALA A 35 8.31 -12.43 2.99
N THR A 36 7.45 -11.42 3.14
CA THR A 36 6.90 -11.07 4.43
C THR A 36 5.60 -11.82 4.71
N SER A 37 5.45 -12.97 4.06
CA SER A 37 4.25 -13.78 4.23
C SER A 37 4.58 -15.10 4.94
N PRO A 38 3.61 -15.59 5.74
CA PRO A 38 3.78 -16.84 6.49
C PRO A 38 3.79 -18.06 5.57
N ARG A 39 2.85 -18.11 4.64
CA ARG A 39 2.76 -19.22 3.71
C ARG A 39 3.45 -18.90 2.38
N GLY A 40 4.49 -18.06 2.45
CA GLY A 40 5.20 -17.68 1.26
C GLY A 40 4.33 -16.98 0.24
N GLU A 41 3.17 -16.51 0.69
CA GLU A 41 2.23 -15.83 -0.18
C GLU A 41 1.50 -14.70 0.56
N PRO A 42 1.39 -13.53 -0.09
CA PRO A 42 0.72 -12.37 0.49
C PRO A 42 -0.78 -12.56 0.60
N GLN A 43 -1.43 -11.70 1.39
CA GLN A 43 -2.87 -11.78 1.58
C GLN A 43 -3.60 -10.82 0.64
N ASP A 44 -4.70 -11.28 0.07
CA ASP A 44 -5.49 -10.47 -0.84
C ASP A 44 -5.75 -9.08 -0.26
N GLY A 45 -5.30 -8.05 -0.96
CA GLY A 45 -5.48 -6.69 -0.50
C GLY A 45 -4.17 -6.02 -0.11
N LEU A 46 -3.11 -6.81 -0.02
CA LEU A 46 -1.80 -6.29 0.35
C LEU A 46 -1.41 -5.11 -0.54
N TYR A 47 -1.43 -3.92 0.03
CA TYR A 47 -1.08 -2.71 -0.71
C TYR A 47 0.14 -2.03 -0.10
N CYS A 48 0.77 -1.15 -0.88
CA CYS A 48 1.94 -0.43 -0.41
C CYS A 48 2.20 0.81 -1.28
N ILE A 49 3.31 1.48 -1.00
CA ILE A 49 3.68 2.68 -1.76
C ILE A 49 5.17 2.71 -2.06
N ARG A 50 5.53 2.56 -3.33
CA ARG A 50 6.91 2.57 -3.75
C ARG A 50 7.21 3.76 -4.65
N ASN A 51 8.48 3.94 -5.01
CA ASN A 51 8.89 5.03 -5.88
C ASN A 51 8.80 4.63 -7.35
N SER A 52 8.33 5.55 -8.18
CA SER A 52 8.20 5.30 -9.61
C SER A 52 9.51 5.57 -10.33
N SER A 53 10.02 6.79 -10.20
CA SER A 53 11.27 7.18 -10.84
C SER A 53 11.81 8.48 -10.23
N THR A 54 13.08 8.75 -10.48
CA THR A 54 13.73 9.95 -9.96
C THR A 54 12.93 11.19 -10.31
N LYS A 55 12.22 11.14 -11.43
CA LYS A 55 11.41 12.27 -11.88
C LYS A 55 9.94 12.04 -11.58
N SER A 56 9.44 10.86 -11.94
CA SER A 56 8.04 10.52 -11.72
C SER A 56 7.68 10.68 -10.24
N GLY A 57 6.45 10.30 -9.89
CA GLY A 57 6.01 10.40 -8.52
C GLY A 57 5.79 9.05 -7.87
N LYS A 58 4.83 8.97 -6.95
CA LYS A 58 4.53 7.73 -6.26
C LYS A 58 3.47 6.93 -7.01
N VAL A 59 3.44 5.62 -6.77
CA VAL A 59 2.47 4.75 -7.42
C VAL A 59 1.95 3.69 -6.45
N LEU A 60 0.67 3.80 -6.10
CA LEU A 60 0.06 2.84 -5.19
C LEU A 60 0.12 1.43 -5.75
N VAL A 61 0.90 0.56 -5.10
CA VAL A 61 1.04 -0.82 -5.53
C VAL A 61 0.18 -1.75 -4.68
N VAL A 62 -0.74 -2.45 -5.32
CA VAL A 62 -1.63 -3.39 -4.64
C VAL A 62 -1.45 -4.81 -5.16
N TRP A 63 -1.65 -5.77 -4.28
CA TRP A 63 -1.51 -7.18 -4.66
C TRP A 63 -2.85 -7.76 -5.07
N ASP A 64 -2.87 -8.52 -6.16
CA ASP A 64 -4.08 -9.14 -6.66
C ASP A 64 -4.08 -10.64 -6.38
N GLU A 65 -4.87 -11.05 -5.40
CA GLU A 65 -4.97 -12.46 -5.03
C GLU A 65 -5.78 -13.24 -6.07
N THR A 66 -6.77 -12.58 -6.65
CA THR A 66 -7.63 -13.20 -7.64
C THR A 66 -6.87 -13.45 -8.94
N SER A 67 -5.97 -12.52 -9.28
CA SER A 67 -5.18 -12.63 -10.50
C SER A 67 -3.76 -13.11 -10.18
N ASN A 68 -3.37 -12.99 -8.91
CA ASN A 68 -2.05 -13.40 -8.48
C ASN A 68 -0.96 -12.54 -9.13
N LYS A 69 -1.20 -11.23 -9.15
CA LYS A 69 -0.25 -10.28 -9.74
C LYS A 69 -0.35 -8.92 -9.07
N VAL A 70 0.71 -8.13 -9.19
CA VAL A 70 0.75 -6.80 -8.59
C VAL A 70 0.28 -5.74 -9.57
N ARG A 71 -0.27 -4.65 -9.05
CA ARG A 71 -0.76 -3.57 -9.89
C ARG A 71 -0.01 -2.27 -9.58
N ASN A 72 -0.03 -1.35 -10.53
CA ASN A 72 0.65 -0.07 -10.38
C ASN A 72 -0.33 1.09 -10.58
N TYR A 73 -0.68 1.75 -9.49
CA TYR A 73 -1.60 2.88 -9.54
C TYR A 73 -0.88 4.19 -9.26
N ARG A 74 -0.39 4.84 -10.31
CA ARG A 74 0.32 6.10 -10.18
C ARG A 74 -0.53 7.13 -9.45
N ILE A 75 0.09 7.90 -8.57
CA ILE A 75 -0.61 8.92 -7.81
C ILE A 75 -0.16 10.32 -8.23
N PHE A 76 -1.08 11.10 -8.79
CA PHE A 76 -0.77 12.45 -9.22
C PHE A 76 -1.06 13.46 -8.11
N GLU A 77 -0.37 14.60 -8.14
CA GLU A 77 -0.56 15.64 -7.14
C GLU A 77 -1.19 16.88 -7.76
N LYS A 78 -2.50 17.01 -7.59
CA LYS A 78 -3.24 18.15 -8.13
C LYS A 78 -4.02 18.86 -7.03
N ASP A 79 -3.90 20.18 -6.98
CA ASP A 79 -4.61 20.98 -5.98
C ASP A 79 -4.27 20.49 -4.57
N SER A 80 -3.05 20.02 -4.38
CA SER A 80 -2.62 19.52 -3.08
C SER A 80 -3.43 18.31 -2.67
N LYS A 81 -3.92 17.56 -3.66
CA LYS A 81 -4.72 16.37 -3.40
C LYS A 81 -4.29 15.22 -4.29
N PHE A 82 -4.12 14.04 -3.69
CA PHE A 82 -3.70 12.86 -4.44
C PHE A 82 -4.88 12.26 -5.21
N TYR A 83 -4.68 12.00 -6.49
CA TYR A 83 -5.73 11.43 -7.34
C TYR A 83 -5.14 10.45 -8.34
N LEU A 84 -5.98 9.57 -8.87
CA LEU A 84 -5.55 8.58 -9.84
C LEU A 84 -6.28 8.75 -11.17
N GLU A 85 -7.51 9.25 -11.09
CA GLU A 85 -8.32 9.48 -12.29
C GLU A 85 -8.09 10.88 -12.85
N GLY A 86 -8.55 11.88 -12.12
CA GLY A 86 -8.39 13.26 -12.55
C GLY A 86 -9.37 14.20 -11.89
N GLU A 87 -10.53 13.67 -11.53
CA GLU A 87 -11.57 14.48 -10.88
C GLU A 87 -11.76 14.05 -9.42
N VAL A 88 -11.30 12.85 -9.11
CA VAL A 88 -11.41 12.32 -7.74
C VAL A 88 -10.06 12.31 -7.04
N LEU A 89 -9.83 13.31 -6.20
CA LEU A 89 -8.58 13.41 -5.46
C LEU A 89 -8.81 13.29 -3.96
N PHE A 90 -7.74 13.38 -3.19
CA PHE A 90 -7.83 13.29 -1.73
C PHE A 90 -6.78 14.17 -1.06
N VAL A 91 -7.23 15.11 -0.25
CA VAL A 91 -6.33 16.02 0.45
C VAL A 91 -5.12 15.28 1.00
N SER A 92 -5.28 13.97 1.21
CA SER A 92 -4.20 13.14 1.73
C SER A 92 -4.42 11.68 1.38
N VAL A 93 -3.32 10.95 1.20
CA VAL A 93 -3.39 9.53 0.87
C VAL A 93 -4.33 8.78 1.81
N GLY A 94 -4.20 9.06 3.10
CA GLY A 94 -5.04 8.41 4.08
C GLY A 94 -6.49 8.35 3.67
N SER A 95 -7.09 9.52 3.45
CA SER A 95 -8.49 9.60 3.05
C SER A 95 -8.75 8.72 1.83
N MET A 96 -7.87 8.82 0.83
CA MET A 96 -8.01 8.03 -0.38
C MET A 96 -8.18 6.55 -0.05
N VAL A 97 -7.29 6.02 0.78
CA VAL A 97 -7.34 4.62 1.18
C VAL A 97 -8.70 4.25 1.74
N GLU A 98 -9.20 5.08 2.65
CA GLU A 98 -10.50 4.84 3.27
C GLU A 98 -11.62 4.91 2.22
N HIS A 99 -11.42 5.73 1.20
CA HIS A 99 -12.40 5.89 0.13
C HIS A 99 -12.47 4.64 -0.73
N TYR A 100 -11.30 4.14 -1.13
CA TYR A 100 -11.22 2.95 -1.97
C TYR A 100 -11.77 1.72 -1.22
N HIS A 101 -11.54 1.69 0.09
CA HIS A 101 -12.00 0.58 0.91
C HIS A 101 -13.38 0.09 0.45
N THR A 102 -14.15 1.00 -0.15
CA THR A 102 -15.48 0.66 -0.63
C THR A 102 -15.54 0.74 -2.15
N HIS A 103 -14.72 1.60 -2.73
CA HIS A 103 -14.68 1.76 -4.18
C HIS A 103 -13.48 1.03 -4.78
N VAL A 104 -13.69 -0.21 -5.19
CA VAL A 104 -12.62 -1.01 -5.78
C VAL A 104 -11.78 -0.19 -6.74
N LEU A 105 -10.48 -0.44 -6.75
CA LEU A 105 -9.57 0.28 -7.64
C LEU A 105 -9.84 -0.07 -9.10
N PRO A 106 -9.43 0.82 -10.02
CA PRO A 106 -9.61 0.62 -11.45
C PRO A 106 -8.71 -0.50 -12.00
N SER A 107 -8.98 -0.91 -13.23
CA SER A 107 -8.21 -1.98 -13.86
C SER A 107 -8.38 -3.29 -13.12
N HIS A 108 -9.50 -3.43 -12.42
CA HIS A 108 -9.79 -4.64 -11.66
C HIS A 108 -11.28 -4.81 -11.45
N GLN A 109 -11.68 -5.90 -10.80
CA GLN A 109 -13.08 -6.18 -10.53
C GLN A 109 -13.41 -5.96 -9.06
N SER A 110 -12.69 -6.65 -8.19
CA SER A 110 -12.91 -6.54 -6.75
C SER A 110 -11.59 -6.42 -6.01
N LEU A 111 -10.77 -5.45 -6.42
CA LEU A 111 -9.47 -5.23 -5.79
C LEU A 111 -9.51 -4.04 -4.84
N LEU A 112 -9.71 -4.31 -3.56
CA LEU A 112 -9.77 -3.27 -2.55
C LEU A 112 -8.58 -3.36 -1.60
N LEU A 113 -8.39 -2.30 -0.80
CA LEU A 113 -7.29 -2.25 0.15
C LEU A 113 -7.71 -2.84 1.50
N ARG A 114 -7.19 -4.01 1.82
CA ARG A 114 -7.52 -4.66 3.09
C ARG A 114 -6.44 -4.41 4.13
N HIS A 115 -5.20 -4.81 3.80
CA HIS A 115 -4.08 -4.63 4.71
C HIS A 115 -2.87 -4.06 3.98
N PRO A 116 -2.24 -3.04 4.58
CA PRO A 116 -1.06 -2.38 3.99
C PRO A 116 0.17 -3.28 4.01
N TYR A 117 1.23 -2.84 3.34
CA TYR A 117 2.47 -3.61 3.28
C TYR A 117 3.36 -3.29 4.47
N GLY A 118 4.15 -4.28 4.89
CA GLY A 118 5.05 -4.08 6.02
C GLY A 118 4.33 -4.16 7.35
N TYR A 119 3.20 -3.47 7.45
CA TYR A 119 2.42 -3.46 8.68
C TYR A 119 2.21 -4.87 9.21
N THR A 120 1.77 -4.98 10.46
CA THR A 120 1.53 -6.28 11.07
C THR A 120 0.20 -6.29 11.83
N SER A 121 -0.48 -7.42 11.81
CA SER A 121 -1.76 -7.56 12.49
C SER A 121 -1.59 -8.27 13.84
N GLY A 122 -0.74 -9.29 13.85
CA GLY A 122 -0.50 -10.04 15.07
C GLY A 122 -1.55 -11.12 15.31
N PRO A 123 -1.11 -12.27 15.82
CA PRO A 123 -2.00 -13.40 16.10
C PRO A 123 -2.93 -13.12 17.28
N SER A 124 -2.69 -12.01 17.97
CA SER A 124 -3.51 -11.63 19.12
C SER A 124 -4.99 -11.87 18.83
N SER A 125 -5.61 -12.70 19.67
CA SER A 125 -7.03 -13.03 19.50
C SER A 125 -7.77 -12.90 20.83
N GLY A 126 -9.10 -12.96 20.77
CA GLY A 126 -9.90 -12.84 21.96
C GLY A 126 -9.27 -13.55 23.16
N GLY A 1 21.62 13.41 15.05
CA GLY A 1 21.18 12.78 16.28
C GLY A 1 19.72 12.39 16.24
N SER A 2 19.10 12.26 17.41
CA SER A 2 17.70 11.89 17.50
C SER A 2 16.97 12.73 18.55
N SER A 3 15.64 12.78 18.44
CA SER A 3 14.83 13.55 19.38
C SER A 3 14.98 13.02 20.79
N GLY A 4 14.60 11.75 20.98
CA GLY A 4 14.69 11.14 22.29
C GLY A 4 14.97 9.65 22.22
N SER A 5 14.62 8.94 23.28
CA SER A 5 14.84 7.49 23.33
C SER A 5 13.75 6.75 22.55
N SER A 6 14.09 5.55 22.09
CA SER A 6 13.15 4.73 21.33
C SER A 6 11.91 4.40 22.18
N GLY A 7 10.74 4.65 21.62
CA GLY A 7 9.50 4.37 22.33
C GLY A 7 8.34 5.23 21.84
N GLU A 8 7.75 4.84 20.73
CA GLU A 8 6.63 5.58 20.15
C GLU A 8 5.53 4.63 19.70
N ASP A 9 4.33 5.17 19.49
CA ASP A 9 3.19 4.37 19.05
C ASP A 9 2.58 4.96 17.78
N TYR A 10 3.17 4.64 16.64
CA TYR A 10 2.68 5.14 15.37
C TYR A 10 1.91 4.06 14.61
N GLU A 11 1.07 3.33 15.34
CA GLU A 11 0.28 2.26 14.74
C GLU A 11 -1.09 2.78 14.29
N LYS A 12 -1.78 3.45 15.22
CA LYS A 12 -3.10 3.99 14.93
C LYS A 12 -3.04 4.98 13.75
N VAL A 13 -1.82 5.32 13.34
CA VAL A 13 -1.63 6.23 12.22
C VAL A 13 -2.35 5.75 10.97
N PRO A 14 -2.75 6.69 10.12
CA PRO A 14 -3.46 6.39 8.86
C PRO A 14 -2.55 5.70 7.84
N LEU A 15 -1.41 6.32 7.57
CA LEU A 15 -0.45 5.76 6.61
C LEU A 15 0.89 5.50 7.27
N PRO A 16 1.15 4.21 7.59
CA PRO A 16 2.40 3.80 8.23
C PRO A 16 3.60 3.91 7.29
N ASN A 17 4.80 3.88 7.86
CA ASN A 17 6.02 3.97 7.07
C ASN A 17 6.40 2.62 6.49
N SER A 18 5.65 1.60 6.84
CA SER A 18 5.90 0.25 6.36
C SER A 18 5.54 0.12 4.89
N VAL A 19 4.40 0.70 4.50
CA VAL A 19 3.95 0.66 3.12
C VAL A 19 4.94 1.34 2.19
N PHE A 20 5.35 2.55 2.56
CA PHE A 20 6.30 3.31 1.76
C PHE A 20 7.65 2.60 1.68
N VAL A 21 7.94 2.02 0.52
CA VAL A 21 9.19 1.29 0.32
C VAL A 21 10.18 2.15 -0.47
N ASN A 22 11.46 1.98 -0.17
CA ASN A 22 12.51 2.73 -0.86
C ASN A 22 12.93 2.02 -2.14
N THR A 23 12.00 1.28 -2.74
CA THR A 23 12.27 0.56 -3.97
C THR A 23 11.58 1.21 -5.15
N THR A 24 12.30 1.35 -6.25
CA THR A 24 11.75 1.96 -7.46
C THR A 24 11.58 0.93 -8.57
N GLU A 25 11.32 -0.31 -8.19
CA GLU A 25 11.14 -1.38 -9.15
C GLU A 25 9.90 -2.21 -8.81
N SER A 26 9.18 -2.65 -9.85
CA SER A 26 7.98 -3.43 -9.67
C SER A 26 8.32 -4.90 -9.41
N CYS A 27 9.48 -5.33 -9.91
CA CYS A 27 9.92 -6.70 -9.74
C CYS A 27 10.20 -7.00 -8.27
N GLU A 28 10.76 -6.02 -7.57
CA GLU A 28 11.08 -6.18 -6.15
C GLU A 28 9.81 -6.21 -5.30
N VAL A 29 8.97 -5.19 -5.46
CA VAL A 29 7.73 -5.10 -4.72
C VAL A 29 7.07 -6.47 -4.57
N GLU A 30 6.77 -7.10 -5.71
CA GLU A 30 6.14 -8.42 -5.70
C GLU A 30 6.90 -9.38 -4.80
N ARG A 31 8.23 -9.37 -4.91
CA ARG A 31 9.07 -10.24 -4.11
C ARG A 31 8.89 -9.96 -2.62
N LEU A 32 9.04 -8.68 -2.24
CA LEU A 32 8.89 -8.28 -0.85
C LEU A 32 7.61 -8.84 -0.25
N PHE A 33 6.49 -8.59 -0.91
CA PHE A 33 5.19 -9.08 -0.44
C PHE A 33 5.28 -10.55 -0.03
N LYS A 34 5.58 -11.41 -1.00
CA LYS A 34 5.70 -12.84 -0.75
C LYS A 34 6.79 -13.12 0.28
N ALA A 35 7.63 -12.13 0.54
CA ALA A 35 8.71 -12.26 1.50
C ALA A 35 8.20 -12.04 2.93
N THR A 36 7.68 -10.84 3.17
CA THR A 36 7.17 -10.50 4.49
C THR A 36 6.31 -11.62 5.07
N SER A 37 5.76 -12.45 4.17
CA SER A 37 4.92 -13.56 4.59
C SER A 37 5.76 -14.75 5.03
N PRO A 38 5.31 -15.41 6.11
CA PRO A 38 6.02 -16.58 6.66
C PRO A 38 5.92 -17.80 5.74
N ARG A 39 4.73 -18.04 5.22
CA ARG A 39 4.50 -19.18 4.33
C ARG A 39 5.01 -18.87 2.92
N GLY A 40 5.09 -17.59 2.59
CA GLY A 40 5.56 -17.18 1.28
C GLY A 40 4.42 -16.78 0.35
N GLU A 41 3.33 -16.29 0.94
CA GLU A 41 2.18 -15.87 0.16
C GLU A 41 1.48 -14.70 0.83
N PRO A 42 1.38 -13.58 0.09
CA PRO A 42 0.74 -12.36 0.58
C PRO A 42 -0.77 -12.51 0.72
N GLN A 43 -1.39 -11.66 1.53
CA GLN A 43 -2.82 -11.70 1.75
C GLN A 43 -3.55 -10.79 0.76
N ASP A 44 -4.69 -11.25 0.27
CA ASP A 44 -5.48 -10.48 -0.69
C ASP A 44 -5.74 -9.07 -0.17
N GLY A 45 -5.40 -8.07 -0.99
CA GLY A 45 -5.59 -6.69 -0.58
C GLY A 45 -4.29 -6.00 -0.22
N LEU A 46 -3.24 -6.80 -0.05
CA LEU A 46 -1.94 -6.25 0.31
C LEU A 46 -1.55 -5.09 -0.60
N TYR A 47 -1.58 -3.89 -0.05
CA TYR A 47 -1.24 -2.69 -0.81
C TYR A 47 -0.01 -2.00 -0.23
N CYS A 48 0.61 -1.14 -1.02
CA CYS A 48 1.80 -0.41 -0.58
C CYS A 48 2.03 0.82 -1.45
N ILE A 49 3.14 1.51 -1.19
CA ILE A 49 3.49 2.70 -1.96
C ILE A 49 4.98 2.75 -2.27
N ARG A 50 5.31 2.54 -3.54
CA ARG A 50 6.71 2.55 -3.96
C ARG A 50 7.05 3.87 -4.65
N ASN A 51 8.32 4.03 -5.01
CA ASN A 51 8.78 5.24 -5.68
C ASN A 51 8.68 5.10 -7.20
N SER A 52 8.43 6.22 -7.87
CA SER A 52 8.31 6.22 -9.33
C SER A 52 9.61 6.64 -9.98
N SER A 53 9.87 6.10 -11.17
CA SER A 53 11.09 6.41 -11.91
C SER A 53 10.90 7.66 -12.76
N THR A 54 9.87 7.64 -13.61
CA THR A 54 9.58 8.77 -14.49
C THR A 54 9.69 10.08 -13.74
N LYS A 55 8.85 10.25 -12.72
CA LYS A 55 8.84 11.47 -11.92
C LYS A 55 9.19 11.17 -10.47
N SER A 56 9.42 12.23 -9.69
CA SER A 56 9.77 12.07 -8.28
C SER A 56 8.52 11.89 -7.43
N GLY A 57 7.61 11.03 -7.89
CA GLY A 57 6.38 10.79 -7.16
C GLY A 57 6.32 9.39 -6.59
N LYS A 58 5.10 8.87 -6.44
CA LYS A 58 4.91 7.52 -5.89
C LYS A 58 3.86 6.76 -6.70
N VAL A 59 3.91 5.43 -6.64
CA VAL A 59 2.96 4.59 -7.36
C VAL A 59 2.35 3.56 -6.43
N LEU A 60 1.03 3.67 -6.23
CA LEU A 60 0.31 2.75 -5.36
C LEU A 60 0.23 1.36 -5.99
N VAL A 61 0.87 0.39 -5.36
CA VAL A 61 0.88 -0.97 -5.86
C VAL A 61 0.07 -1.89 -4.94
N VAL A 62 -0.93 -2.56 -5.50
CA VAL A 62 -1.77 -3.46 -4.74
C VAL A 62 -1.60 -4.91 -5.22
N TRP A 63 -1.79 -5.85 -4.30
CA TRP A 63 -1.65 -7.27 -4.62
C TRP A 63 -3.00 -7.87 -5.00
N ASP A 64 -3.05 -8.54 -6.15
CA ASP A 64 -4.27 -9.17 -6.63
C ASP A 64 -4.24 -10.68 -6.40
N GLU A 65 -4.52 -11.09 -5.16
CA GLU A 65 -4.52 -12.50 -4.81
C GLU A 65 -5.36 -13.30 -5.79
N THR A 66 -6.36 -12.66 -6.37
CA THR A 66 -7.25 -13.32 -7.34
C THR A 66 -6.48 -13.74 -8.58
N SER A 67 -5.49 -12.94 -8.96
CA SER A 67 -4.67 -13.24 -10.14
C SER A 67 -3.21 -13.39 -9.77
N ASN A 68 -2.92 -13.36 -8.46
CA ASN A 68 -1.56 -13.49 -7.97
C ASN A 68 -0.61 -12.57 -8.74
N LYS A 69 -0.98 -11.29 -8.82
CA LYS A 69 -0.17 -10.30 -9.52
C LYS A 69 -0.36 -8.92 -8.91
N VAL A 70 0.64 -8.05 -9.10
CA VAL A 70 0.58 -6.70 -8.56
C VAL A 70 0.08 -5.71 -9.61
N ARG A 71 -0.52 -4.62 -9.16
CA ARG A 71 -1.05 -3.61 -10.06
C ARG A 71 -0.21 -2.34 -10.00
N ASN A 72 -0.54 -1.37 -10.85
CA ASN A 72 0.19 -0.11 -10.89
C ASN A 72 -0.77 1.08 -10.86
N TYR A 73 -0.82 1.76 -9.71
CA TYR A 73 -1.70 2.91 -9.56
C TYR A 73 -0.89 4.18 -9.30
N ARG A 74 -0.58 4.89 -10.39
CA ARG A 74 0.19 6.12 -10.28
C ARG A 74 -0.48 7.11 -9.33
N ILE A 75 0.31 7.66 -8.41
CA ILE A 75 -0.21 8.61 -7.44
C ILE A 75 0.16 10.04 -7.83
N PHE A 76 -0.64 10.63 -8.72
CA PHE A 76 -0.41 11.99 -9.18
C PHE A 76 -0.64 12.99 -8.05
N GLU A 77 -0.24 14.24 -8.28
CA GLU A 77 -0.41 15.29 -7.28
C GLU A 77 -1.03 16.54 -7.90
N LYS A 78 -2.33 16.71 -7.71
CA LYS A 78 -3.04 17.86 -8.24
C LYS A 78 -3.81 18.59 -7.14
N ASP A 79 -3.79 19.92 -7.19
CA ASP A 79 -4.48 20.73 -6.20
C ASP A 79 -4.09 20.32 -4.78
N SER A 80 -2.89 19.78 -4.65
CA SER A 80 -2.39 19.34 -3.35
C SER A 80 -3.18 18.15 -2.83
N LYS A 81 -3.64 17.31 -3.76
CA LYS A 81 -4.42 16.12 -3.40
C LYS A 81 -4.05 14.94 -4.29
N PHE A 82 -3.48 13.90 -3.69
CA PHE A 82 -3.09 12.71 -4.43
C PHE A 82 -4.28 12.11 -5.17
N TYR A 83 -4.10 11.87 -6.47
CA TYR A 83 -5.17 11.30 -7.29
C TYR A 83 -4.61 10.29 -8.28
N LEU A 84 -5.43 9.33 -8.67
CA LEU A 84 -5.03 8.30 -9.61
C LEU A 84 -5.76 8.44 -10.94
N GLU A 85 -7.04 8.83 -10.87
CA GLU A 85 -7.85 9.00 -12.06
C GLU A 85 -7.80 10.45 -12.53
N GLY A 86 -8.08 11.37 -11.62
CA GLY A 86 -8.07 12.79 -11.97
C GLY A 86 -9.06 13.60 -11.16
N GLU A 87 -10.19 13.93 -11.76
CA GLU A 87 -11.22 14.70 -11.09
C GLU A 87 -11.35 14.29 -9.62
N VAL A 88 -11.11 13.01 -9.36
CA VAL A 88 -11.19 12.48 -8.01
C VAL A 88 -9.83 12.48 -7.33
N LEU A 89 -9.63 13.41 -6.40
CA LEU A 89 -8.37 13.52 -5.68
C LEU A 89 -8.59 13.36 -4.18
N PHE A 90 -7.49 13.35 -3.42
CA PHE A 90 -7.57 13.21 -1.97
C PHE A 90 -6.53 14.08 -1.29
N VAL A 91 -6.99 14.94 -0.39
CA VAL A 91 -6.10 15.83 0.34
C VAL A 91 -4.92 15.08 0.94
N SER A 92 -5.10 13.78 1.14
CA SER A 92 -4.04 12.93 1.70
C SER A 92 -4.33 11.46 1.43
N VAL A 93 -3.26 10.67 1.34
CA VAL A 93 -3.39 9.24 1.08
C VAL A 93 -4.40 8.60 2.02
N GLY A 94 -4.31 8.93 3.30
CA GLY A 94 -5.23 8.38 4.28
C GLY A 94 -6.66 8.36 3.78
N SER A 95 -7.22 9.54 3.55
CA SER A 95 -8.60 9.65 3.07
C SER A 95 -8.84 8.75 1.87
N MET A 96 -7.92 8.81 0.90
CA MET A 96 -8.03 7.99 -0.30
C MET A 96 -8.21 6.52 0.05
N VAL A 97 -7.33 6.01 0.91
CA VAL A 97 -7.40 4.62 1.34
C VAL A 97 -8.78 4.27 1.88
N GLU A 98 -9.32 5.16 2.71
CA GLU A 98 -10.63 4.95 3.30
C GLU A 98 -11.72 5.03 2.24
N HIS A 99 -11.48 5.83 1.21
CA HIS A 99 -12.45 6.01 0.13
C HIS A 99 -12.53 4.75 -0.73
N TYR A 100 -11.37 4.21 -1.10
CA TYR A 100 -11.31 3.00 -1.92
C TYR A 100 -11.86 1.81 -1.17
N HIS A 101 -11.67 1.79 0.15
CA HIS A 101 -12.15 0.70 0.99
C HIS A 101 -13.52 0.22 0.51
N THR A 102 -14.28 1.13 -0.10
CA THR A 102 -15.61 0.80 -0.59
C THR A 102 -15.68 0.90 -2.12
N HIS A 103 -14.78 1.69 -2.69
CA HIS A 103 -14.74 1.87 -4.14
C HIS A 103 -13.54 1.15 -4.73
N VAL A 104 -13.75 -0.11 -5.12
CA VAL A 104 -12.68 -0.91 -5.70
C VAL A 104 -11.82 -0.08 -6.64
N LEU A 105 -10.53 -0.40 -6.69
CA LEU A 105 -9.60 0.32 -7.55
C LEU A 105 -9.86 0.02 -9.02
N PRO A 106 -9.44 0.93 -9.90
CA PRO A 106 -9.61 0.79 -11.35
C PRO A 106 -8.74 -0.32 -11.92
N SER A 107 -9.04 -0.73 -13.16
CA SER A 107 -8.29 -1.78 -13.81
C SER A 107 -8.49 -3.12 -13.12
N HIS A 108 -9.61 -3.27 -12.42
CA HIS A 108 -9.93 -4.49 -11.70
C HIS A 108 -11.43 -4.65 -11.52
N GLN A 109 -11.83 -5.71 -10.83
CA GLN A 109 -13.24 -5.98 -10.59
C GLN A 109 -13.59 -5.78 -9.12
N SER A 110 -12.89 -6.52 -8.25
CA SER A 110 -13.14 -6.43 -6.82
C SER A 110 -11.82 -6.36 -6.05
N LEU A 111 -11.00 -5.38 -6.39
CA LEU A 111 -9.71 -5.20 -5.73
C LEU A 111 -9.72 -4.00 -4.79
N LEU A 112 -9.96 -4.26 -3.51
CA LEU A 112 -9.99 -3.19 -2.51
C LEU A 112 -8.78 -3.26 -1.59
N LEU A 113 -8.60 -2.22 -0.79
CA LEU A 113 -7.47 -2.16 0.13
C LEU A 113 -7.86 -2.74 1.49
N ARG A 114 -7.42 -3.99 1.74
CA ARG A 114 -7.72 -4.65 3.00
C ARG A 114 -6.64 -4.37 4.03
N HIS A 115 -5.42 -4.78 3.73
CA HIS A 115 -4.30 -4.56 4.64
C HIS A 115 -3.09 -4.01 3.88
N PRO A 116 -2.41 -3.03 4.51
CA PRO A 116 -1.22 -2.39 3.91
C PRO A 116 -0.02 -3.32 3.87
N TYR A 117 1.03 -2.89 3.18
CA TYR A 117 2.24 -3.70 3.06
C TYR A 117 3.16 -3.47 4.25
N GLY A 118 3.90 -4.51 4.63
CA GLY A 118 4.81 -4.40 5.75
C GLY A 118 4.11 -4.47 7.09
N TYR A 119 3.00 -3.74 7.21
CA TYR A 119 2.22 -3.72 8.44
C TYR A 119 1.96 -5.14 8.95
N THR A 120 1.53 -5.24 10.20
CA THR A 120 1.24 -6.54 10.81
C THR A 120 -0.06 -6.49 11.60
N SER A 121 -0.98 -7.39 11.28
CA SER A 121 -2.26 -7.46 11.96
C SER A 121 -2.36 -8.71 12.83
N GLY A 122 -1.87 -9.83 12.29
CA GLY A 122 -1.91 -11.08 13.02
C GLY A 122 -0.97 -11.08 14.21
N PRO A 123 -1.28 -11.93 15.21
CA PRO A 123 -0.46 -12.05 16.43
C PRO A 123 0.89 -12.68 16.15
N SER A 124 1.13 -13.07 14.91
CA SER A 124 2.39 -13.69 14.52
C SER A 124 3.56 -13.04 15.24
N SER A 125 4.25 -13.82 16.07
CA SER A 125 5.39 -13.31 16.82
C SER A 125 6.49 -14.37 16.93
N GLY A 126 7.72 -13.93 17.13
CA GLY A 126 8.83 -14.85 17.24
C GLY A 126 9.86 -14.64 16.14
N GLY A 1 18.33 -16.91 20.48
CA GLY A 1 18.53 -15.56 20.02
C GLY A 1 17.70 -14.55 20.81
N SER A 2 17.92 -13.27 20.54
CA SER A 2 17.19 -12.21 21.23
C SER A 2 16.81 -11.09 20.27
N SER A 3 15.65 -10.48 20.51
CA SER A 3 15.18 -9.39 19.67
C SER A 3 14.94 -8.13 20.49
N GLY A 4 15.15 -6.97 19.86
CA GLY A 4 14.95 -5.70 20.55
C GLY A 4 13.89 -4.84 19.89
N SER A 5 14.20 -4.35 18.70
CA SER A 5 13.27 -3.50 17.96
C SER A 5 12.54 -2.55 18.90
N SER A 6 13.26 -2.04 19.90
CA SER A 6 12.68 -1.13 20.87
C SER A 6 12.36 0.22 20.22
N GLY A 7 11.08 0.59 20.25
CA GLY A 7 10.67 1.86 19.68
C GLY A 7 9.23 2.19 20.00
N GLU A 8 8.49 2.65 18.98
CA GLU A 8 7.09 3.02 19.16
C GLU A 8 6.16 1.93 18.62
N ASP A 9 4.89 2.00 18.98
CA ASP A 9 3.91 1.03 18.53
C ASP A 9 2.66 1.72 17.98
N TYR A 10 2.82 2.40 16.85
CA TYR A 10 1.70 3.11 16.22
C TYR A 10 1.12 2.31 15.07
N GLU A 11 -0.12 1.87 15.21
CA GLU A 11 -0.79 1.10 14.18
C GLU A 11 -2.12 1.74 13.78
N LYS A 12 -2.45 2.84 14.45
CA LYS A 12 -3.69 3.55 14.17
C LYS A 12 -3.46 4.65 13.13
N VAL A 13 -2.24 4.73 12.62
CA VAL A 13 -1.89 5.73 11.62
C VAL A 13 -2.55 5.42 10.28
N PRO A 14 -2.83 6.47 9.50
CA PRO A 14 -3.46 6.33 8.18
C PRO A 14 -2.53 5.69 7.16
N LEU A 15 -1.33 6.24 7.02
CA LEU A 15 -0.34 5.73 6.08
C LEU A 15 0.96 5.38 6.80
N PRO A 16 1.13 4.09 7.14
CA PRO A 16 2.32 3.60 7.82
C PRO A 16 3.55 3.62 6.92
N ASN A 17 4.70 3.98 7.50
CA ASN A 17 5.95 4.04 6.76
C ASN A 17 6.25 2.70 6.08
N SER A 18 5.52 1.66 6.49
CA SER A 18 5.70 0.33 5.93
C SER A 18 5.39 0.32 4.43
N VAL A 19 4.23 0.86 4.07
CA VAL A 19 3.80 0.91 2.68
C VAL A 19 4.82 1.67 1.83
N PHE A 20 5.50 2.64 2.45
CA PHE A 20 6.50 3.44 1.74
C PHE A 20 7.82 2.69 1.65
N VAL A 21 8.03 2.01 0.52
CA VAL A 21 9.26 1.25 0.32
C VAL A 21 10.28 2.06 -0.47
N ASN A 22 11.56 1.79 -0.24
CA ASN A 22 12.63 2.49 -0.93
C ASN A 22 13.00 1.79 -2.23
N THR A 23 12.04 1.09 -2.81
CA THR A 23 12.25 0.37 -4.06
C THR A 23 11.53 1.05 -5.22
N THR A 24 12.18 1.09 -6.37
CA THR A 24 11.60 1.72 -7.56
C THR A 24 11.33 0.69 -8.65
N GLU A 25 11.04 -0.54 -8.24
CA GLU A 25 10.75 -1.62 -9.18
C GLU A 25 9.57 -2.46 -8.71
N SER A 26 8.79 -2.96 -9.68
CA SER A 26 7.63 -3.78 -9.35
C SER A 26 8.05 -5.18 -8.94
N CYS A 27 8.99 -5.76 -9.68
CA CYS A 27 9.48 -7.10 -9.39
C CYS A 27 9.85 -7.24 -7.92
N GLU A 28 10.58 -6.25 -7.41
CA GLU A 28 11.02 -6.26 -6.01
C GLU A 28 9.82 -6.31 -5.07
N VAL A 29 8.95 -5.31 -5.17
CA VAL A 29 7.76 -5.25 -4.33
C VAL A 29 7.08 -6.60 -4.23
N GLU A 30 6.87 -7.25 -5.39
CA GLU A 30 6.24 -8.55 -5.43
C GLU A 30 6.95 -9.54 -4.51
N ARG A 31 8.29 -9.52 -4.56
CA ARG A 31 9.09 -10.42 -3.74
C ARG A 31 8.90 -10.11 -2.26
N LEU A 32 9.03 -8.83 -1.91
CA LEU A 32 8.87 -8.40 -0.53
C LEU A 32 7.56 -8.90 0.07
N PHE A 33 6.47 -8.66 -0.66
CA PHE A 33 5.15 -9.09 -0.21
C PHE A 33 5.17 -10.55 0.23
N LYS A 34 5.48 -11.44 -0.72
CA LYS A 34 5.54 -12.86 -0.43
C LYS A 34 6.57 -13.17 0.64
N ALA A 35 7.39 -12.17 0.97
CA ALA A 35 8.43 -12.33 1.99
C ALA A 35 7.84 -12.18 3.38
N THR A 36 7.03 -11.15 3.57
CA THR A 36 6.40 -10.90 4.86
C THR A 36 5.64 -12.12 5.36
N SER A 37 5.04 -12.85 4.42
CA SER A 37 4.28 -14.05 4.76
C SER A 37 5.20 -15.24 4.98
N PRO A 38 4.90 -16.04 6.02
CA PRO A 38 5.69 -17.22 6.36
C PRO A 38 5.54 -18.34 5.33
N ARG A 39 4.38 -18.38 4.68
CA ARG A 39 4.11 -19.39 3.67
C ARG A 39 4.44 -18.88 2.27
N GLY A 40 5.33 -17.89 2.20
CA GLY A 40 5.71 -17.32 0.92
C GLY A 40 4.51 -16.93 0.09
N GLU A 41 3.45 -16.48 0.75
CA GLU A 41 2.23 -16.07 0.06
C GLU A 41 1.54 -14.92 0.80
N PRO A 42 1.43 -13.77 0.12
CA PRO A 42 0.79 -12.58 0.70
C PRO A 42 -0.72 -12.75 0.86
N GLN A 43 -1.36 -11.77 1.48
CA GLN A 43 -2.80 -11.81 1.69
C GLN A 43 -3.53 -10.86 0.73
N ASP A 44 -4.65 -11.33 0.19
CA ASP A 44 -5.44 -10.53 -0.74
C ASP A 44 -5.67 -9.12 -0.19
N GLY A 45 -5.32 -8.11 -0.98
CA GLY A 45 -5.50 -6.74 -0.56
C GLY A 45 -4.19 -6.08 -0.19
N LEU A 46 -3.11 -6.86 -0.17
CA LEU A 46 -1.79 -6.33 0.17
C LEU A 46 -1.40 -5.19 -0.76
N TYR A 47 -1.50 -3.97 -0.25
CA TYR A 47 -1.16 -2.79 -1.04
C TYR A 47 0.02 -2.05 -0.41
N CYS A 48 0.68 -1.21 -1.21
CA CYS A 48 1.82 -0.44 -0.74
C CYS A 48 2.05 0.79 -1.61
N ILE A 49 3.12 1.52 -1.34
CA ILE A 49 3.44 2.72 -2.09
C ILE A 49 4.94 2.79 -2.40
N ARG A 50 5.29 2.50 -3.65
CA ARG A 50 6.68 2.53 -4.08
C ARG A 50 6.98 3.75 -4.94
N ASN A 51 8.24 3.96 -5.27
CA ASN A 51 8.65 5.10 -6.07
C ASN A 51 8.63 4.74 -7.56
N SER A 52 8.63 5.76 -8.41
CA SER A 52 8.61 5.55 -9.85
C SER A 52 9.76 6.30 -10.52
N SER A 53 10.60 5.55 -11.24
CA SER A 53 11.74 6.14 -11.92
C SER A 53 11.33 7.39 -12.69
N THR A 54 10.46 7.21 -13.68
CA THR A 54 9.99 8.32 -14.50
C THR A 54 9.63 9.52 -13.65
N LYS A 55 9.65 10.70 -14.24
CA LYS A 55 9.33 11.93 -13.53
C LYS A 55 8.25 11.68 -12.48
N SER A 56 7.23 10.92 -12.86
CA SER A 56 6.13 10.61 -11.96
C SER A 56 6.65 10.33 -10.55
N GLY A 57 5.79 10.55 -9.55
CA GLY A 57 6.17 10.33 -8.17
C GLY A 57 5.93 8.90 -7.73
N LYS A 58 5.30 8.74 -6.58
CA LYS A 58 5.02 7.41 -6.04
C LYS A 58 3.89 6.75 -6.82
N VAL A 59 3.88 5.41 -6.81
CA VAL A 59 2.86 4.65 -7.51
C VAL A 59 2.30 3.54 -6.64
N LEU A 60 1.10 3.75 -6.10
CA LEU A 60 0.46 2.75 -5.25
C LEU A 60 0.37 1.41 -5.95
N VAL A 61 0.83 0.35 -5.28
CA VAL A 61 0.79 -0.99 -5.84
C VAL A 61 -0.05 -1.92 -4.97
N VAL A 62 -1.06 -2.53 -5.57
CA VAL A 62 -1.93 -3.45 -4.85
C VAL A 62 -1.71 -4.90 -5.31
N TRP A 63 -1.75 -5.83 -4.37
CA TRP A 63 -1.56 -7.24 -4.67
C TRP A 63 -2.87 -7.90 -5.08
N ASP A 64 -2.92 -8.42 -6.30
CA ASP A 64 -4.11 -9.07 -6.80
C ASP A 64 -4.06 -10.58 -6.56
N GLU A 65 -4.51 -10.99 -5.39
CA GLU A 65 -4.51 -12.41 -5.03
C GLU A 65 -5.32 -13.23 -6.03
N THR A 66 -6.19 -12.55 -6.77
CA THR A 66 -7.02 -13.22 -7.78
C THR A 66 -6.20 -13.64 -8.98
N SER A 67 -5.20 -12.82 -9.33
CA SER A 67 -4.35 -13.10 -10.47
C SER A 67 -2.90 -13.29 -10.03
N ASN A 68 -2.69 -13.34 -8.71
CA ASN A 68 -1.35 -13.51 -8.16
C ASN A 68 -0.36 -12.59 -8.83
N LYS A 69 -0.66 -11.30 -8.85
CA LYS A 69 0.21 -10.30 -9.46
C LYS A 69 0.10 -8.96 -8.74
N VAL A 70 0.86 -7.98 -9.21
CA VAL A 70 0.85 -6.64 -8.62
C VAL A 70 0.44 -5.58 -9.64
N ARG A 71 -0.36 -4.62 -9.21
CA ARG A 71 -0.82 -3.56 -10.09
C ARG A 71 0.00 -2.29 -9.87
N ASN A 72 -0.24 -1.29 -10.70
CA ASN A 72 0.47 -0.01 -10.59
C ASN A 72 -0.50 1.16 -10.60
N TYR A 73 -0.47 1.95 -9.53
CA TYR A 73 -1.35 3.10 -9.41
C TYR A 73 -0.54 4.37 -9.12
N ARG A 74 -0.20 5.10 -10.17
CA ARG A 74 0.56 6.32 -10.04
C ARG A 74 -0.20 7.36 -9.23
N ILE A 75 0.50 8.02 -8.32
CA ILE A 75 -0.11 9.04 -7.47
C ILE A 75 0.25 10.44 -7.94
N PHE A 76 -0.73 11.16 -8.48
CA PHE A 76 -0.51 12.52 -8.96
C PHE A 76 -0.71 13.54 -7.84
N GLU A 77 -0.38 14.79 -8.12
CA GLU A 77 -0.53 15.86 -7.14
C GLU A 77 -1.23 17.07 -7.75
N LYS A 78 -2.53 17.17 -7.50
CA LYS A 78 -3.33 18.28 -8.03
C LYS A 78 -4.07 18.99 -6.89
N ASP A 79 -4.01 20.32 -6.92
CA ASP A 79 -4.69 21.12 -5.90
C ASP A 79 -4.27 20.68 -4.50
N SER A 80 -3.09 20.09 -4.40
CA SER A 80 -2.58 19.61 -3.12
C SER A 80 -3.35 18.39 -2.65
N LYS A 81 -3.81 17.58 -3.60
CA LYS A 81 -4.57 16.37 -3.29
C LYS A 81 -4.19 15.24 -4.24
N PHE A 82 -3.82 14.10 -3.67
CA PHE A 82 -3.44 12.93 -4.46
C PHE A 82 -4.65 12.34 -5.17
N TYR A 83 -4.45 11.90 -6.40
CA TYR A 83 -5.52 11.30 -7.19
C TYR A 83 -4.97 10.29 -8.20
N LEU A 84 -5.84 9.41 -8.67
CA LEU A 84 -5.44 8.39 -9.63
C LEU A 84 -6.25 8.51 -10.93
N GLU A 85 -7.41 9.15 -10.84
CA GLU A 85 -8.26 9.34 -12.00
C GLU A 85 -8.24 10.80 -12.47
N GLY A 86 -8.28 11.72 -11.51
CA GLY A 86 -8.27 13.13 -11.83
C GLY A 86 -9.25 13.93 -11.00
N GLU A 87 -10.46 14.07 -11.50
CA GLU A 87 -11.51 14.82 -10.79
C GLU A 87 -11.59 14.38 -9.34
N VAL A 88 -11.49 13.07 -9.11
CA VAL A 88 -11.55 12.52 -7.76
C VAL A 88 -10.17 12.48 -7.12
N LEU A 89 -9.97 13.33 -6.12
CA LEU A 89 -8.68 13.38 -5.42
C LEU A 89 -8.87 13.19 -3.92
N PHE A 90 -7.78 13.29 -3.16
CA PHE A 90 -7.83 13.13 -1.71
C PHE A 90 -6.79 14.01 -1.03
N VAL A 91 -7.27 14.95 -0.22
CA VAL A 91 -6.38 15.87 0.49
C VAL A 91 -5.12 15.15 0.97
N SER A 92 -5.24 13.84 1.19
CA SER A 92 -4.11 13.04 1.64
C SER A 92 -4.31 11.57 1.30
N VAL A 93 -3.22 10.87 1.03
CA VAL A 93 -3.27 9.45 0.69
C VAL A 93 -4.23 8.70 1.61
N GLY A 94 -4.19 9.04 2.89
CA GLY A 94 -5.06 8.39 3.86
C GLY A 94 -6.51 8.35 3.39
N SER A 95 -7.13 9.52 3.30
CA SER A 95 -8.52 9.61 2.88
C SER A 95 -8.78 8.70 1.69
N MET A 96 -7.85 8.71 0.73
CA MET A 96 -7.99 7.88 -0.47
C MET A 96 -8.11 6.41 -0.09
N VAL A 97 -7.18 5.94 0.74
CA VAL A 97 -7.18 4.54 1.17
C VAL A 97 -8.51 4.17 1.82
N GLU A 98 -9.02 5.07 2.66
CA GLU A 98 -10.29 4.84 3.35
C GLU A 98 -11.46 4.85 2.37
N HIS A 99 -11.34 5.65 1.33
CA HIS A 99 -12.38 5.76 0.31
C HIS A 99 -12.45 4.48 -0.52
N TYR A 100 -11.29 4.01 -0.97
CA TYR A 100 -11.22 2.81 -1.79
C TYR A 100 -11.72 1.59 -1.01
N HIS A 101 -11.46 1.58 0.29
CA HIS A 101 -11.89 0.49 1.15
C HIS A 101 -13.30 0.03 0.79
N THR A 102 -14.07 0.93 0.18
CA THR A 102 -15.44 0.61 -0.22
C THR A 102 -15.60 0.68 -1.74
N HIS A 103 -14.72 1.43 -2.38
CA HIS A 103 -14.76 1.59 -3.83
C HIS A 103 -13.53 0.97 -4.49
N VAL A 104 -13.70 -0.22 -5.06
CA VAL A 104 -12.60 -0.91 -5.71
C VAL A 104 -11.73 0.06 -6.50
N LEU A 105 -10.47 -0.32 -6.72
CA LEU A 105 -9.54 0.52 -7.46
C LEU A 105 -9.75 0.38 -8.96
N PRO A 106 -9.32 1.39 -9.72
CA PRO A 106 -9.45 1.40 -11.19
C PRO A 106 -8.54 0.38 -11.85
N SER A 107 -8.83 0.08 -13.12
CA SER A 107 -8.04 -0.88 -13.88
C SER A 107 -8.20 -2.29 -13.30
N HIS A 108 -9.33 -2.52 -12.63
CA HIS A 108 -9.61 -3.83 -12.03
C HIS A 108 -11.11 -4.00 -11.81
N GLN A 109 -11.47 -5.11 -11.16
CA GLN A 109 -12.87 -5.40 -10.88
C GLN A 109 -13.06 -5.75 -9.40
N SER A 110 -12.21 -6.61 -8.89
CA SER A 110 -12.29 -7.03 -7.49
C SER A 110 -10.95 -6.83 -6.79
N LEU A 111 -10.44 -5.61 -6.82
CA LEU A 111 -9.17 -5.29 -6.19
C LEU A 111 -9.31 -4.08 -5.26
N LEU A 112 -9.53 -4.35 -3.98
CA LEU A 112 -9.68 -3.28 -3.00
C LEU A 112 -8.44 -3.18 -2.11
N LEU A 113 -8.51 -2.32 -1.11
CA LEU A 113 -7.40 -2.13 -0.18
C LEU A 113 -7.76 -2.62 1.22
N ARG A 114 -7.43 -3.88 1.50
CA ARG A 114 -7.71 -4.47 2.80
C ARG A 114 -6.60 -4.17 3.79
N HIS A 115 -5.41 -4.71 3.52
CA HIS A 115 -4.27 -4.51 4.39
C HIS A 115 -3.06 -4.01 3.59
N PRO A 116 -2.36 -3.01 4.13
CA PRO A 116 -1.18 -2.42 3.48
C PRO A 116 0.00 -3.38 3.48
N TYR A 117 1.14 -2.91 2.96
CA TYR A 117 2.34 -3.71 2.89
C TYR A 117 3.22 -3.49 4.12
N GLY A 118 3.89 -4.56 4.55
CA GLY A 118 4.77 -4.46 5.72
C GLY A 118 3.99 -4.47 7.03
N TYR A 119 2.91 -3.70 7.07
CA TYR A 119 2.08 -3.62 8.27
C TYR A 119 1.90 -5.00 8.90
N THR A 120 1.49 -5.02 10.16
CA THR A 120 1.28 -6.27 10.89
C THR A 120 -0.14 -6.78 10.69
N SER A 121 -0.28 -7.81 9.84
CA SER A 121 -1.57 -8.40 9.56
C SER A 121 -1.43 -9.86 9.15
N GLY A 122 -1.93 -10.76 10.00
CA GLY A 122 -1.85 -12.17 9.71
C GLY A 122 -0.77 -12.87 10.51
N PRO A 123 -0.49 -14.13 10.16
CA PRO A 123 0.53 -14.93 10.84
C PRO A 123 1.95 -14.44 10.57
N SER A 124 2.05 -13.35 9.80
CA SER A 124 3.34 -12.77 9.46
C SER A 124 4.34 -12.95 10.61
N SER A 125 4.06 -12.29 11.73
CA SER A 125 4.93 -12.36 12.89
C SER A 125 4.14 -12.12 14.17
N GLY A 126 4.79 -12.35 15.32
CA GLY A 126 4.13 -12.17 16.60
C GLY A 126 4.76 -12.98 17.70
N GLY A 1 29.90 0.61 22.55
CA GLY A 1 28.45 0.63 22.37
C GLY A 1 27.83 1.93 22.82
N SER A 2 26.50 1.96 22.88
CA SER A 2 25.79 3.16 23.30
C SER A 2 24.34 2.82 23.68
N SER A 3 23.76 3.64 24.54
CA SER A 3 22.38 3.42 24.98
C SER A 3 21.44 3.26 23.78
N GLY A 4 20.81 2.09 23.70
CA GLY A 4 19.90 1.81 22.60
C GLY A 4 18.86 2.91 22.43
N SER A 5 18.05 2.79 21.38
CA SER A 5 17.00 3.78 21.11
C SER A 5 15.62 3.19 21.38
N SER A 6 14.74 4.00 21.95
CA SER A 6 13.38 3.56 22.26
C SER A 6 12.51 3.55 21.00
N GLY A 7 11.84 2.43 20.77
CA GLY A 7 10.98 2.30 19.59
C GLY A 7 9.62 2.92 19.82
N GLU A 8 9.16 3.70 18.85
CA GLU A 8 7.86 4.35 18.94
C GLU A 8 6.73 3.33 18.81
N ASP A 9 5.62 3.59 19.51
CA ASP A 9 4.48 2.70 19.49
C ASP A 9 3.24 3.41 18.95
N TYR A 10 3.14 3.54 17.64
CA TYR A 10 2.02 4.22 17.01
C TYR A 10 1.17 3.23 16.23
N GLU A 11 -0.08 3.06 16.66
CA GLU A 11 -1.00 2.15 15.99
C GLU A 11 -2.17 2.90 15.35
N LYS A 12 -2.41 4.11 15.84
CA LYS A 12 -3.49 4.94 15.32
C LYS A 12 -3.00 5.81 14.17
N VAL A 13 -2.18 5.23 13.31
CA VAL A 13 -1.65 5.94 12.15
C VAL A 13 -2.37 5.53 10.87
N PRO A 14 -2.73 6.53 10.06
CA PRO A 14 -3.43 6.30 8.78
C PRO A 14 -2.53 5.64 7.74
N LEU A 15 -1.37 6.22 7.50
CA LEU A 15 -0.43 5.70 6.52
C LEU A 15 0.93 5.41 7.18
N PRO A 16 1.16 4.14 7.52
CA PRO A 16 2.41 3.70 8.15
C PRO A 16 3.59 3.76 7.20
N ASN A 17 4.77 4.05 7.74
CA ASN A 17 5.99 4.14 6.94
C ASN A 17 6.35 2.78 6.36
N SER A 18 5.59 1.76 6.72
CA SER A 18 5.84 0.41 6.24
C SER A 18 5.46 0.27 4.77
N VAL A 19 4.31 0.84 4.40
CA VAL A 19 3.83 0.79 3.03
C VAL A 19 4.78 1.54 2.10
N PHE A 20 5.29 2.67 2.56
CA PHE A 20 6.20 3.48 1.77
C PHE A 20 7.55 2.77 1.60
N VAL A 21 7.74 2.14 0.46
CA VAL A 21 8.98 1.43 0.17
C VAL A 21 9.92 2.28 -0.69
N ASN A 22 11.21 2.22 -0.38
CA ASN A 22 12.21 2.97 -1.13
C ASN A 22 12.62 2.24 -2.41
N THR A 23 11.74 1.35 -2.87
CA THR A 23 12.01 0.58 -4.08
C THR A 23 11.38 1.23 -5.31
N THR A 24 12.18 1.41 -6.36
CA THR A 24 11.70 2.03 -7.59
C THR A 24 11.52 0.99 -8.69
N GLU A 25 11.28 -0.26 -8.29
CA GLU A 25 11.09 -1.34 -9.25
C GLU A 25 9.95 -2.25 -8.82
N SER A 26 9.10 -2.63 -9.77
CA SER A 26 7.97 -3.50 -9.50
C SER A 26 8.43 -4.90 -9.11
N CYS A 27 9.31 -5.47 -9.93
CA CYS A 27 9.84 -6.80 -9.67
C CYS A 27 10.15 -6.98 -8.19
N GLU A 28 10.69 -5.94 -7.57
CA GLU A 28 11.04 -5.99 -6.15
C GLU A 28 9.79 -6.18 -5.30
N VAL A 29 8.90 -5.20 -5.31
CA VAL A 29 7.68 -5.26 -4.53
C VAL A 29 7.14 -6.68 -4.47
N GLU A 30 6.79 -7.23 -5.63
CA GLU A 30 6.26 -8.59 -5.70
C GLU A 30 7.00 -9.52 -4.74
N ARG A 31 8.32 -9.51 -4.82
CA ARG A 31 9.14 -10.35 -3.95
C ARG A 31 8.98 -9.94 -2.49
N LEU A 32 8.98 -8.63 -2.24
CA LEU A 32 8.84 -8.11 -0.90
C LEU A 32 7.57 -8.62 -0.23
N PHE A 33 6.45 -8.47 -0.94
CA PHE A 33 5.16 -8.92 -0.42
C PHE A 33 5.22 -10.37 0.02
N LYS A 34 5.55 -11.26 -0.91
CA LYS A 34 5.65 -12.68 -0.62
C LYS A 34 6.78 -12.95 0.37
N ALA A 35 7.79 -12.09 0.35
CA ALA A 35 8.94 -12.23 1.25
C ALA A 35 8.53 -12.00 2.70
N THR A 36 8.13 -10.77 3.01
CA THR A 36 7.72 -10.42 4.36
C THR A 36 6.79 -11.49 4.95
N SER A 37 6.12 -12.22 4.07
CA SER A 37 5.19 -13.27 4.50
C SER A 37 5.96 -14.54 4.90
N PRO A 38 5.69 -15.03 6.11
CA PRO A 38 6.33 -16.23 6.64
C PRO A 38 5.88 -17.50 5.91
N ARG A 39 5.01 -17.32 4.91
CA ARG A 39 4.51 -18.45 4.14
C ARG A 39 4.70 -18.21 2.65
N GLY A 40 5.63 -17.34 2.30
CA GLY A 40 5.90 -17.04 0.91
C GLY A 40 4.64 -16.74 0.13
N GLU A 41 3.64 -16.19 0.81
CA GLU A 41 2.36 -15.85 0.17
C GLU A 41 1.68 -14.71 0.91
N PRO A 42 1.52 -13.57 0.21
CA PRO A 42 0.88 -12.38 0.76
C PRO A 42 -0.61 -12.57 0.96
N GLN A 43 -1.25 -11.61 1.64
CA GLN A 43 -2.68 -11.67 1.89
C GLN A 43 -3.46 -10.86 0.86
N ASP A 44 -4.63 -11.36 0.47
CA ASP A 44 -5.46 -10.68 -0.50
C ASP A 44 -5.78 -9.26 -0.05
N GLY A 45 -5.28 -8.28 -0.81
CA GLY A 45 -5.53 -6.88 -0.47
C GLY A 45 -4.26 -6.16 -0.06
N LEU A 46 -3.14 -6.89 -0.03
CA LEU A 46 -1.86 -6.31 0.35
C LEU A 46 -1.50 -5.15 -0.58
N TYR A 47 -1.55 -3.93 -0.04
CA TYR A 47 -1.23 -2.74 -0.80
C TYR A 47 -0.01 -2.03 -0.24
N CYS A 48 0.56 -1.12 -1.01
CA CYS A 48 1.74 -0.38 -0.60
C CYS A 48 1.97 0.84 -1.48
N ILE A 49 3.04 1.58 -1.21
CA ILE A 49 3.37 2.77 -1.98
C ILE A 49 4.86 2.85 -2.26
N ARG A 50 5.24 2.56 -3.50
CA ARG A 50 6.65 2.60 -3.90
C ARG A 50 6.97 3.90 -4.62
N ASN A 51 8.24 4.08 -4.97
CA ASN A 51 8.69 5.29 -5.67
C ASN A 51 8.56 5.13 -7.18
N SER A 52 8.37 6.24 -7.88
CA SER A 52 8.23 6.22 -9.33
C SER A 52 9.53 6.69 -9.99
N SER A 53 10.66 6.30 -9.42
CA SER A 53 11.96 6.68 -9.95
C SER A 53 12.09 8.20 -10.04
N THR A 54 11.37 8.90 -9.16
CA THR A 54 11.40 10.36 -9.15
C THR A 54 11.28 10.89 -7.73
N LYS A 55 12.10 11.89 -7.40
CA LYS A 55 12.08 12.48 -6.07
C LYS A 55 10.65 12.78 -5.63
N SER A 56 9.87 13.38 -6.51
CA SER A 56 8.49 13.72 -6.21
C SER A 56 7.53 12.88 -7.05
N GLY A 57 7.25 11.67 -6.58
CA GLY A 57 6.35 10.78 -7.30
C GLY A 57 6.20 9.43 -6.63
N LYS A 58 4.97 8.94 -6.57
CA LYS A 58 4.70 7.65 -5.95
C LYS A 58 3.68 6.85 -6.76
N VAL A 59 3.76 5.53 -6.66
CA VAL A 59 2.85 4.66 -7.39
C VAL A 59 2.25 3.59 -6.48
N LEU A 60 0.95 3.70 -6.21
CA LEU A 60 0.27 2.75 -5.35
C LEU A 60 0.17 1.38 -6.01
N VAL A 61 0.76 0.38 -5.37
CA VAL A 61 0.74 -0.98 -5.90
C VAL A 61 -0.03 -1.91 -4.97
N VAL A 62 -1.08 -2.53 -5.50
CA VAL A 62 -1.90 -3.45 -4.72
C VAL A 62 -1.70 -4.89 -5.18
N TRP A 63 -1.90 -5.83 -4.28
CA TRP A 63 -1.74 -7.24 -4.59
C TRP A 63 -3.07 -7.87 -4.98
N ASP A 64 -3.07 -8.68 -6.03
CA ASP A 64 -4.28 -9.34 -6.51
C ASP A 64 -4.21 -10.84 -6.26
N GLU A 65 -4.51 -11.25 -5.02
CA GLU A 65 -4.48 -12.65 -4.65
C GLU A 65 -5.36 -13.48 -5.59
N THR A 66 -6.41 -12.85 -6.12
CA THR A 66 -7.32 -13.52 -7.03
C THR A 66 -6.62 -13.95 -8.31
N SER A 67 -5.62 -13.18 -8.71
CA SER A 67 -4.86 -13.48 -9.93
C SER A 67 -3.37 -13.61 -9.62
N ASN A 68 -3.05 -13.68 -8.34
CA ASN A 68 -1.65 -13.82 -7.91
C ASN A 68 -0.76 -12.88 -8.71
N LYS A 69 -1.13 -11.61 -8.78
CA LYS A 69 -0.36 -10.62 -9.52
C LYS A 69 -0.37 -9.28 -8.79
N VAL A 70 0.22 -8.27 -9.42
CA VAL A 70 0.27 -6.93 -8.84
C VAL A 70 -0.13 -5.87 -9.86
N ARG A 71 -0.79 -4.82 -9.39
CA ARG A 71 -1.24 -3.74 -10.26
C ARG A 71 -0.35 -2.50 -10.09
N ASN A 72 -0.63 -1.47 -10.88
CA ASN A 72 0.14 -0.23 -10.82
C ASN A 72 -0.78 0.98 -10.83
N TYR A 73 -0.81 1.70 -9.72
CA TYR A 73 -1.65 2.88 -9.59
C TYR A 73 -0.81 4.14 -9.36
N ARG A 74 -0.46 4.81 -10.45
CA ARG A 74 0.35 6.03 -10.37
C ARG A 74 -0.34 7.08 -9.51
N ILE A 75 0.43 7.72 -8.65
CA ILE A 75 -0.09 8.76 -7.77
C ILE A 75 0.39 10.14 -8.19
N PHE A 76 -0.54 10.98 -8.65
CA PHE A 76 -0.21 12.33 -9.08
C PHE A 76 -0.48 13.33 -7.97
N GLU A 77 0.23 14.45 -8.01
CA GLU A 77 0.07 15.50 -7.00
C GLU A 77 -0.54 16.76 -7.62
N LYS A 78 -1.79 17.03 -7.29
CA LYS A 78 -2.50 18.20 -7.80
C LYS A 78 -3.35 18.84 -6.72
N ASP A 79 -3.28 20.17 -6.63
CA ASP A 79 -4.06 20.91 -5.64
C ASP A 79 -3.76 20.40 -4.23
N SER A 80 -2.53 19.95 -4.02
CA SER A 80 -2.11 19.43 -2.71
C SER A 80 -2.91 18.19 -2.34
N LYS A 81 -3.32 17.43 -3.37
CA LYS A 81 -4.09 16.21 -3.16
C LYS A 81 -3.67 15.13 -4.14
N PHE A 82 -3.58 13.90 -3.65
CA PHE A 82 -3.19 12.77 -4.49
C PHE A 82 -4.40 12.18 -5.21
N TYR A 83 -4.27 11.99 -6.51
CA TYR A 83 -5.35 11.42 -7.32
C TYR A 83 -4.82 10.41 -8.31
N LEU A 84 -5.70 9.53 -8.79
CA LEU A 84 -5.33 8.51 -9.75
C LEU A 84 -6.10 8.67 -11.05
N GLU A 85 -7.33 9.17 -10.95
CA GLU A 85 -8.18 9.38 -12.12
C GLU A 85 -8.15 10.84 -12.56
N GLY A 86 -8.03 11.74 -11.58
CA GLY A 86 -8.01 13.16 -11.89
C GLY A 86 -8.94 13.96 -11.00
N GLU A 87 -9.99 14.52 -11.59
CA GLU A 87 -10.95 15.31 -10.85
C GLU A 87 -11.14 14.77 -9.44
N VAL A 88 -11.06 13.44 -9.30
CA VAL A 88 -11.21 12.79 -8.01
C VAL A 88 -9.87 12.66 -7.30
N LEU A 89 -9.65 13.52 -6.32
CA LEU A 89 -8.40 13.50 -5.55
C LEU A 89 -8.68 13.24 -4.07
N PHE A 90 -7.63 13.32 -3.26
CA PHE A 90 -7.76 13.09 -1.82
C PHE A 90 -6.73 13.91 -1.05
N VAL A 91 -7.23 14.84 -0.24
CA VAL A 91 -6.36 15.71 0.56
C VAL A 91 -5.08 14.98 0.95
N SER A 92 -5.21 13.69 1.26
CA SER A 92 -4.06 12.88 1.66
C SER A 92 -4.31 11.41 1.38
N VAL A 93 -3.24 10.67 1.10
CA VAL A 93 -3.35 9.24 0.82
C VAL A 93 -4.38 8.58 1.72
N GLY A 94 -4.32 8.89 3.01
CA GLY A 94 -5.25 8.31 3.97
C GLY A 94 -6.67 8.31 3.45
N SER A 95 -7.24 9.50 3.28
CA SER A 95 -8.60 9.63 2.79
C SER A 95 -8.85 8.71 1.60
N MET A 96 -7.92 8.72 0.65
CA MET A 96 -8.04 7.88 -0.54
C MET A 96 -8.24 6.42 -0.16
N VAL A 97 -7.33 5.89 0.66
CA VAL A 97 -7.41 4.50 1.09
C VAL A 97 -8.79 4.19 1.68
N GLU A 98 -9.29 5.09 2.52
CA GLU A 98 -10.59 4.92 3.15
C GLU A 98 -11.71 4.98 2.11
N HIS A 99 -11.48 5.74 1.05
CA HIS A 99 -12.47 5.89 -0.02
C HIS A 99 -12.55 4.62 -0.86
N TYR A 100 -11.39 4.09 -1.25
CA TYR A 100 -11.33 2.87 -2.05
C TYR A 100 -11.91 1.69 -1.29
N HIS A 101 -11.73 1.69 0.03
CA HIS A 101 -12.23 0.63 0.88
C HIS A 101 -13.60 0.14 0.39
N THR A 102 -14.35 1.05 -0.23
CA THR A 102 -15.68 0.71 -0.73
C THR A 102 -15.73 0.83 -2.25
N HIS A 103 -14.80 1.59 -2.81
CA HIS A 103 -14.73 1.77 -4.26
C HIS A 103 -13.53 1.06 -4.86
N VAL A 104 -13.71 -0.21 -5.22
CA VAL A 104 -12.64 -1.00 -5.80
C VAL A 104 -11.76 -0.15 -6.73
N LEU A 105 -10.47 -0.46 -6.74
CA LEU A 105 -9.53 0.27 -7.58
C LEU A 105 -9.77 -0.02 -9.06
N PRO A 106 -9.34 0.92 -9.92
CA PRO A 106 -9.50 0.78 -11.38
C PRO A 106 -8.61 -0.32 -11.95
N SER A 107 -8.87 -0.69 -13.21
CA SER A 107 -8.10 -1.73 -13.87
C SER A 107 -8.30 -3.08 -13.19
N HIS A 108 -9.44 -3.24 -12.52
CA HIS A 108 -9.75 -4.48 -11.83
C HIS A 108 -11.26 -4.65 -11.67
N GLN A 109 -11.66 -5.70 -10.97
CA GLN A 109 -13.08 -5.98 -10.75
C GLN A 109 -13.44 -5.80 -9.29
N SER A 110 -12.77 -6.54 -8.41
CA SER A 110 -13.03 -6.46 -6.98
C SER A 110 -11.73 -6.41 -6.19
N LEU A 111 -10.89 -5.42 -6.52
CA LEU A 111 -9.61 -5.26 -5.85
C LEU A 111 -9.65 -4.06 -4.90
N LEU A 112 -9.94 -4.33 -3.63
CA LEU A 112 -10.01 -3.28 -2.62
C LEU A 112 -8.80 -3.35 -1.68
N LEU A 113 -8.66 -2.33 -0.84
CA LEU A 113 -7.55 -2.27 0.11
C LEU A 113 -7.96 -2.85 1.46
N ARG A 114 -7.40 -4.01 1.80
CA ARG A 114 -7.71 -4.67 3.06
C ARG A 114 -6.61 -4.41 4.09
N HIS A 115 -5.40 -4.85 3.78
CA HIS A 115 -4.26 -4.68 4.67
C HIS A 115 -3.07 -4.08 3.92
N PRO A 116 -2.40 -3.10 4.54
CA PRO A 116 -1.24 -2.44 3.95
C PRO A 116 -0.01 -3.35 3.89
N TYR A 117 1.03 -2.89 3.22
CA TYR A 117 2.25 -3.66 3.08
C TYR A 117 3.18 -3.43 4.28
N GLY A 118 4.02 -4.42 4.57
CA GLY A 118 4.94 -4.30 5.68
C GLY A 118 4.26 -4.48 7.03
N TYR A 119 3.14 -3.81 7.22
CA TYR A 119 2.39 -3.90 8.47
C TYR A 119 2.09 -5.36 8.83
N THR A 120 1.52 -5.56 10.01
CA THR A 120 1.18 -6.90 10.47
C THR A 120 -0.19 -6.92 11.13
N SER A 121 -0.94 -7.99 10.87
CA SER A 121 -2.28 -8.14 11.44
C SER A 121 -2.40 -9.44 12.21
N GLY A 122 -2.62 -9.33 13.52
CA GLY A 122 -2.76 -10.51 14.36
C GLY A 122 -3.88 -11.42 13.90
N PRO A 123 -3.80 -12.70 14.29
CA PRO A 123 -4.81 -13.70 13.93
C PRO A 123 -6.14 -13.47 14.62
N SER A 124 -7.22 -13.86 13.97
CA SER A 124 -8.56 -13.68 14.52
C SER A 124 -9.10 -15.00 15.07
N SER A 125 -8.23 -15.74 15.75
CA SER A 125 -8.62 -17.03 16.32
C SER A 125 -10.04 -16.98 16.87
N GLY A 126 -10.85 -17.97 16.51
CA GLY A 126 -12.22 -18.02 16.97
C GLY A 126 -13.19 -17.48 15.94
N GLY A 1 -7.32 15.55 30.33
CA GLY A 1 -8.10 14.60 31.08
C GLY A 1 -7.24 13.63 31.88
N SER A 2 -7.87 12.63 32.47
CA SER A 2 -7.16 11.64 33.27
C SER A 2 -6.09 10.95 32.44
N SER A 3 -5.05 10.46 33.12
CA SER A 3 -3.95 9.78 32.45
C SER A 3 -3.62 8.46 33.14
N GLY A 4 -2.80 7.64 32.50
CA GLY A 4 -2.43 6.36 33.06
C GLY A 4 -1.78 5.44 32.04
N SER A 5 -1.72 4.15 32.36
CA SER A 5 -1.12 3.17 31.47
C SER A 5 -1.78 3.20 30.10
N SER A 6 -0.97 3.09 29.06
CA SER A 6 -1.47 3.12 27.69
C SER A 6 -0.40 2.67 26.71
N GLY A 7 -0.84 2.20 25.54
CA GLY A 7 0.09 1.73 24.52
C GLY A 7 0.26 2.73 23.39
N GLU A 8 1.50 3.08 23.09
CA GLU A 8 1.79 4.03 22.02
C GLU A 8 2.58 3.36 20.90
N ASP A 9 1.88 2.63 20.05
CA ASP A 9 2.51 1.95 18.92
C ASP A 9 2.10 2.57 17.60
N TYR A 10 1.64 3.81 17.66
CA TYR A 10 1.20 4.53 16.46
C TYR A 10 0.58 3.57 15.45
N GLU A 11 -0.36 2.76 15.92
CA GLU A 11 -1.03 1.79 15.06
C GLU A 11 -2.27 2.41 14.42
N LYS A 12 -2.85 3.38 15.10
CA LYS A 12 -4.05 4.06 14.61
C LYS A 12 -3.68 5.17 13.64
N VAL A 13 -2.67 4.92 12.80
CA VAL A 13 -2.23 5.90 11.82
C VAL A 13 -2.77 5.56 10.43
N PRO A 14 -2.98 6.62 9.62
CA PRO A 14 -3.51 6.46 8.26
C PRO A 14 -2.49 5.83 7.32
N LEU A 15 -1.28 6.39 7.29
CA LEU A 15 -0.22 5.88 6.43
C LEU A 15 1.04 5.59 7.24
N PRO A 16 1.23 4.31 7.59
CA PRO A 16 2.40 3.87 8.37
C PRO A 16 3.69 3.96 7.57
N ASN A 17 4.82 3.97 8.28
CA ASN A 17 6.13 4.05 7.63
C ASN A 17 6.60 2.66 7.20
N SER A 18 5.66 1.79 6.86
CA SER A 18 5.98 0.43 6.44
C SER A 18 5.70 0.25 4.96
N VAL A 19 4.57 0.80 4.50
CA VAL A 19 4.19 0.68 3.10
C VAL A 19 5.21 1.38 2.19
N PHE A 20 5.63 2.57 2.59
CA PHE A 20 6.61 3.33 1.82
C PHE A 20 7.93 2.58 1.72
N VAL A 21 8.30 2.19 0.50
CA VAL A 21 9.54 1.47 0.27
C VAL A 21 10.45 2.23 -0.69
N ASN A 22 11.75 2.18 -0.42
CA ASN A 22 12.72 2.86 -1.27
C ASN A 22 13.15 1.99 -2.43
N THR A 23 12.26 1.08 -2.84
CA THR A 23 12.55 0.18 -3.95
C THR A 23 11.92 0.68 -5.24
N THR A 24 12.75 0.89 -6.25
CA THR A 24 12.28 1.37 -7.55
C THR A 24 12.20 0.23 -8.56
N GLU A 25 11.95 -0.97 -8.07
CA GLU A 25 11.85 -2.15 -8.94
C GLU A 25 10.56 -2.91 -8.69
N SER A 26 9.60 -2.75 -9.59
CA SER A 26 8.31 -3.42 -9.46
C SER A 26 8.49 -4.90 -9.13
N CYS A 27 9.58 -5.48 -9.64
CA CYS A 27 9.87 -6.89 -9.41
C CYS A 27 10.15 -7.15 -7.93
N GLU A 28 10.91 -6.25 -7.31
CA GLU A 28 11.24 -6.38 -5.89
C GLU A 28 9.98 -6.37 -5.03
N VAL A 29 9.16 -5.33 -5.20
CA VAL A 29 7.92 -5.21 -4.44
C VAL A 29 7.17 -6.52 -4.40
N GLU A 30 6.94 -7.11 -5.57
CA GLU A 30 6.22 -8.37 -5.66
C GLU A 30 6.88 -9.44 -4.79
N ARG A 31 8.21 -9.45 -4.78
CA ARG A 31 8.98 -10.41 -4.00
C ARG A 31 8.81 -10.15 -2.50
N LEU A 32 8.99 -8.89 -2.11
CA LEU A 32 8.86 -8.50 -0.71
C LEU A 32 7.54 -9.00 -0.12
N PHE A 33 6.46 -8.73 -0.84
CA PHE A 33 5.12 -9.14 -0.39
C PHE A 33 5.13 -10.59 0.08
N LYS A 34 5.40 -11.51 -0.84
CA LYS A 34 5.44 -12.93 -0.53
C LYS A 34 6.49 -13.22 0.54
N ALA A 35 7.54 -12.42 0.56
CA ALA A 35 8.61 -12.58 1.53
C ALA A 35 8.14 -12.21 2.94
N THR A 36 7.25 -11.22 3.01
CA THR A 36 6.73 -10.78 4.30
C THR A 36 5.44 -11.53 4.66
N SER A 37 5.28 -12.70 4.08
CA SER A 37 4.10 -13.53 4.33
C SER A 37 4.47 -14.78 5.12
N PRO A 38 3.59 -15.18 6.05
CA PRO A 38 3.80 -16.37 6.88
C PRO A 38 3.69 -17.66 6.08
N ARG A 39 2.87 -17.65 5.04
CA ARG A 39 2.68 -18.82 4.20
C ARG A 39 3.29 -18.60 2.82
N GLY A 40 4.37 -17.84 2.76
CA GLY A 40 5.03 -17.57 1.50
C GLY A 40 4.08 -17.00 0.46
N GLU A 41 3.00 -16.37 0.93
CA GLU A 41 2.02 -15.79 0.03
C GLU A 41 1.34 -14.58 0.69
N PRO A 42 1.24 -13.48 -0.08
CA PRO A 42 0.61 -12.24 0.41
C PRO A 42 -0.89 -12.38 0.58
N GLN A 43 -1.46 -11.54 1.44
CA GLN A 43 -2.90 -11.57 1.70
C GLN A 43 -3.64 -10.63 0.75
N ASP A 44 -4.72 -11.12 0.16
CA ASP A 44 -5.52 -10.32 -0.77
C ASP A 44 -5.73 -8.91 -0.22
N GLY A 45 -5.38 -7.90 -1.01
CA GLY A 45 -5.54 -6.53 -0.58
C GLY A 45 -4.23 -5.88 -0.20
N LEU A 46 -3.18 -6.70 -0.06
CA LEU A 46 -1.87 -6.20 0.31
C LEU A 46 -1.44 -5.05 -0.59
N TYR A 47 -1.49 -3.84 -0.06
CA TYR A 47 -1.11 -2.65 -0.82
C TYR A 47 0.11 -1.98 -0.20
N CYS A 48 0.77 -1.14 -0.99
CA CYS A 48 1.97 -0.43 -0.52
C CYS A 48 2.24 0.79 -1.39
N ILE A 49 3.36 1.46 -1.12
CA ILE A 49 3.74 2.64 -1.88
C ILE A 49 5.24 2.64 -2.21
N ARG A 50 5.55 2.50 -3.50
CA ARG A 50 6.93 2.47 -3.94
C ARG A 50 7.22 3.60 -4.92
N ASN A 51 8.50 3.93 -5.11
CA ASN A 51 8.89 4.99 -6.01
C ASN A 51 8.79 4.53 -7.46
N SER A 52 8.66 5.49 -8.37
CA SER A 52 8.56 5.18 -9.80
C SER A 52 9.75 5.74 -10.56
N SER A 53 9.98 7.04 -10.45
CA SER A 53 11.08 7.70 -11.13
C SER A 53 11.97 8.43 -10.13
N THR A 54 11.38 9.35 -9.38
CA THR A 54 12.11 10.12 -8.39
C THR A 54 11.18 10.68 -7.33
N LYS A 55 11.77 11.26 -6.28
CA LYS A 55 10.99 11.83 -5.19
C LYS A 55 9.83 12.67 -5.73
N SER A 56 8.91 13.05 -4.84
CA SER A 56 7.75 13.84 -5.23
C SER A 56 6.88 13.07 -6.21
N GLY A 57 6.63 11.79 -5.91
CA GLY A 57 5.81 10.97 -6.77
C GLY A 57 5.89 9.49 -6.42
N LYS A 58 4.73 8.87 -6.23
CA LYS A 58 4.67 7.45 -5.89
C LYS A 58 3.57 6.74 -6.67
N VAL A 59 3.68 5.43 -6.78
CA VAL A 59 2.69 4.63 -7.50
C VAL A 59 2.11 3.54 -6.61
N LEU A 60 0.95 3.80 -6.04
CA LEU A 60 0.29 2.84 -5.17
C LEU A 60 0.26 1.45 -5.81
N VAL A 61 0.98 0.51 -5.21
CA VAL A 61 1.04 -0.85 -5.72
C VAL A 61 0.22 -1.80 -4.86
N VAL A 62 -0.87 -2.30 -5.41
CA VAL A 62 -1.74 -3.23 -4.69
C VAL A 62 -1.60 -4.65 -5.22
N TRP A 63 -1.69 -5.62 -4.32
CA TRP A 63 -1.57 -7.02 -4.69
C TRP A 63 -2.90 -7.59 -5.15
N ASP A 64 -2.87 -8.49 -6.11
CA ASP A 64 -4.09 -9.11 -6.63
C ASP A 64 -4.10 -10.61 -6.36
N GLU A 65 -4.90 -11.02 -5.37
CA GLU A 65 -5.00 -12.42 -5.01
C GLU A 65 -5.79 -13.21 -6.06
N THR A 66 -6.78 -12.55 -6.65
CA THR A 66 -7.62 -13.19 -7.66
C THR A 66 -6.86 -13.32 -8.99
N SER A 67 -5.94 -12.40 -9.23
CA SER A 67 -5.14 -12.41 -10.46
C SER A 67 -3.73 -12.93 -10.18
N ASN A 68 -3.34 -12.91 -8.91
CA ASN A 68 -2.01 -13.38 -8.52
C ASN A 68 -0.93 -12.49 -9.13
N LYS A 69 -1.11 -11.19 -9.06
CA LYS A 69 -0.14 -10.24 -9.61
C LYS A 69 -0.24 -8.89 -8.90
N VAL A 70 0.62 -7.97 -9.29
CA VAL A 70 0.64 -6.63 -8.70
C VAL A 70 0.30 -5.57 -9.74
N ARG A 71 -0.49 -4.58 -9.33
CA ARG A 71 -0.88 -3.50 -10.23
C ARG A 71 -0.03 -2.26 -9.98
N ASN A 72 -0.32 -1.19 -10.72
CA ASN A 72 0.43 0.06 -10.59
C ASN A 72 -0.51 1.26 -10.65
N TYR A 73 -0.74 1.88 -9.50
CA TYR A 73 -1.62 3.05 -9.43
C TYR A 73 -0.82 4.32 -9.19
N ARG A 74 -0.47 5.01 -10.28
CA ARG A 74 0.30 6.24 -10.19
C ARG A 74 -0.41 7.26 -9.31
N ILE A 75 0.34 7.86 -8.39
CA ILE A 75 -0.22 8.86 -7.48
C ILE A 75 0.13 10.27 -7.93
N PHE A 76 -0.73 10.85 -8.77
CA PHE A 76 -0.51 12.20 -9.27
C PHE A 76 -0.76 13.24 -8.18
N GLU A 77 -0.49 14.50 -8.50
CA GLU A 77 -0.69 15.58 -7.54
C GLU A 77 -1.45 16.74 -8.19
N LYS A 78 -2.77 16.76 -7.98
CA LYS A 78 -3.62 17.80 -8.55
C LYS A 78 -4.44 18.48 -7.46
N ASP A 79 -4.62 19.79 -7.57
CA ASP A 79 -5.39 20.55 -6.61
C ASP A 79 -4.92 20.25 -5.18
N SER A 80 -3.65 19.88 -5.06
CA SER A 80 -3.08 19.57 -3.75
C SER A 80 -3.71 18.30 -3.18
N LYS A 81 -4.08 17.37 -4.05
CA LYS A 81 -4.69 16.13 -3.64
C LYS A 81 -4.18 14.96 -4.48
N PHE A 82 -3.89 13.84 -3.83
CA PHE A 82 -3.39 12.65 -4.52
C PHE A 82 -4.54 11.93 -5.24
N TYR A 83 -4.39 11.78 -6.55
CA TYR A 83 -5.41 11.11 -7.36
C TYR A 83 -4.79 10.05 -8.25
N LEU A 84 -5.62 9.15 -8.77
CA LEU A 84 -5.14 8.08 -9.64
C LEU A 84 -5.84 8.14 -11.00
N GLU A 85 -7.10 8.57 -10.99
CA GLU A 85 -7.88 8.67 -12.21
C GLU A 85 -7.84 10.10 -12.76
N GLY A 86 -7.99 11.07 -11.88
CA GLY A 86 -7.97 12.46 -12.30
C GLY A 86 -9.06 13.28 -11.64
N GLU A 87 -10.29 12.77 -11.67
CA GLU A 87 -11.42 13.47 -11.08
C GLU A 87 -11.55 13.13 -9.60
N VAL A 88 -11.11 11.93 -9.22
CA VAL A 88 -11.17 11.48 -7.84
C VAL A 88 -9.83 11.66 -7.14
N LEU A 89 -9.69 12.72 -6.37
CA LEU A 89 -8.46 13.01 -5.66
C LEU A 89 -8.68 12.92 -4.15
N PHE A 90 -7.60 13.11 -3.39
CA PHE A 90 -7.67 13.05 -1.93
C PHE A 90 -6.62 13.96 -1.30
N VAL A 91 -7.08 14.90 -0.48
CA VAL A 91 -6.18 15.84 0.19
C VAL A 91 -4.98 15.10 0.78
N SER A 92 -5.14 13.82 1.06
CA SER A 92 -4.07 13.02 1.63
C SER A 92 -4.26 11.55 1.29
N VAL A 93 -3.14 10.82 1.16
CA VAL A 93 -3.19 9.40 0.83
C VAL A 93 -4.10 8.64 1.79
N GLY A 94 -4.05 9.01 3.07
CA GLY A 94 -4.88 8.36 4.07
C GLY A 94 -6.34 8.32 3.66
N SER A 95 -6.93 9.49 3.45
CA SER A 95 -8.33 9.57 3.06
C SER A 95 -8.63 8.67 1.87
N MET A 96 -7.74 8.72 0.87
CA MET A 96 -7.90 7.92 -0.33
C MET A 96 -8.11 6.44 0.02
N VAL A 97 -7.21 5.91 0.84
CA VAL A 97 -7.30 4.51 1.26
C VAL A 97 -8.67 4.20 1.85
N GLU A 98 -9.12 5.04 2.77
CA GLU A 98 -10.41 4.86 3.41
C GLU A 98 -11.53 4.88 2.38
N HIS A 99 -11.37 5.69 1.35
CA HIS A 99 -12.37 5.81 0.29
C HIS A 99 -12.43 4.53 -0.53
N TYR A 100 -11.26 4.04 -0.94
CA TYR A 100 -11.18 2.83 -1.75
C TYR A 100 -11.72 1.63 -0.97
N HIS A 101 -11.48 1.61 0.33
CA HIS A 101 -11.94 0.53 1.19
C HIS A 101 -13.34 0.07 0.77
N THR A 102 -14.11 0.99 0.20
CA THR A 102 -15.47 0.69 -0.24
C THR A 102 -15.57 0.70 -1.75
N HIS A 103 -14.71 1.47 -2.40
CA HIS A 103 -14.71 1.58 -3.86
C HIS A 103 -13.46 0.92 -4.45
N VAL A 104 -13.67 -0.23 -5.09
CA VAL A 104 -12.56 -0.96 -5.71
C VAL A 104 -11.73 -0.06 -6.60
N LEU A 105 -10.44 -0.38 -6.73
CA LEU A 105 -9.54 0.40 -7.56
C LEU A 105 -9.80 0.14 -9.04
N PRO A 106 -9.43 1.12 -9.89
CA PRO A 106 -9.60 1.02 -11.34
C PRO A 106 -8.67 -0.01 -11.96
N SER A 107 -9.06 -0.52 -13.13
CA SER A 107 -8.26 -1.51 -13.84
C SER A 107 -8.39 -2.87 -13.18
N HIS A 108 -9.51 -3.09 -12.48
CA HIS A 108 -9.75 -4.35 -11.80
C HIS A 108 -11.23 -4.51 -11.48
N GLN A 109 -11.58 -5.59 -10.78
CA GLN A 109 -12.96 -5.86 -10.41
C GLN A 109 -13.07 -6.18 -8.92
N SER A 110 -12.17 -7.04 -8.44
CA SER A 110 -12.18 -7.44 -7.03
C SER A 110 -10.82 -7.16 -6.40
N LEU A 111 -10.34 -5.93 -6.56
CA LEU A 111 -9.06 -5.53 -6.00
C LEU A 111 -9.21 -4.31 -5.11
N LEU A 112 -9.49 -4.54 -3.83
CA LEU A 112 -9.65 -3.45 -2.87
C LEU A 112 -8.46 -3.37 -1.92
N LEU A 113 -8.51 -2.42 -0.99
CA LEU A 113 -7.44 -2.24 -0.03
C LEU A 113 -7.85 -2.77 1.34
N ARG A 114 -7.35 -3.96 1.67
CA ARG A 114 -7.66 -4.59 2.95
C ARG A 114 -6.58 -4.27 3.99
N HIS A 115 -5.35 -4.73 3.71
CA HIS A 115 -4.23 -4.50 4.61
C HIS A 115 -3.03 -3.96 3.86
N PRO A 116 -2.35 -2.97 4.45
CA PRO A 116 -1.17 -2.35 3.85
C PRO A 116 0.04 -3.28 3.82
N TYR A 117 1.14 -2.81 3.25
CA TYR A 117 2.36 -3.61 3.16
C TYR A 117 3.28 -3.35 4.35
N GLY A 118 4.04 -4.36 4.72
CA GLY A 118 4.96 -4.23 5.85
C GLY A 118 4.26 -4.37 7.18
N TYR A 119 3.11 -3.72 7.31
CA TYR A 119 2.34 -3.76 8.55
C TYR A 119 2.05 -5.21 8.96
N THR A 120 1.98 -5.44 10.26
CA THR A 120 1.73 -6.78 10.79
C THR A 120 0.34 -6.86 11.42
N SER A 121 -0.54 -7.64 10.79
CA SER A 121 -1.90 -7.80 11.28
C SER A 121 -2.17 -9.26 11.65
N GLY A 122 -2.02 -9.57 12.94
CA GLY A 122 -2.26 -10.93 13.40
C GLY A 122 -1.49 -11.24 14.67
N PRO A 123 -1.67 -12.47 15.17
CA PRO A 123 -1.00 -12.93 16.40
C PRO A 123 0.49 -13.12 16.20
N SER A 124 1.28 -12.67 17.18
CA SER A 124 2.73 -12.78 17.10
C SER A 124 3.17 -14.23 17.34
N SER A 125 2.85 -14.76 18.50
CA SER A 125 3.22 -16.14 18.85
C SER A 125 2.00 -16.90 19.37
N GLY A 126 1.55 -17.88 18.58
CA GLY A 126 0.40 -18.67 18.98
C GLY A 126 0.24 -19.92 18.13
N GLY A 1 24.44 -2.43 30.62
CA GLY A 1 23.12 -2.71 30.08
C GLY A 1 22.09 -1.67 30.48
N SER A 2 22.09 -0.54 29.78
CA SER A 2 21.15 0.54 30.07
C SER A 2 19.75 0.00 30.32
N SER A 3 18.98 0.71 31.13
CA SER A 3 17.62 0.29 31.46
C SER A 3 16.60 1.20 30.78
N GLY A 4 15.94 0.68 29.75
CA GLY A 4 14.95 1.46 29.04
C GLY A 4 14.62 0.87 27.69
N SER A 5 13.41 0.32 27.56
CA SER A 5 12.98 -0.28 26.30
C SER A 5 12.85 0.77 25.21
N SER A 6 13.76 0.73 24.24
CA SER A 6 13.76 1.68 23.14
C SER A 6 12.73 1.29 22.09
N GLY A 7 12.06 2.28 21.51
CA GLY A 7 11.07 2.03 20.49
C GLY A 7 9.74 2.72 20.78
N GLU A 8 9.32 3.57 19.86
CA GLU A 8 8.06 4.30 20.02
C GLU A 8 6.87 3.43 19.67
N ASP A 9 5.70 3.79 20.17
CA ASP A 9 4.47 3.03 19.91
C ASP A 9 3.57 3.79 18.94
N TYR A 10 3.73 3.50 17.65
CA TYR A 10 2.93 4.15 16.62
C TYR A 10 2.38 3.14 15.63
N GLU A 11 1.12 2.76 15.83
CA GLU A 11 0.47 1.78 14.96
C GLU A 11 -0.87 2.32 14.45
N LYS A 12 -1.50 3.16 15.25
CA LYS A 12 -2.80 3.74 14.89
C LYS A 12 -2.65 4.72 13.74
N VAL A 13 -1.41 4.90 13.28
CA VAL A 13 -1.13 5.82 12.18
C VAL A 13 -1.88 5.40 10.92
N PRO A 14 -2.25 6.39 10.10
CA PRO A 14 -2.99 6.14 8.84
C PRO A 14 -2.11 5.47 7.79
N LEU A 15 -0.95 6.07 7.53
CA LEU A 15 -0.02 5.53 6.54
C LEU A 15 1.31 5.20 7.18
N PRO A 16 1.50 3.92 7.54
CA PRO A 16 2.74 3.43 8.17
C PRO A 16 3.91 3.43 7.19
N ASN A 17 5.05 3.95 7.65
CA ASN A 17 6.25 4.00 6.82
C ASN A 17 6.49 2.66 6.13
N SER A 18 5.91 1.60 6.68
CA SER A 18 6.06 0.27 6.12
C SER A 18 5.69 0.24 4.64
N VAL A 19 4.49 0.70 4.33
CA VAL A 19 4.02 0.74 2.95
C VAL A 19 4.97 1.54 2.06
N PHE A 20 5.69 2.46 2.67
CA PHE A 20 6.64 3.29 1.93
C PHE A 20 7.98 2.57 1.76
N VAL A 21 8.23 2.08 0.55
CA VAL A 21 9.47 1.37 0.26
C VAL A 21 10.40 2.21 -0.60
N ASN A 22 11.69 2.14 -0.31
CA ASN A 22 12.68 2.90 -1.06
C ASN A 22 13.09 2.17 -2.33
N THR A 23 12.16 1.38 -2.87
CA THR A 23 12.42 0.62 -4.09
C THR A 23 11.77 1.28 -5.30
N THR A 24 12.52 1.38 -6.39
CA THR A 24 12.00 1.98 -7.62
C THR A 24 11.75 0.94 -8.69
N GLU A 25 11.36 -0.25 -8.27
CA GLU A 25 11.08 -1.35 -9.20
C GLU A 25 9.92 -2.21 -8.70
N SER A 26 9.31 -2.94 -9.62
CA SER A 26 8.18 -3.80 -9.28
C SER A 26 8.66 -5.20 -8.90
N CYS A 27 9.59 -5.73 -9.68
CA CYS A 27 10.14 -7.06 -9.42
C CYS A 27 10.39 -7.26 -7.93
N GLU A 28 10.90 -6.22 -7.27
CA GLU A 28 11.20 -6.29 -5.85
C GLU A 28 9.91 -6.34 -5.03
N VAL A 29 9.14 -5.26 -5.09
CA VAL A 29 7.88 -5.17 -4.35
C VAL A 29 7.19 -6.53 -4.29
N GLU A 30 6.94 -7.12 -5.47
CA GLU A 30 6.27 -8.41 -5.55
C GLU A 30 6.97 -9.43 -4.65
N ARG A 31 8.30 -9.39 -4.62
CA ARG A 31 9.07 -10.31 -3.80
C ARG A 31 8.83 -10.05 -2.32
N LEU A 32 9.00 -8.80 -1.90
CA LEU A 32 8.79 -8.42 -0.50
C LEU A 32 7.45 -8.92 0.00
N PHE A 33 6.37 -8.52 -0.66
CA PHE A 33 5.04 -8.94 -0.27
C PHE A 33 5.04 -10.38 0.23
N LYS A 34 5.41 -11.30 -0.65
CA LYS A 34 5.46 -12.72 -0.30
C LYS A 34 6.36 -12.95 0.91
N ALA A 35 7.40 -12.14 1.03
CA ALA A 35 8.34 -12.26 2.14
C ALA A 35 7.64 -11.99 3.47
N THR A 36 7.01 -10.82 3.57
CA THR A 36 6.31 -10.44 4.78
C THR A 36 5.50 -11.61 5.35
N SER A 37 4.89 -12.38 4.46
CA SER A 37 4.08 -13.53 4.87
C SER A 37 4.98 -14.68 5.30
N PRO A 38 4.61 -15.34 6.41
CA PRO A 38 5.37 -16.47 6.95
C PRO A 38 5.25 -17.72 6.07
N ARG A 39 4.29 -17.69 5.14
CA ARG A 39 4.06 -18.81 4.23
C ARG A 39 4.47 -18.45 2.82
N GLY A 40 5.30 -17.42 2.68
CA GLY A 40 5.74 -16.99 1.38
C GLY A 40 4.59 -16.73 0.42
N GLU A 41 3.44 -16.39 0.98
CA GLU A 41 2.25 -16.11 0.17
C GLU A 41 1.48 -14.92 0.73
N PRO A 42 1.39 -13.84 -0.06
CA PRO A 42 0.69 -12.62 0.34
C PRO A 42 -0.83 -12.82 0.39
N GLN A 43 -1.52 -11.95 1.11
CA GLN A 43 -2.96 -12.02 1.24
C GLN A 43 -3.66 -11.07 0.27
N ASP A 44 -4.89 -11.38 -0.07
CA ASP A 44 -5.66 -10.55 -0.99
C ASP A 44 -5.91 -9.16 -0.40
N GLY A 45 -5.37 -8.14 -1.05
CA GLY A 45 -5.54 -6.78 -0.58
C GLY A 45 -4.22 -6.13 -0.20
N LEU A 46 -3.15 -6.91 -0.24
CA LEU A 46 -1.82 -6.40 0.10
C LEU A 46 -1.45 -5.23 -0.79
N TYR A 47 -1.43 -4.03 -0.20
CA TYR A 47 -1.09 -2.82 -0.93
C TYR A 47 0.12 -2.13 -0.32
N CYS A 48 0.72 -1.21 -1.08
CA CYS A 48 1.89 -0.48 -0.60
C CYS A 48 2.12 0.78 -1.44
N ILE A 49 3.20 1.48 -1.15
CA ILE A 49 3.53 2.70 -1.87
C ILE A 49 5.03 2.77 -2.18
N ARG A 50 5.37 2.65 -3.46
CA ARG A 50 6.76 2.69 -3.88
C ARG A 50 7.04 3.96 -4.67
N ASN A 51 8.31 4.14 -5.06
CA ASN A 51 8.71 5.32 -5.82
C ASN A 51 8.54 5.08 -7.32
N SER A 52 8.44 6.18 -8.08
CA SER A 52 8.27 6.08 -9.52
C SER A 52 9.54 6.51 -10.24
N SER A 53 9.72 6.01 -11.46
CA SER A 53 10.91 6.34 -12.26
C SER A 53 11.21 7.82 -12.19
N THR A 54 10.17 8.64 -12.32
CA THR A 54 10.33 10.09 -12.27
C THR A 54 11.16 10.51 -11.06
N LYS A 55 11.59 11.78 -11.06
CA LYS A 55 12.39 12.30 -9.97
C LYS A 55 11.62 12.26 -8.65
N SER A 56 10.48 12.94 -8.62
CA SER A 56 9.65 12.98 -7.42
C SER A 56 8.23 12.51 -7.72
N GLY A 57 7.92 11.29 -7.30
CA GLY A 57 6.59 10.74 -7.54
C GLY A 57 6.39 9.40 -6.86
N LYS A 58 5.12 9.03 -6.66
CA LYS A 58 4.79 7.76 -6.02
C LYS A 58 3.79 6.98 -6.84
N VAL A 59 3.73 5.67 -6.61
CA VAL A 59 2.81 4.81 -7.34
C VAL A 59 2.20 3.75 -6.42
N LEU A 60 0.90 3.81 -6.24
CA LEU A 60 0.20 2.86 -5.38
C LEU A 60 0.17 1.47 -6.01
N VAL A 61 0.78 0.50 -5.33
CA VAL A 61 0.82 -0.86 -5.83
C VAL A 61 0.00 -1.80 -4.94
N VAL A 62 -0.94 -2.50 -5.56
CA VAL A 62 -1.80 -3.44 -4.83
C VAL A 62 -1.57 -4.87 -5.29
N TRP A 63 -1.81 -5.82 -4.40
CA TRP A 63 -1.64 -7.24 -4.71
C TRP A 63 -2.95 -7.86 -5.16
N ASP A 64 -2.88 -8.70 -6.19
CA ASP A 64 -4.07 -9.37 -6.72
C ASP A 64 -4.02 -10.87 -6.43
N GLU A 65 -4.82 -11.30 -5.47
CA GLU A 65 -4.87 -12.71 -5.09
C GLU A 65 -5.58 -13.53 -6.17
N THR A 66 -6.59 -12.94 -6.79
CA THR A 66 -7.35 -13.62 -7.84
C THR A 66 -6.48 -13.86 -9.07
N SER A 67 -5.58 -12.92 -9.34
CA SER A 67 -4.69 -13.03 -10.50
C SER A 67 -3.29 -13.46 -10.07
N ASN A 68 -3.01 -13.33 -8.78
CA ASN A 68 -1.71 -13.72 -8.24
C ASN A 68 -0.60 -12.87 -8.83
N LYS A 69 -0.85 -11.55 -8.91
CA LYS A 69 0.13 -10.63 -9.45
C LYS A 69 0.03 -9.26 -8.78
N VAL A 70 0.80 -8.30 -9.26
CA VAL A 70 0.80 -6.96 -8.69
C VAL A 70 0.26 -5.94 -9.70
N ARG A 71 -0.43 -4.93 -9.20
CA ARG A 71 -1.00 -3.89 -10.05
C ARG A 71 -0.17 -2.61 -9.98
N ASN A 72 -0.65 -1.57 -10.65
CA ASN A 72 0.05 -0.29 -10.67
C ASN A 72 -0.93 0.87 -10.69
N TYR A 73 -0.79 1.80 -9.75
CA TYR A 73 -1.67 2.96 -9.66
C TYR A 73 -0.86 4.24 -9.48
N ARG A 74 -0.56 4.91 -10.58
CA ARG A 74 0.20 6.15 -10.53
C ARG A 74 -0.48 7.17 -9.63
N ILE A 75 0.30 7.77 -8.73
CA ILE A 75 -0.24 8.78 -7.82
C ILE A 75 0.18 10.18 -8.22
N PHE A 76 -0.77 10.95 -8.75
CA PHE A 76 -0.50 12.31 -9.18
C PHE A 76 -0.75 13.31 -8.06
N GLU A 77 -0.45 14.57 -8.31
CA GLU A 77 -0.65 15.62 -7.32
C GLU A 77 -1.34 16.83 -7.92
N LYS A 78 -2.59 17.06 -7.51
CA LYS A 78 -3.37 18.18 -8.02
C LYS A 78 -4.23 18.79 -6.91
N ASP A 79 -4.32 20.11 -6.90
CA ASP A 79 -5.10 20.82 -5.90
C ASP A 79 -4.73 20.37 -4.50
N SER A 80 -3.48 19.92 -4.34
CA SER A 80 -3.01 19.45 -3.04
C SER A 80 -3.71 18.17 -2.63
N LYS A 81 -4.06 17.35 -3.62
CA LYS A 81 -4.74 16.08 -3.35
C LYS A 81 -4.28 15.00 -4.33
N PHE A 82 -3.82 13.88 -3.80
CA PHE A 82 -3.35 12.77 -4.62
C PHE A 82 -4.50 12.17 -5.42
N TYR A 83 -4.29 12.03 -6.72
CA TYR A 83 -5.31 11.46 -7.61
C TYR A 83 -4.70 10.44 -8.56
N LEU A 84 -5.54 9.57 -9.11
CA LEU A 84 -5.09 8.54 -10.03
C LEU A 84 -5.56 8.84 -11.45
N GLU A 85 -6.78 9.36 -11.56
CA GLU A 85 -7.35 9.70 -12.87
C GLU A 85 -7.45 11.21 -13.04
N GLY A 86 -7.66 11.91 -11.93
CA GLY A 86 -7.77 13.36 -11.98
C GLY A 86 -8.88 13.89 -11.10
N GLU A 87 -10.12 13.77 -11.58
CA GLU A 87 -11.28 14.24 -10.83
C GLU A 87 -11.24 13.72 -9.40
N VAL A 88 -10.95 12.43 -9.25
CA VAL A 88 -10.89 11.81 -7.93
C VAL A 88 -9.51 12.00 -7.30
N LEU A 89 -9.44 12.84 -6.28
CA LEU A 89 -8.18 13.11 -5.60
C LEU A 89 -8.32 12.87 -4.09
N PHE A 90 -7.27 13.20 -3.35
CA PHE A 90 -7.29 13.03 -1.90
C PHE A 90 -6.19 13.87 -1.24
N VAL A 91 -6.60 14.87 -0.47
CA VAL A 91 -5.65 15.75 0.21
C VAL A 91 -4.45 14.97 0.71
N SER A 92 -4.67 13.71 1.08
CA SER A 92 -3.60 12.86 1.58
C SER A 92 -3.88 11.40 1.28
N VAL A 93 -2.82 10.61 1.15
CA VAL A 93 -2.96 9.19 0.86
C VAL A 93 -3.97 8.53 1.79
N GLY A 94 -3.91 8.88 3.07
CA GLY A 94 -4.83 8.32 4.05
C GLY A 94 -6.26 8.31 3.55
N SER A 95 -6.84 9.50 3.39
CA SER A 95 -8.22 9.62 2.92
C SER A 95 -8.48 8.66 1.77
N MET A 96 -7.65 8.72 0.74
CA MET A 96 -7.79 7.86 -0.43
C MET A 96 -8.02 6.41 0.00
N VAL A 97 -7.09 5.88 0.79
CA VAL A 97 -7.19 4.50 1.27
C VAL A 97 -8.55 4.25 1.91
N GLU A 98 -8.99 5.17 2.75
CA GLU A 98 -10.27 5.04 3.42
C GLU A 98 -11.43 5.12 2.43
N HIS A 99 -11.24 5.89 1.37
CA HIS A 99 -12.25 6.05 0.34
C HIS A 99 -12.39 4.78 -0.50
N TYR A 100 -11.25 4.26 -0.96
CA TYR A 100 -11.24 3.05 -1.77
C TYR A 100 -11.76 1.86 -0.98
N HIS A 101 -11.53 1.88 0.33
CA HIS A 101 -11.97 0.80 1.21
C HIS A 101 -13.36 0.32 0.82
N THR A 102 -14.13 1.21 0.18
CA THR A 102 -15.49 0.88 -0.23
C THR A 102 -15.62 0.94 -1.75
N HIS A 103 -14.79 1.77 -2.38
CA HIS A 103 -14.82 1.93 -3.83
C HIS A 103 -13.63 1.23 -4.47
N VAL A 104 -13.85 0.02 -4.97
CA VAL A 104 -12.80 -0.76 -5.61
C VAL A 104 -11.97 0.11 -6.55
N LEU A 105 -10.68 -0.20 -6.66
CA LEU A 105 -9.79 0.56 -7.53
C LEU A 105 -10.07 0.26 -8.99
N PRO A 106 -9.68 1.19 -9.87
CA PRO A 106 -9.88 1.05 -11.32
C PRO A 106 -8.98 -0.03 -11.92
N SER A 107 -9.37 -0.54 -13.08
CA SER A 107 -8.60 -1.58 -13.76
C SER A 107 -8.79 -2.93 -13.08
N HIS A 108 -9.92 -3.08 -12.38
CA HIS A 108 -10.21 -4.33 -11.68
C HIS A 108 -11.72 -4.48 -11.45
N GLN A 109 -12.11 -5.55 -10.79
CA GLN A 109 -13.52 -5.82 -10.51
C GLN A 109 -13.82 -5.63 -9.03
N SER A 110 -13.12 -6.37 -8.18
CA SER A 110 -13.32 -6.30 -6.74
C SER A 110 -11.98 -6.24 -6.00
N LEU A 111 -11.15 -5.27 -6.37
CA LEU A 111 -9.84 -5.11 -5.76
C LEU A 111 -9.83 -3.90 -4.82
N LEU A 112 -9.94 -4.16 -3.52
CA LEU A 112 -9.93 -3.10 -2.52
C LEU A 112 -8.71 -3.21 -1.61
N LEU A 113 -8.48 -2.17 -0.82
CA LEU A 113 -7.34 -2.15 0.10
C LEU A 113 -7.73 -2.73 1.44
N ARG A 114 -7.34 -3.97 1.68
CA ARG A 114 -7.65 -4.65 2.94
C ARG A 114 -6.52 -4.46 3.94
N HIS A 115 -5.33 -4.92 3.59
CA HIS A 115 -4.16 -4.80 4.45
C HIS A 115 -2.97 -4.22 3.69
N PRO A 116 -2.28 -3.24 4.32
CA PRO A 116 -1.12 -2.60 3.71
C PRO A 116 0.09 -3.54 3.63
N TYR A 117 1.19 -3.02 3.10
CA TYR A 117 2.41 -3.81 2.97
C TYR A 117 3.32 -3.63 4.18
N GLY A 118 4.13 -4.64 4.46
CA GLY A 118 5.05 -4.58 5.59
C GLY A 118 4.34 -4.82 6.91
N TYR A 119 3.21 -4.15 7.11
CA TYR A 119 2.43 -4.28 8.34
C TYR A 119 2.00 -5.73 8.54
N THR A 120 2.08 -6.19 9.79
CA THR A 120 1.69 -7.56 10.12
C THR A 120 0.25 -7.62 10.62
N SER A 121 -0.45 -8.70 10.28
CA SER A 121 -1.83 -8.87 10.70
C SER A 121 -2.10 -10.32 11.09
N GLY A 122 -2.48 -10.52 12.34
CA GLY A 122 -2.77 -11.87 12.82
C GLY A 122 -3.81 -11.88 13.91
N PRO A 123 -3.45 -11.38 15.10
CA PRO A 123 -4.36 -11.33 16.25
C PRO A 123 -5.47 -10.31 16.07
N SER A 124 -5.48 -9.65 14.91
CA SER A 124 -6.49 -8.65 14.61
C SER A 124 -7.87 -9.29 14.51
N SER A 125 -8.68 -9.10 15.54
CA SER A 125 -10.03 -9.66 15.57
C SER A 125 -11.08 -8.57 15.69
N GLY A 126 -12.18 -8.72 14.97
CA GLY A 126 -13.25 -7.73 15.02
C GLY A 126 -14.40 -8.16 15.92
N GLY A 1 24.18 -5.36 15.44
CA GLY A 1 23.03 -6.09 15.97
C GLY A 1 21.71 -5.44 15.58
N SER A 2 20.65 -6.23 15.57
CA SER A 2 19.33 -5.74 15.21
C SER A 2 18.55 -5.29 16.45
N SER A 3 17.94 -4.11 16.36
CA SER A 3 17.17 -3.57 17.49
C SER A 3 16.09 -2.63 16.98
N GLY A 4 15.11 -2.35 17.85
CA GLY A 4 14.02 -1.46 17.48
C GLY A 4 12.95 -1.39 18.54
N SER A 5 11.88 -0.66 18.26
CA SER A 5 10.78 -0.51 19.20
C SER A 5 9.44 -0.43 18.46
N SER A 6 8.36 -0.71 19.19
CA SER A 6 7.03 -0.69 18.61
C SER A 6 6.82 0.56 17.75
N GLY A 7 7.07 1.72 18.37
CA GLY A 7 6.90 2.98 17.66
C GLY A 7 6.05 3.97 18.42
N GLU A 8 6.45 4.28 19.65
CA GLU A 8 5.71 5.22 20.48
C GLU A 8 4.22 4.96 20.38
N ASP A 9 3.85 3.72 20.10
CA ASP A 9 2.44 3.33 19.99
C ASP A 9 1.77 4.09 18.85
N TYR A 10 2.46 4.19 17.72
CA TYR A 10 1.92 4.89 16.56
C TYR A 10 1.24 3.92 15.60
N GLU A 11 0.53 2.93 16.16
CA GLU A 11 -0.15 1.95 15.34
C GLU A 11 -1.46 2.51 14.79
N LYS A 12 -1.97 3.55 15.45
CA LYS A 12 -3.22 4.18 15.02
C LYS A 12 -2.95 5.25 13.97
N VAL A 13 -2.01 4.98 13.07
CA VAL A 13 -1.66 5.91 12.01
C VAL A 13 -2.37 5.56 10.71
N PRO A 14 -2.70 6.57 9.91
CA PRO A 14 -3.38 6.39 8.62
C PRO A 14 -2.47 5.75 7.58
N LEU A 15 -1.29 6.33 7.39
CA LEU A 15 -0.33 5.81 6.42
C LEU A 15 1.02 5.53 7.08
N PRO A 16 1.25 4.27 7.45
CA PRO A 16 2.50 3.84 8.09
C PRO A 16 3.69 3.88 7.14
N ASN A 17 4.87 4.13 7.69
CA ASN A 17 6.09 4.19 6.89
C ASN A 17 6.46 2.82 6.34
N SER A 18 5.65 1.82 6.68
CA SER A 18 5.90 0.44 6.23
C SER A 18 5.48 0.28 4.77
N VAL A 19 4.37 0.89 4.40
CA VAL A 19 3.87 0.81 3.04
C VAL A 19 4.78 1.55 2.07
N PHE A 20 5.50 2.54 2.57
CA PHE A 20 6.41 3.33 1.76
C PHE A 20 7.77 2.66 1.67
N VAL A 21 8.05 2.07 0.51
CA VAL A 21 9.33 1.39 0.29
C VAL A 21 10.25 2.23 -0.58
N ASN A 22 11.55 2.07 -0.38
CA ASN A 22 12.55 2.82 -1.15
C ASN A 22 12.88 2.09 -2.45
N THR A 23 11.90 1.37 -2.98
CA THR A 23 12.08 0.63 -4.23
C THR A 23 11.30 1.27 -5.37
N THR A 24 11.78 1.09 -6.59
CA THR A 24 11.13 1.64 -7.77
C THR A 24 10.99 0.59 -8.87
N GLU A 25 10.95 -0.67 -8.47
CA GLU A 25 10.82 -1.76 -9.43
C GLU A 25 9.70 -2.72 -9.02
N SER A 26 8.55 -2.60 -9.68
CA SER A 26 7.40 -3.44 -9.38
C SER A 26 7.85 -4.86 -9.06
N CYS A 27 8.83 -5.36 -9.82
CA CYS A 27 9.34 -6.71 -9.62
C CYS A 27 9.69 -6.94 -8.15
N GLU A 28 10.55 -6.10 -7.60
CA GLU A 28 10.97 -6.21 -6.21
C GLU A 28 9.76 -6.36 -5.29
N VAL A 29 8.88 -5.36 -5.31
CA VAL A 29 7.69 -5.38 -4.48
C VAL A 29 7.08 -6.77 -4.42
N GLU A 30 6.82 -7.35 -5.59
CA GLU A 30 6.24 -8.68 -5.67
C GLU A 30 6.95 -9.64 -4.73
N ARG A 31 8.28 -9.63 -4.79
CA ARG A 31 9.10 -10.50 -3.95
C ARG A 31 8.97 -10.13 -2.48
N LEU A 32 8.98 -8.83 -2.21
CA LEU A 32 8.85 -8.34 -0.84
C LEU A 32 7.57 -8.83 -0.20
N PHE A 33 6.44 -8.59 -0.86
CA PHE A 33 5.14 -9.01 -0.36
C PHE A 33 5.17 -10.47 0.08
N LYS A 34 5.55 -11.35 -0.84
CA LYS A 34 5.62 -12.78 -0.55
C LYS A 34 6.75 -13.08 0.43
N ALA A 35 7.77 -12.22 0.42
CA ALA A 35 8.92 -12.38 1.31
C ALA A 35 8.52 -12.17 2.76
N THR A 36 8.11 -10.95 3.09
CA THR A 36 7.71 -10.62 4.45
C THR A 36 6.70 -11.62 4.99
N SER A 37 6.08 -12.37 4.08
CA SER A 37 5.10 -13.37 4.47
C SER A 37 5.77 -14.66 4.92
N PRO A 38 5.30 -15.21 6.05
CA PRO A 38 5.85 -16.45 6.62
C PRO A 38 5.52 -17.67 5.76
N ARG A 39 4.31 -17.70 5.22
CA ARG A 39 3.87 -18.81 4.39
C ARG A 39 4.22 -18.56 2.92
N GLY A 40 5.15 -17.64 2.69
CA GLY A 40 5.56 -17.32 1.33
C GLY A 40 4.39 -16.98 0.44
N GLU A 41 3.38 -16.33 1.01
CA GLU A 41 2.19 -15.94 0.25
C GLU A 41 1.48 -14.77 0.92
N PRO A 42 1.40 -13.63 0.21
CA PRO A 42 0.75 -12.42 0.72
C PRO A 42 -0.77 -12.59 0.82
N GLN A 43 -1.39 -11.76 1.66
CA GLN A 43 -2.83 -11.81 1.85
C GLN A 43 -3.55 -10.90 0.85
N ASP A 44 -4.69 -11.37 0.34
CA ASP A 44 -5.46 -10.61 -0.62
C ASP A 44 -5.72 -9.19 -0.10
N GLY A 45 -5.40 -8.20 -0.92
CA GLY A 45 -5.61 -6.81 -0.53
C GLY A 45 -4.31 -6.12 -0.17
N LEU A 46 -3.25 -6.89 -0.04
CA LEU A 46 -1.94 -6.34 0.32
C LEU A 46 -1.56 -5.20 -0.62
N TYR A 47 -1.54 -3.98 -0.08
CA TYR A 47 -1.19 -2.80 -0.87
C TYR A 47 0.02 -2.09 -0.27
N CYS A 48 0.63 -1.21 -1.07
CA CYS A 48 1.80 -0.46 -0.62
C CYS A 48 2.02 0.77 -1.49
N ILE A 49 3.10 1.49 -1.23
CA ILE A 49 3.42 2.70 -1.99
C ILE A 49 4.91 2.77 -2.29
N ARG A 50 5.26 2.54 -3.56
CA ARG A 50 6.65 2.58 -3.99
C ARG A 50 7.08 4.01 -4.31
N ASN A 51 8.31 4.15 -4.80
CA ASN A 51 8.84 5.47 -5.14
C ASN A 51 8.77 5.72 -6.65
N SER A 52 8.43 6.94 -7.03
CA SER A 52 8.32 7.30 -8.44
C SER A 52 9.47 8.22 -8.85
N SER A 53 9.79 8.21 -10.14
CA SER A 53 10.88 9.04 -10.66
C SER A 53 10.56 10.52 -10.49
N THR A 54 9.34 10.91 -10.86
CA THR A 54 8.91 12.30 -10.75
C THR A 54 8.95 12.77 -9.30
N LYS A 55 9.76 13.80 -9.05
CA LYS A 55 9.88 14.35 -7.70
C LYS A 55 8.51 14.59 -7.08
N SER A 56 8.41 14.37 -5.77
CA SER A 56 7.16 14.56 -5.07
C SER A 56 6.05 13.69 -5.66
N GLY A 57 6.41 12.47 -6.04
CA GLY A 57 5.44 11.56 -6.62
C GLY A 57 5.56 10.15 -6.06
N LYS A 58 4.49 9.38 -6.17
CA LYS A 58 4.47 8.01 -5.68
C LYS A 58 3.61 7.12 -6.57
N VAL A 59 3.62 5.83 -6.27
CA VAL A 59 2.83 4.87 -7.04
C VAL A 59 2.20 3.82 -6.14
N LEU A 60 0.87 3.75 -6.15
CA LEU A 60 0.14 2.78 -5.33
C LEU A 60 0.14 1.41 -5.98
N VAL A 61 0.67 0.42 -5.27
CA VAL A 61 0.73 -0.95 -5.78
C VAL A 61 -0.07 -1.90 -4.88
N VAL A 62 -1.03 -2.59 -5.49
CA VAL A 62 -1.87 -3.53 -4.75
C VAL A 62 -1.62 -4.96 -5.22
N TRP A 63 -1.86 -5.92 -4.32
CA TRP A 63 -1.67 -7.33 -4.64
C TRP A 63 -2.98 -7.98 -5.03
N ASP A 64 -3.01 -8.61 -6.19
CA ASP A 64 -4.22 -9.28 -6.68
C ASP A 64 -4.14 -10.78 -6.41
N GLU A 65 -4.61 -11.20 -5.24
CA GLU A 65 -4.60 -12.62 -4.87
C GLU A 65 -5.36 -13.45 -5.89
N THR A 66 -6.33 -12.83 -6.56
CA THR A 66 -7.14 -13.52 -7.55
C THR A 66 -6.29 -13.92 -8.76
N SER A 67 -5.29 -13.11 -9.06
CA SER A 67 -4.41 -13.38 -10.20
C SER A 67 -2.96 -13.53 -9.74
N ASN A 68 -2.77 -13.67 -8.43
CA ASN A 68 -1.44 -13.82 -7.87
C ASN A 68 -0.44 -12.90 -8.56
N LYS A 69 -0.83 -11.64 -8.75
CA LYS A 69 0.02 -10.66 -9.40
C LYS A 69 -0.05 -9.31 -8.69
N VAL A 70 0.62 -8.31 -9.25
CA VAL A 70 0.63 -6.98 -8.67
C VAL A 70 0.17 -5.93 -9.69
N ARG A 71 -0.42 -4.84 -9.19
CA ARG A 71 -0.89 -3.77 -10.05
C ARG A 71 -0.14 -2.47 -9.78
N ASN A 72 -0.27 -1.51 -10.70
CA ASN A 72 0.39 -0.23 -10.55
C ASN A 72 -0.60 0.93 -10.67
N TYR A 73 -0.57 1.83 -9.70
CA TYR A 73 -1.46 2.98 -9.69
C TYR A 73 -0.70 4.27 -9.43
N ARG A 74 -0.30 4.94 -10.51
CA ARG A 74 0.45 6.19 -10.40
C ARG A 74 -0.29 7.17 -9.50
N ILE A 75 0.44 7.74 -8.53
CA ILE A 75 -0.15 8.71 -7.61
C ILE A 75 0.23 10.13 -7.99
N PHE A 76 -0.61 10.75 -8.81
CA PHE A 76 -0.38 12.12 -9.26
C PHE A 76 -0.53 13.10 -8.11
N GLU A 77 -0.12 14.34 -8.34
CA GLU A 77 -0.21 15.38 -7.31
C GLU A 77 -0.82 16.66 -7.88
N LYS A 78 -2.10 16.87 -7.62
CA LYS A 78 -2.79 18.06 -8.11
C LYS A 78 -3.53 18.76 -6.97
N ASP A 79 -3.60 20.08 -7.05
CA ASP A 79 -4.27 20.87 -6.03
C ASP A 79 -3.87 20.42 -4.63
N SER A 80 -2.62 19.97 -4.50
CA SER A 80 -2.10 19.51 -3.22
C SER A 80 -2.90 18.29 -2.73
N LYS A 81 -3.26 17.42 -3.65
CA LYS A 81 -4.02 16.22 -3.32
C LYS A 81 -3.66 15.07 -4.26
N PHE A 82 -3.40 13.90 -3.68
CA PHE A 82 -3.05 12.73 -4.47
C PHE A 82 -4.26 12.18 -5.21
N TYR A 83 -4.09 11.94 -6.51
CA TYR A 83 -5.17 11.42 -7.33
C TYR A 83 -4.65 10.38 -8.33
N LEU A 84 -5.55 9.50 -8.78
CA LEU A 84 -5.18 8.46 -9.73
C LEU A 84 -5.97 8.60 -11.02
N GLU A 85 -7.19 9.12 -10.92
CA GLU A 85 -8.04 9.32 -12.09
C GLU A 85 -8.00 10.77 -12.55
N GLY A 86 -7.82 11.69 -11.61
CA GLY A 86 -7.76 13.10 -11.94
C GLY A 86 -8.77 13.92 -11.17
N GLU A 87 -9.84 14.33 -11.84
CA GLU A 87 -10.87 15.14 -11.21
C GLU A 87 -11.09 14.71 -9.75
N VAL A 88 -10.98 13.40 -9.51
CA VAL A 88 -11.16 12.86 -8.17
C VAL A 88 -9.81 12.73 -7.45
N LEU A 89 -9.56 13.61 -6.50
CA LEU A 89 -8.32 13.59 -5.73
C LEU A 89 -8.59 13.32 -4.25
N PHE A 90 -7.53 13.31 -3.46
CA PHE A 90 -7.65 13.07 -2.03
C PHE A 90 -6.67 13.94 -1.24
N VAL A 91 -7.21 14.82 -0.41
CA VAL A 91 -6.40 15.72 0.40
C VAL A 91 -5.13 15.03 0.86
N SER A 92 -5.20 13.70 1.05
CA SER A 92 -4.06 12.92 1.49
C SER A 92 -4.28 11.44 1.21
N VAL A 93 -3.18 10.71 1.07
CA VAL A 93 -3.24 9.28 0.80
C VAL A 93 -4.27 8.59 1.70
N GLY A 94 -4.27 8.97 2.97
CA GLY A 94 -5.20 8.39 3.93
C GLY A 94 -6.62 8.38 3.41
N SER A 95 -7.18 9.57 3.18
CA SER A 95 -8.54 9.69 2.69
C SER A 95 -8.79 8.75 1.51
N MET A 96 -7.82 8.69 0.60
CA MET A 96 -7.91 7.83 -0.57
C MET A 96 -8.10 6.38 -0.16
N VAL A 97 -7.24 5.91 0.75
CA VAL A 97 -7.32 4.53 1.22
C VAL A 97 -8.69 4.21 1.77
N GLU A 98 -9.24 5.14 2.54
CA GLU A 98 -10.56 4.95 3.14
C GLU A 98 -11.65 4.97 2.07
N HIS A 99 -11.43 5.75 1.02
CA HIS A 99 -12.39 5.85 -0.07
C HIS A 99 -12.47 4.54 -0.86
N TYR A 100 -11.30 4.02 -1.23
CA TYR A 100 -11.24 2.77 -1.98
C TYR A 100 -11.79 1.61 -1.18
N HIS A 101 -11.58 1.66 0.13
CA HIS A 101 -12.06 0.61 1.02
C HIS A 101 -13.47 0.16 0.64
N THR A 102 -14.20 1.06 -0.03
CA THR A 102 -15.56 0.76 -0.45
C THR A 102 -15.70 0.89 -1.97
N HIS A 103 -14.79 1.65 -2.58
CA HIS A 103 -14.82 1.85 -4.02
C HIS A 103 -13.61 1.18 -4.69
N VAL A 104 -13.78 -0.07 -5.10
CA VAL A 104 -12.71 -0.81 -5.75
C VAL A 104 -11.87 0.09 -6.64
N LEU A 105 -10.58 -0.24 -6.77
CA LEU A 105 -9.67 0.55 -7.59
C LEU A 105 -9.94 0.32 -9.08
N PRO A 106 -9.53 1.29 -9.91
CA PRO A 106 -9.71 1.21 -11.36
C PRO A 106 -8.83 0.14 -12.00
N SER A 107 -9.12 -0.19 -13.25
CA SER A 107 -8.36 -1.19 -13.98
C SER A 107 -8.53 -2.57 -13.34
N HIS A 108 -9.65 -2.75 -12.65
CA HIS A 108 -9.93 -4.02 -11.98
C HIS A 108 -11.44 -4.23 -11.83
N GLN A 109 -11.82 -5.30 -11.15
CA GLN A 109 -13.23 -5.61 -10.93
C GLN A 109 -13.59 -5.49 -9.45
N SER A 110 -12.94 -6.29 -8.62
CA SER A 110 -13.21 -6.28 -7.19
C SER A 110 -11.90 -6.30 -6.41
N LEU A 111 -11.05 -5.31 -6.65
CA LEU A 111 -9.76 -5.20 -5.97
C LEU A 111 -9.76 -4.01 -5.02
N LEU A 112 -10.02 -4.29 -3.74
CA LEU A 112 -10.04 -3.24 -2.72
C LEU A 112 -8.82 -3.36 -1.81
N LEU A 113 -8.68 -2.40 -0.91
CA LEU A 113 -7.56 -2.38 0.02
C LEU A 113 -7.98 -2.94 1.38
N ARG A 114 -7.39 -4.07 1.76
CA ARG A 114 -7.70 -4.70 3.04
C ARG A 114 -6.61 -4.41 4.07
N HIS A 115 -5.38 -4.84 3.76
CA HIS A 115 -4.26 -4.63 4.66
C HIS A 115 -3.05 -4.06 3.90
N PRO A 116 -2.42 -3.04 4.48
CA PRO A 116 -1.25 -2.39 3.88
C PRO A 116 -0.02 -3.29 3.88
N TYR A 117 1.02 -2.86 3.18
CA TYR A 117 2.26 -3.63 3.09
C TYR A 117 3.16 -3.35 4.29
N GLY A 118 3.92 -4.36 4.70
CA GLY A 118 4.82 -4.20 5.83
C GLY A 118 4.10 -4.30 7.16
N TYR A 119 2.98 -3.60 7.28
CA TYR A 119 2.19 -3.62 8.51
C TYR A 119 1.93 -5.05 8.97
N THR A 120 1.63 -5.21 10.25
CA THR A 120 1.34 -6.52 10.82
C THR A 120 -0.12 -6.64 11.22
N SER A 121 -0.67 -7.84 11.03
CA SER A 121 -2.08 -8.09 11.37
C SER A 121 -2.27 -9.53 11.83
N GLY A 122 -3.27 -9.74 12.68
CA GLY A 122 -3.54 -11.07 13.19
C GLY A 122 -2.41 -11.62 14.04
N PRO A 123 -2.39 -12.94 14.23
CA PRO A 123 -1.37 -13.62 15.03
C PRO A 123 -0.01 -13.60 14.35
N SER A 124 1.04 -13.92 15.11
CA SER A 124 2.39 -13.93 14.59
C SER A 124 2.41 -14.51 13.17
N SER A 125 1.71 -15.61 12.97
CA SER A 125 1.65 -16.26 11.67
C SER A 125 0.23 -16.23 11.11
N GLY A 126 0.08 -15.64 9.93
CA GLY A 126 -1.24 -15.55 9.31
C GLY A 126 -1.58 -14.14 8.86
N GLY A 1 24.10 -4.88 26.20
CA GLY A 1 23.10 -5.48 27.07
C GLY A 1 22.24 -4.44 27.77
N SER A 2 21.61 -3.58 26.99
CA SER A 2 20.76 -2.53 27.53
C SER A 2 19.28 -2.87 27.35
N SER A 3 18.42 -2.09 27.98
CA SER A 3 16.97 -2.31 27.88
C SER A 3 16.39 -1.54 26.70
N GLY A 4 16.76 -0.27 26.59
CA GLY A 4 16.26 0.55 25.50
C GLY A 4 14.90 1.15 25.80
N SER A 5 13.95 0.92 24.90
CA SER A 5 12.59 1.43 25.08
C SER A 5 11.59 0.30 25.25
N SER A 6 10.54 0.54 26.02
CA SER A 6 9.51 -0.46 26.27
C SER A 6 8.82 -0.85 24.97
N GLY A 7 8.47 0.15 24.17
CA GLY A 7 7.80 -0.10 22.91
C GLY A 7 6.81 0.99 22.54
N GLU A 8 6.29 0.93 21.32
CA GLU A 8 5.33 1.92 20.85
C GLU A 8 4.03 1.25 20.41
N ASP A 9 2.93 2.00 20.51
CA ASP A 9 1.62 1.49 20.14
C ASP A 9 0.99 2.35 19.05
N TYR A 10 1.61 2.37 17.87
CA TYR A 10 1.11 3.17 16.76
C TYR A 10 0.40 2.29 15.74
N GLU A 11 -0.81 1.85 16.09
CA GLU A 11 -1.60 1.00 15.21
C GLU A 11 -2.79 1.76 14.63
N LYS A 12 -3.22 2.78 15.35
CA LYS A 12 -4.36 3.60 14.92
C LYS A 12 -3.90 4.71 13.97
N VAL A 13 -2.93 4.37 13.11
CA VAL A 13 -2.40 5.34 12.15
C VAL A 13 -2.97 5.09 10.76
N PRO A 14 -3.19 6.17 10.01
CA PRO A 14 -3.73 6.10 8.64
C PRO A 14 -2.72 5.50 7.65
N LEU A 15 -1.52 6.06 7.64
CA LEU A 15 -0.47 5.59 6.74
C LEU A 15 0.80 5.27 7.52
N PRO A 16 1.03 3.98 7.77
CA PRO A 16 2.21 3.51 8.51
C PRO A 16 3.50 3.67 7.70
N ASN A 17 4.63 3.71 8.40
CA ASN A 17 5.92 3.86 7.74
C ASN A 17 6.46 2.51 7.29
N SER A 18 5.56 1.61 6.89
CA SER A 18 5.94 0.28 6.44
C SER A 18 5.60 0.10 4.96
N VAL A 19 4.46 0.64 4.55
CA VAL A 19 4.02 0.54 3.16
C VAL A 19 4.96 1.30 2.23
N PHE A 20 5.36 2.50 2.66
CA PHE A 20 6.25 3.34 1.86
C PHE A 20 7.62 2.69 1.73
N VAL A 21 7.90 2.12 0.56
CA VAL A 21 9.18 1.47 0.31
C VAL A 21 10.06 2.33 -0.60
N ASN A 22 11.36 2.24 -0.41
CA ASN A 22 12.31 3.01 -1.21
C ASN A 22 12.76 2.21 -2.43
N THR A 23 11.92 1.25 -2.85
CA THR A 23 12.24 0.42 -4.00
C THR A 23 11.55 0.93 -5.26
N THR A 24 12.34 1.30 -6.25
CA THR A 24 11.80 1.81 -7.51
C THR A 24 11.71 0.71 -8.56
N GLU A 25 11.49 -0.52 -8.10
CA GLU A 25 11.38 -1.66 -9.00
C GLU A 25 10.12 -2.47 -8.70
N SER A 26 9.09 -2.25 -9.50
CA SER A 26 7.82 -2.95 -9.32
C SER A 26 8.06 -4.43 -9.05
N CYS A 27 9.00 -5.02 -9.79
CA CYS A 27 9.32 -6.43 -9.63
C CYS A 27 9.74 -6.73 -8.19
N GLU A 28 10.62 -5.90 -7.65
CA GLU A 28 11.09 -6.09 -6.28
C GLU A 28 9.94 -6.17 -5.31
N VAL A 29 9.01 -5.21 -5.40
CA VAL A 29 7.85 -5.18 -4.52
C VAL A 29 7.15 -6.53 -4.50
N GLU A 30 6.93 -7.11 -5.67
CA GLU A 30 6.26 -8.40 -5.78
C GLU A 30 6.95 -9.44 -4.90
N ARG A 31 8.28 -9.42 -4.91
CA ARG A 31 9.07 -10.37 -4.12
C ARG A 31 8.86 -10.13 -2.63
N LEU A 32 9.05 -8.88 -2.20
CA LEU A 32 8.88 -8.51 -0.80
C LEU A 32 7.55 -9.03 -0.25
N PHE A 33 6.46 -8.63 -0.90
CA PHE A 33 5.13 -9.05 -0.48
C PHE A 33 5.14 -10.51 -0.02
N LYS A 34 5.50 -11.41 -0.92
CA LYS A 34 5.55 -12.83 -0.61
C LYS A 34 6.55 -13.10 0.50
N ALA A 35 7.66 -12.37 0.50
CA ALA A 35 8.69 -12.54 1.51
C ALA A 35 8.13 -12.24 2.91
N THR A 36 7.73 -10.99 3.13
CA THR A 36 7.18 -10.59 4.42
C THR A 36 6.25 -11.66 4.98
N SER A 37 5.69 -12.47 4.11
CA SER A 37 4.78 -13.54 4.51
C SER A 37 5.55 -14.74 5.03
N PRO A 38 5.02 -15.39 6.07
CA PRO A 38 5.64 -16.58 6.68
C PRO A 38 5.58 -17.80 5.76
N ARG A 39 4.50 -17.91 5.01
CA ARG A 39 4.32 -19.03 4.10
C ARG A 39 4.74 -18.65 2.68
N GLY A 40 5.35 -17.48 2.55
CA GLY A 40 5.79 -17.02 1.24
C GLY A 40 4.64 -16.64 0.34
N GLU A 41 3.45 -16.51 0.92
CA GLU A 41 2.26 -16.14 0.16
C GLU A 41 1.59 -14.92 0.75
N PRO A 42 1.50 -13.84 -0.04
CA PRO A 42 0.88 -12.59 0.39
C PRO A 42 -0.64 -12.71 0.55
N GLN A 43 -1.21 -11.86 1.38
CA GLN A 43 -2.65 -11.88 1.62
C GLN A 43 -3.37 -10.96 0.64
N ASP A 44 -4.55 -11.40 0.19
CA ASP A 44 -5.35 -10.62 -0.75
C ASP A 44 -5.62 -9.22 -0.20
N GLY A 45 -5.38 -8.21 -1.03
CA GLY A 45 -5.60 -6.84 -0.62
C GLY A 45 -4.33 -6.13 -0.22
N LEU A 46 -3.24 -6.89 -0.14
CA LEU A 46 -1.94 -6.33 0.23
C LEU A 46 -1.57 -5.16 -0.68
N TYR A 47 -1.63 -3.95 -0.13
CA TYR A 47 -1.31 -2.75 -0.89
C TYR A 47 -0.10 -2.04 -0.28
N CYS A 48 0.51 -1.16 -1.07
CA CYS A 48 1.68 -0.41 -0.62
C CYS A 48 1.90 0.82 -1.49
N ILE A 49 2.99 1.54 -1.22
CA ILE A 49 3.31 2.74 -1.98
C ILE A 49 4.82 2.83 -2.25
N ARG A 50 5.21 2.55 -3.49
CA ARG A 50 6.61 2.61 -3.88
C ARG A 50 6.92 3.90 -4.64
N ASN A 51 8.20 4.18 -4.82
CA ASN A 51 8.63 5.38 -5.54
C ASN A 51 8.42 5.22 -7.04
N SER A 52 8.14 6.32 -7.72
CA SER A 52 7.93 6.31 -9.16
C SER A 52 9.23 6.55 -9.91
N SER A 53 9.31 6.02 -11.13
CA SER A 53 10.51 6.18 -11.94
C SER A 53 11.13 7.55 -11.74
N THR A 54 10.28 8.58 -11.70
CA THR A 54 10.75 9.95 -11.51
C THR A 54 11.05 10.23 -10.05
N LYS A 55 12.11 11.00 -9.79
CA LYS A 55 12.50 11.34 -8.43
C LYS A 55 11.28 11.60 -7.57
N SER A 56 10.45 12.55 -7.99
CA SER A 56 9.24 12.89 -7.24
C SER A 56 8.02 12.21 -7.84
N GLY A 57 7.38 11.36 -7.02
CA GLY A 57 6.20 10.65 -7.49
C GLY A 57 6.04 9.30 -6.81
N LYS A 58 4.80 8.89 -6.58
CA LYS A 58 4.52 7.62 -5.94
C LYS A 58 3.52 6.81 -6.76
N VAL A 59 3.63 5.48 -6.67
CA VAL A 59 2.73 4.60 -7.41
C VAL A 59 2.11 3.55 -6.48
N LEU A 60 0.81 3.68 -6.25
CA LEU A 60 0.09 2.75 -5.39
C LEU A 60 0.05 1.35 -6.01
N VAL A 61 0.69 0.40 -5.36
CA VAL A 61 0.73 -0.98 -5.83
C VAL A 61 -0.10 -1.89 -4.94
N VAL A 62 -1.00 -2.66 -5.54
CA VAL A 62 -1.84 -3.58 -4.80
C VAL A 62 -1.63 -5.02 -5.26
N TRP A 63 -1.86 -5.97 -4.36
CA TRP A 63 -1.69 -7.38 -4.66
C TRP A 63 -3.01 -8.00 -5.09
N ASP A 64 -3.00 -8.63 -6.26
CA ASP A 64 -4.21 -9.27 -6.78
C ASP A 64 -4.18 -10.77 -6.52
N GLU A 65 -4.66 -11.18 -5.36
CA GLU A 65 -4.69 -12.59 -4.99
C GLU A 65 -5.41 -13.42 -6.06
N THR A 66 -6.33 -12.79 -6.77
CA THR A 66 -7.09 -13.47 -7.81
C THR A 66 -6.19 -13.87 -8.97
N SER A 67 -5.17 -13.05 -9.24
CA SER A 67 -4.24 -13.32 -10.33
C SER A 67 -2.82 -13.46 -9.80
N ASN A 68 -2.69 -13.56 -8.48
CA ASN A 68 -1.39 -13.70 -7.85
C ASN A 68 -0.36 -12.79 -8.51
N LYS A 69 -0.72 -11.52 -8.68
CA LYS A 69 0.17 -10.55 -9.30
C LYS A 69 0.09 -9.21 -8.58
N VAL A 70 0.80 -8.20 -9.11
CA VAL A 70 0.80 -6.88 -8.53
C VAL A 70 0.28 -5.84 -9.51
N ARG A 71 -0.45 -4.85 -9.00
CA ARG A 71 -1.01 -3.80 -9.84
C ARG A 71 -0.26 -2.48 -9.61
N ASN A 72 -0.39 -1.56 -10.56
CA ASN A 72 0.27 -0.27 -10.48
C ASN A 72 -0.75 0.87 -10.60
N TYR A 73 -0.72 1.79 -9.64
CA TYR A 73 -1.64 2.92 -9.64
C TYR A 73 -0.88 4.23 -9.43
N ARG A 74 -0.52 4.87 -10.53
CA ARG A 74 0.21 6.14 -10.47
C ARG A 74 -0.50 7.13 -9.55
N ILE A 75 0.26 7.74 -8.65
CA ILE A 75 -0.29 8.71 -7.71
C ILE A 75 0.09 10.14 -8.10
N PHE A 76 -0.74 10.77 -8.92
CA PHE A 76 -0.48 12.14 -9.37
C PHE A 76 -0.61 13.12 -8.21
N GLU A 77 -0.25 14.37 -8.46
CA GLU A 77 -0.32 15.40 -7.44
C GLU A 77 -0.96 16.68 -8.00
N LYS A 78 -2.26 16.81 -7.82
CA LYS A 78 -2.99 17.99 -8.31
C LYS A 78 -3.69 18.70 -7.16
N ASP A 79 -3.75 20.03 -7.25
CA ASP A 79 -4.40 20.83 -6.23
C ASP A 79 -3.95 20.40 -4.83
N SER A 80 -2.72 19.93 -4.73
CA SER A 80 -2.17 19.47 -3.45
C SER A 80 -2.93 18.27 -2.93
N LYS A 81 -3.36 17.40 -3.85
CA LYS A 81 -4.11 16.21 -3.48
C LYS A 81 -3.72 15.02 -4.36
N PHE A 82 -3.51 13.87 -3.73
CA PHE A 82 -3.13 12.66 -4.46
C PHE A 82 -4.33 12.08 -5.21
N TYR A 83 -4.20 11.98 -6.52
CA TYR A 83 -5.26 11.44 -7.36
C TYR A 83 -4.73 10.39 -8.33
N LEU A 84 -5.60 9.50 -8.79
CA LEU A 84 -5.21 8.46 -9.72
C LEU A 84 -5.95 8.61 -11.05
N GLU A 85 -7.21 9.03 -10.97
CA GLU A 85 -8.03 9.21 -12.16
C GLU A 85 -7.99 10.66 -12.63
N GLY A 86 -8.01 11.59 -11.68
CA GLY A 86 -7.96 13.00 -12.02
C GLY A 86 -8.98 13.82 -11.23
N GLU A 87 -10.04 14.25 -11.90
CA GLU A 87 -11.07 15.04 -11.26
C GLU A 87 -11.27 14.61 -9.81
N VAL A 88 -11.09 13.32 -9.55
CA VAL A 88 -11.25 12.78 -8.19
C VAL A 88 -9.90 12.68 -7.50
N LEU A 89 -9.66 13.58 -6.55
CA LEU A 89 -8.41 13.60 -5.80
C LEU A 89 -8.66 13.37 -4.31
N PHE A 90 -7.59 13.32 -3.54
CA PHE A 90 -7.68 13.11 -2.10
C PHE A 90 -6.65 13.95 -1.35
N VAL A 91 -7.13 14.91 -0.56
CA VAL A 91 -6.24 15.77 0.21
C VAL A 91 -4.98 15.03 0.63
N SER A 92 -5.16 13.83 1.17
CA SER A 92 -4.03 13.02 1.61
C SER A 92 -4.30 11.54 1.39
N VAL A 93 -3.23 10.77 1.16
CA VAL A 93 -3.35 9.34 0.93
C VAL A 93 -4.35 8.70 1.90
N GLY A 94 -4.24 9.08 3.18
CA GLY A 94 -5.13 8.54 4.18
C GLY A 94 -6.58 8.50 3.72
N SER A 95 -7.14 9.68 3.45
CA SER A 95 -8.52 9.78 3.00
C SER A 95 -8.76 8.89 1.78
N MET A 96 -7.82 8.90 0.84
CA MET A 96 -7.92 8.10 -0.37
C MET A 96 -8.14 6.63 -0.03
N VAL A 97 -7.26 6.10 0.83
CA VAL A 97 -7.36 4.70 1.24
C VAL A 97 -8.74 4.37 1.77
N GLU A 98 -9.26 5.24 2.62
CA GLU A 98 -10.59 5.04 3.21
C GLU A 98 -11.67 5.06 2.13
N HIS A 99 -11.45 5.89 1.10
CA HIS A 99 -12.40 6.01 0.00
C HIS A 99 -12.46 4.72 -0.81
N TYR A 100 -11.30 4.16 -1.11
CA TYR A 100 -11.21 2.93 -1.88
C TYR A 100 -11.75 1.74 -1.08
N HIS A 101 -11.50 1.76 0.22
CA HIS A 101 -11.98 0.69 1.11
C HIS A 101 -13.35 0.21 0.69
N THR A 102 -14.17 1.13 0.18
CA THR A 102 -15.52 0.80 -0.25
C THR A 102 -15.66 0.94 -1.77
N HIS A 103 -14.75 1.69 -2.38
CA HIS A 103 -14.77 1.89 -3.82
C HIS A 103 -13.59 1.21 -4.49
N VAL A 104 -13.78 -0.05 -4.89
CA VAL A 104 -12.72 -0.81 -5.55
C VAL A 104 -11.89 0.07 -6.47
N LEU A 105 -10.59 -0.20 -6.53
CA LEU A 105 -9.69 0.57 -7.37
C LEU A 105 -10.01 0.37 -8.84
N PRO A 106 -9.62 1.34 -9.67
CA PRO A 106 -9.86 1.29 -11.12
C PRO A 106 -9.01 0.23 -11.81
N SER A 107 -9.35 -0.07 -13.06
CA SER A 107 -8.62 -1.08 -13.83
C SER A 107 -8.75 -2.46 -13.19
N HIS A 108 -9.83 -2.65 -12.44
CA HIS A 108 -10.09 -3.93 -11.78
C HIS A 108 -11.58 -4.14 -11.56
N GLN A 109 -11.92 -5.24 -10.91
CA GLN A 109 -13.32 -5.57 -10.64
C GLN A 109 -13.62 -5.51 -9.15
N SER A 110 -12.89 -6.29 -8.37
CA SER A 110 -13.08 -6.33 -6.92
C SER A 110 -11.74 -6.28 -6.20
N LEU A 111 -10.97 -5.24 -6.46
CA LEU A 111 -9.66 -5.08 -5.83
C LEU A 111 -9.65 -3.89 -4.88
N LEU A 112 -9.91 -4.15 -3.61
CA LEU A 112 -9.94 -3.10 -2.59
C LEU A 112 -8.71 -3.19 -1.70
N LEU A 113 -8.53 -2.17 -0.86
CA LEU A 113 -7.39 -2.13 0.05
C LEU A 113 -7.78 -2.69 1.42
N ARG A 114 -7.52 -3.98 1.61
CA ARG A 114 -7.84 -4.64 2.87
C ARG A 114 -6.74 -4.41 3.90
N HIS A 115 -5.54 -4.91 3.60
CA HIS A 115 -4.40 -4.76 4.49
C HIS A 115 -3.21 -4.16 3.77
N PRO A 116 -2.54 -3.19 4.40
CA PRO A 116 -1.37 -2.52 3.83
C PRO A 116 -0.15 -3.44 3.74
N TYR A 117 0.93 -2.93 3.18
CA TYR A 117 2.15 -3.70 3.03
C TYR A 117 3.09 -3.48 4.21
N GLY A 118 3.97 -4.45 4.47
CA GLY A 118 4.90 -4.33 5.56
C GLY A 118 4.25 -4.58 6.91
N TYR A 119 3.10 -3.97 7.12
CA TYR A 119 2.37 -4.13 8.38
C TYR A 119 2.12 -5.60 8.69
N THR A 120 2.69 -6.08 9.79
CA THR A 120 2.53 -7.48 10.19
C THR A 120 1.08 -7.77 10.59
N SER A 121 0.52 -8.83 10.01
CA SER A 121 -0.86 -9.21 10.30
C SER A 121 -0.96 -10.70 10.57
N GLY A 122 -0.78 -11.08 11.84
CA GLY A 122 -0.85 -12.48 12.21
C GLY A 122 0.45 -13.00 12.78
N PRO A 123 0.72 -14.30 12.60
CA PRO A 123 1.93 -14.95 13.09
C PRO A 123 3.17 -14.49 12.34
N SER A 124 4.34 -14.88 12.84
CA SER A 124 5.61 -14.51 12.22
C SER A 124 6.56 -15.70 12.16
N SER A 125 7.15 -15.92 11.00
CA SER A 125 8.07 -17.03 10.80
C SER A 125 9.42 -16.75 11.48
N GLY A 126 9.98 -15.59 11.20
CA GLY A 126 11.25 -15.21 11.80
C GLY A 126 12.39 -15.23 10.80
N GLY A 1 24.11 0.35 21.36
CA GLY A 1 23.54 -0.20 20.15
C GLY A 1 22.53 0.73 19.52
N SER A 2 22.06 0.36 18.33
CA SER A 2 21.08 1.17 17.62
C SER A 2 19.87 1.47 18.50
N SER A 3 19.77 2.73 18.92
CA SER A 3 18.66 3.16 19.78
C SER A 3 17.39 3.35 18.96
N GLY A 4 16.70 2.26 18.67
CA GLY A 4 15.47 2.33 17.90
C GLY A 4 14.24 2.22 18.77
N SER A 5 13.14 2.84 18.33
CA SER A 5 11.89 2.81 19.08
C SER A 5 10.69 2.81 18.14
N SER A 6 9.95 1.72 18.14
CA SER A 6 8.78 1.58 17.29
C SER A 6 7.93 2.85 17.31
N GLY A 7 7.67 3.35 18.51
CA GLY A 7 6.88 4.56 18.66
C GLY A 7 5.78 4.41 19.69
N GLU A 8 4.79 5.31 19.65
CA GLU A 8 3.68 5.27 20.59
C GLU A 8 2.41 4.77 19.91
N ASP A 9 2.19 3.46 19.97
CA ASP A 9 1.01 2.85 19.38
C ASP A 9 0.70 3.49 18.02
N TYR A 10 1.71 3.52 17.15
CA TYR A 10 1.54 4.10 15.82
C TYR A 10 0.89 3.12 14.87
N GLU A 11 -0.11 2.39 15.36
CA GLU A 11 -0.81 1.40 14.55
C GLU A 11 -2.13 1.96 14.04
N LYS A 12 -2.71 2.89 14.80
CA LYS A 12 -3.99 3.51 14.44
C LYS A 12 -3.77 4.61 13.42
N VAL A 13 -2.52 4.78 12.98
CA VAL A 13 -2.19 5.80 12.00
C VAL A 13 -2.75 5.45 10.63
N PRO A 14 -3.04 6.49 9.82
CA PRO A 14 -3.59 6.32 8.48
C PRO A 14 -2.57 5.74 7.51
N LEU A 15 -1.39 6.35 7.44
CA LEU A 15 -0.33 5.89 6.56
C LEU A 15 0.96 5.63 7.34
N PRO A 16 1.18 4.34 7.69
CA PRO A 16 2.37 3.93 8.44
C PRO A 16 3.64 4.04 7.60
N ASN A 17 4.79 4.07 8.29
CA ASN A 17 6.07 4.17 7.61
C ASN A 17 6.57 2.80 7.17
N SER A 18 5.63 1.92 6.83
CA SER A 18 5.97 0.57 6.40
C SER A 18 5.64 0.37 4.93
N VAL A 19 4.50 0.90 4.51
CA VAL A 19 4.06 0.78 3.12
C VAL A 19 5.05 1.45 2.17
N PHE A 20 5.50 2.64 2.55
CA PHE A 20 6.46 3.40 1.74
C PHE A 20 7.79 2.67 1.66
N VAL A 21 8.04 2.00 0.55
CA VAL A 21 9.28 1.26 0.35
C VAL A 21 10.27 2.05 -0.50
N ASN A 22 11.55 1.81 -0.28
CA ASN A 22 12.60 2.51 -1.02
C ASN A 22 13.05 1.68 -2.22
N THR A 23 12.15 0.85 -2.74
CA THR A 23 12.47 0.01 -3.88
C THR A 23 11.79 0.51 -5.15
N THR A 24 12.59 0.87 -6.15
CA THR A 24 12.07 1.37 -7.41
C THR A 24 12.01 0.26 -8.46
N GLU A 25 11.79 -0.97 -8.01
CA GLU A 25 11.71 -2.11 -8.91
C GLU A 25 10.43 -2.90 -8.68
N SER A 26 9.42 -2.64 -9.51
CA SER A 26 8.14 -3.33 -9.39
C SER A 26 8.34 -4.80 -9.07
N CYS A 27 9.22 -5.45 -9.83
CA CYS A 27 9.51 -6.88 -9.63
C CYS A 27 9.87 -7.16 -8.18
N GLU A 28 10.66 -6.26 -7.59
CA GLU A 28 11.08 -6.41 -6.20
C GLU A 28 9.89 -6.41 -5.26
N VAL A 29 9.00 -5.43 -5.44
CA VAL A 29 7.81 -5.30 -4.61
C VAL A 29 7.12 -6.65 -4.44
N GLU A 30 6.80 -7.29 -5.57
CA GLU A 30 6.13 -8.58 -5.54
C GLU A 30 6.88 -9.57 -4.65
N ARG A 31 8.21 -9.56 -4.75
CA ARG A 31 9.04 -10.45 -3.96
C ARG A 31 8.90 -10.14 -2.47
N LEU A 32 8.96 -8.86 -2.12
CA LEU A 32 8.84 -8.42 -0.74
C LEU A 32 7.53 -8.91 -0.13
N PHE A 33 6.45 -8.75 -0.89
CA PHE A 33 5.12 -9.17 -0.42
C PHE A 33 5.12 -10.64 -0.06
N LYS A 34 5.44 -11.48 -1.05
CA LYS A 34 5.47 -12.93 -0.83
C LYS A 34 6.61 -13.32 0.11
N ALA A 35 7.48 -12.36 0.41
CA ALA A 35 8.60 -12.60 1.31
C ALA A 35 8.18 -12.43 2.76
N THR A 36 7.67 -11.25 3.09
CA THR A 36 7.23 -10.96 4.45
C THR A 36 6.36 -12.09 5.00
N SER A 37 5.70 -12.82 4.10
CA SER A 37 4.84 -13.92 4.50
C SER A 37 5.65 -15.12 4.95
N PRO A 38 5.21 -15.76 6.05
CA PRO A 38 5.89 -16.93 6.61
C PRO A 38 5.74 -18.16 5.72
N ARG A 39 4.58 -18.30 5.10
CA ARG A 39 4.31 -19.44 4.22
C ARG A 39 4.78 -19.13 2.79
N GLY A 40 4.78 -17.86 2.43
CA GLY A 40 5.21 -17.46 1.10
C GLY A 40 4.03 -17.09 0.21
N GLU A 41 2.99 -16.54 0.82
CA GLU A 41 1.80 -16.13 0.07
C GLU A 41 1.13 -14.93 0.72
N PRO A 42 1.13 -13.79 0.02
CA PRO A 42 0.52 -12.55 0.51
C PRO A 42 -1.00 -12.63 0.57
N GLN A 43 -1.60 -11.81 1.42
CA GLN A 43 -3.05 -11.79 1.56
C GLN A 43 -3.67 -10.73 0.66
N ASP A 44 -4.85 -11.04 0.12
CA ASP A 44 -5.56 -10.12 -0.77
C ASP A 44 -5.68 -8.74 -0.12
N GLY A 45 -5.36 -7.70 -0.90
CA GLY A 45 -5.45 -6.35 -0.38
C GLY A 45 -4.08 -5.75 -0.09
N LEU A 46 -3.08 -6.62 0.07
CA LEU A 46 -1.72 -6.17 0.37
C LEU A 46 -1.31 -5.04 -0.57
N TYR A 47 -1.36 -3.82 -0.07
CA TYR A 47 -0.99 -2.64 -0.86
C TYR A 47 0.21 -1.93 -0.24
N CYS A 48 0.88 -1.12 -1.06
CA CYS A 48 2.06 -0.38 -0.59
C CYS A 48 2.31 0.84 -1.49
N ILE A 49 3.40 1.54 -1.22
CA ILE A 49 3.77 2.71 -1.99
C ILE A 49 5.26 2.75 -2.29
N ARG A 50 5.61 2.51 -3.54
CA ARG A 50 7.01 2.51 -3.96
C ARG A 50 7.37 3.82 -4.65
N ASN A 51 8.66 3.97 -4.99
CA ASN A 51 9.12 5.17 -5.67
C ASN A 51 9.14 4.98 -7.18
N SER A 52 8.71 6.00 -7.90
CA SER A 52 8.67 5.94 -9.36
C SER A 52 9.88 6.65 -9.96
N SER A 53 10.97 5.90 -10.14
CA SER A 53 12.19 6.45 -10.72
C SER A 53 12.82 7.47 -9.76
N THR A 54 12.81 7.15 -8.48
CA THR A 54 13.37 8.04 -7.46
C THR A 54 13.17 9.50 -7.84
N LYS A 55 11.99 9.82 -8.36
CA LYS A 55 11.68 11.18 -8.77
C LYS A 55 10.31 11.61 -8.23
N SER A 56 10.01 12.90 -8.34
CA SER A 56 8.75 13.44 -7.87
C SER A 56 7.58 12.62 -8.42
N GLY A 57 6.93 11.86 -7.55
CA GLY A 57 5.80 11.04 -7.96
C GLY A 57 5.89 9.62 -7.44
N LYS A 58 4.77 9.11 -6.95
CA LYS A 58 4.72 7.76 -6.41
C LYS A 58 3.72 6.90 -7.18
N VAL A 59 3.68 5.61 -6.85
CA VAL A 59 2.77 4.68 -7.52
C VAL A 59 2.24 3.64 -6.55
N LEU A 60 0.94 3.71 -6.25
CA LEU A 60 0.32 2.76 -5.33
C LEU A 60 0.27 1.36 -5.94
N VAL A 61 1.01 0.44 -5.35
CA VAL A 61 1.04 -0.93 -5.83
C VAL A 61 0.23 -1.85 -4.93
N VAL A 62 -0.85 -2.41 -5.46
CA VAL A 62 -1.71 -3.31 -4.71
C VAL A 62 -1.56 -4.74 -5.19
N TRP A 63 -1.75 -5.69 -4.27
CA TRP A 63 -1.63 -7.11 -4.60
C TRP A 63 -2.98 -7.69 -4.99
N ASP A 64 -3.07 -8.21 -6.22
CA ASP A 64 -4.30 -8.79 -6.72
C ASP A 64 -4.33 -10.30 -6.48
N GLU A 65 -4.72 -10.70 -5.28
CA GLU A 65 -4.77 -12.11 -4.93
C GLU A 65 -5.54 -12.90 -5.99
N THR A 66 -6.62 -12.32 -6.49
CA THR A 66 -7.43 -12.97 -7.51
C THR A 66 -6.62 -13.27 -8.76
N SER A 67 -5.62 -12.43 -9.03
CA SER A 67 -4.76 -12.60 -10.19
C SER A 67 -3.39 -13.14 -9.79
N ASN A 68 -3.13 -13.13 -8.50
CA ASN A 68 -1.85 -13.62 -7.97
C ASN A 68 -0.69 -12.76 -8.47
N LYS A 69 -1.00 -11.50 -8.82
CA LYS A 69 0.01 -10.58 -9.31
C LYS A 69 -0.15 -9.21 -8.66
N VAL A 70 0.78 -8.30 -8.97
CA VAL A 70 0.73 -6.95 -8.43
C VAL A 70 0.36 -5.94 -9.50
N ARG A 71 -0.20 -4.81 -9.08
CA ARG A 71 -0.60 -3.75 -10.00
C ARG A 71 0.12 -2.44 -9.68
N ASN A 72 0.03 -1.49 -10.60
CA ASN A 72 0.67 -0.19 -10.41
C ASN A 72 -0.35 0.94 -10.57
N TYR A 73 -0.46 1.78 -9.54
CA TYR A 73 -1.40 2.89 -9.57
C TYR A 73 -0.67 4.21 -9.30
N ARG A 74 -0.21 4.85 -10.36
CA ARG A 74 0.50 6.12 -10.24
C ARG A 74 -0.33 7.14 -9.46
N ILE A 75 0.33 7.89 -8.58
CA ILE A 75 -0.35 8.89 -7.78
C ILE A 75 0.03 10.30 -8.24
N PHE A 76 -0.95 11.00 -8.81
CA PHE A 76 -0.74 12.36 -9.29
C PHE A 76 -0.93 13.37 -8.16
N GLU A 77 -0.57 14.63 -8.44
CA GLU A 77 -0.70 15.69 -7.44
C GLU A 77 -1.48 16.87 -8.02
N LYS A 78 -2.71 17.04 -7.58
CA LYS A 78 -3.56 18.13 -8.06
C LYS A 78 -4.25 18.82 -6.89
N ASP A 79 -4.29 20.15 -6.93
CA ASP A 79 -4.93 20.93 -5.88
C ASP A 79 -4.52 20.42 -4.50
N SER A 80 -3.32 19.86 -4.41
CA SER A 80 -2.82 19.33 -3.16
C SER A 80 -3.65 18.13 -2.70
N LYS A 81 -4.06 17.31 -3.66
CA LYS A 81 -4.86 16.13 -3.35
C LYS A 81 -4.53 14.98 -4.30
N PHE A 82 -3.96 13.91 -3.76
CA PHE A 82 -3.58 12.75 -4.55
C PHE A 82 -4.80 12.17 -5.26
N TYR A 83 -4.62 11.82 -6.54
CA TYR A 83 -5.70 11.26 -7.33
C TYR A 83 -5.17 10.26 -8.35
N LEU A 84 -6.01 9.33 -8.76
CA LEU A 84 -5.63 8.31 -9.72
C LEU A 84 -6.47 8.42 -10.99
N GLU A 85 -7.73 8.80 -10.84
CA GLU A 85 -8.64 8.95 -11.97
C GLU A 85 -8.70 10.40 -12.43
N GLY A 86 -8.69 11.32 -11.47
CA GLY A 86 -8.75 12.73 -11.79
C GLY A 86 -9.72 13.49 -10.90
N GLU A 87 -10.86 13.87 -11.45
CA GLU A 87 -11.87 14.61 -10.69
C GLU A 87 -11.90 14.15 -9.24
N VAL A 88 -11.65 12.87 -9.03
CA VAL A 88 -11.65 12.29 -7.69
C VAL A 88 -10.25 12.32 -7.07
N LEU A 89 -10.04 13.23 -6.13
CA LEU A 89 -8.75 13.35 -5.47
C LEU A 89 -8.89 13.16 -3.96
N PHE A 90 -7.78 13.32 -3.25
CA PHE A 90 -7.78 13.18 -1.79
C PHE A 90 -6.71 14.06 -1.15
N VAL A 91 -7.14 14.94 -0.25
CA VAL A 91 -6.22 15.84 0.43
C VAL A 91 -4.99 15.09 0.94
N SER A 92 -5.13 13.78 1.12
CA SER A 92 -4.04 12.95 1.61
C SER A 92 -4.32 11.47 1.35
N VAL A 93 -3.26 10.71 1.10
CA VAL A 93 -3.39 9.28 0.84
C VAL A 93 -4.38 8.64 1.81
N GLY A 94 -4.29 9.01 3.08
CA GLY A 94 -5.17 8.46 4.09
C GLY A 94 -6.60 8.36 3.60
N SER A 95 -7.22 9.50 3.33
CA SER A 95 -8.60 9.54 2.87
C SER A 95 -8.79 8.59 1.68
N MET A 96 -7.91 8.70 0.70
CA MET A 96 -7.97 7.87 -0.50
C MET A 96 -8.11 6.40 -0.11
N VAL A 97 -7.28 5.95 0.82
CA VAL A 97 -7.30 4.57 1.28
C VAL A 97 -8.65 4.21 1.88
N GLU A 98 -9.14 5.08 2.76
CA GLU A 98 -10.44 4.85 3.41
C GLU A 98 -11.58 4.92 2.40
N HIS A 99 -11.38 5.73 1.36
CA HIS A 99 -12.40 5.89 0.32
C HIS A 99 -12.47 4.65 -0.56
N TYR A 100 -11.32 4.20 -1.05
CA TYR A 100 -11.25 3.02 -1.91
C TYR A 100 -11.72 1.78 -1.16
N HIS A 101 -11.51 1.77 0.15
CA HIS A 101 -11.91 0.64 0.99
C HIS A 101 -13.27 0.09 0.54
N THR A 102 -14.09 0.97 -0.04
CA THR A 102 -15.42 0.57 -0.50
C THR A 102 -15.52 0.68 -2.01
N HIS A 103 -14.70 1.55 -2.60
CA HIS A 103 -14.71 1.74 -4.04
C HIS A 103 -13.51 1.07 -4.68
N VAL A 104 -13.70 -0.18 -5.13
CA VAL A 104 -12.62 -0.93 -5.77
C VAL A 104 -11.81 -0.05 -6.70
N LEU A 105 -10.51 -0.30 -6.78
CA LEU A 105 -9.62 0.47 -7.64
C LEU A 105 -9.88 0.14 -9.11
N PRO A 106 -9.52 1.09 -9.99
CA PRO A 106 -9.70 0.94 -11.44
C PRO A 106 -8.77 -0.12 -12.03
N SER A 107 -9.13 -0.62 -13.21
CA SER A 107 -8.32 -1.64 -13.88
C SER A 107 -8.49 -2.99 -13.20
N HIS A 108 -9.61 -3.18 -12.52
CA HIS A 108 -9.89 -4.44 -11.83
C HIS A 108 -11.39 -4.62 -11.63
N GLN A 109 -11.76 -5.68 -10.91
CA GLN A 109 -13.16 -5.99 -10.65
C GLN A 109 -13.50 -5.78 -9.18
N SER A 110 -12.77 -6.48 -8.32
CA SER A 110 -13.00 -6.38 -6.88
C SER A 110 -11.68 -6.26 -6.13
N LEU A 111 -10.85 -5.32 -6.56
CA LEU A 111 -9.55 -5.10 -5.93
C LEU A 111 -9.61 -3.94 -4.93
N LEU A 112 -9.75 -4.26 -3.66
CA LEU A 112 -9.82 -3.24 -2.62
C LEU A 112 -8.61 -3.31 -1.70
N LEU A 113 -8.39 -2.26 -0.91
CA LEU A 113 -7.27 -2.22 0.01
C LEU A 113 -7.67 -2.76 1.38
N ARG A 114 -7.25 -3.98 1.66
CA ARG A 114 -7.56 -4.63 2.94
C ARG A 114 -6.49 -4.30 3.99
N HIS A 115 -5.26 -4.69 3.71
CA HIS A 115 -4.15 -4.44 4.61
C HIS A 115 -2.93 -3.90 3.87
N PRO A 116 -2.26 -2.90 4.46
CA PRO A 116 -1.07 -2.28 3.87
C PRO A 116 0.13 -3.22 3.86
N TYR A 117 1.22 -2.77 3.26
CA TYR A 117 2.44 -3.56 3.18
C TYR A 117 3.36 -3.28 4.37
N GLY A 118 4.15 -4.28 4.75
CA GLY A 118 5.06 -4.12 5.87
C GLY A 118 4.35 -4.20 7.21
N TYR A 119 3.22 -3.52 7.33
CA TYR A 119 2.44 -3.52 8.57
C TYR A 119 2.27 -4.94 9.09
N THR A 120 2.00 -5.04 10.40
CA THR A 120 1.81 -6.34 11.03
C THR A 120 0.38 -6.50 11.56
N SER A 121 -0.24 -7.62 11.23
CA SER A 121 -1.61 -7.88 11.66
C SER A 121 -1.72 -9.26 12.33
N GLY A 122 -2.51 -9.34 13.39
CA GLY A 122 -2.68 -10.60 14.09
C GLY A 122 -4.12 -11.07 14.10
N PRO A 123 -4.35 -12.27 13.56
CA PRO A 123 -5.69 -12.87 13.49
C PRO A 123 -6.22 -13.26 14.87
N SER A 124 -5.43 -12.99 15.90
CA SER A 124 -5.82 -13.32 17.27
C SER A 124 -6.83 -12.30 17.80
N SER A 125 -7.42 -12.62 18.95
CA SER A 125 -8.40 -11.74 19.57
C SER A 125 -8.03 -11.45 21.02
N GLY A 126 -8.69 -10.45 21.61
CA GLY A 126 -8.42 -10.09 22.98
C GLY A 126 -7.86 -8.69 23.11
N GLY A 1 24.39 1.10 7.92
CA GLY A 1 23.34 1.85 8.59
C GLY A 1 23.60 1.98 10.08
N SER A 2 23.27 3.15 10.63
CA SER A 2 23.47 3.41 12.05
C SER A 2 22.30 2.88 12.88
N SER A 3 21.83 1.69 12.52
CA SER A 3 20.71 1.07 13.22
C SER A 3 20.95 1.06 14.72
N GLY A 4 20.13 1.80 15.47
CA GLY A 4 20.26 1.86 16.91
C GLY A 4 18.96 1.62 17.63
N SER A 5 18.77 2.28 18.75
CA SER A 5 17.55 2.13 19.55
C SER A 5 16.34 2.62 18.77
N SER A 6 15.35 1.75 18.62
CA SER A 6 14.12 2.10 17.89
C SER A 6 12.93 1.34 18.47
N GLY A 7 11.96 2.09 19.00
CA GLY A 7 10.77 1.47 19.56
C GLY A 7 9.57 2.39 19.51
N GLU A 8 9.30 2.95 18.33
CA GLU A 8 8.17 3.86 18.17
C GLU A 8 6.85 3.08 18.15
N ASP A 9 5.76 3.79 18.38
CA ASP A 9 4.43 3.17 18.40
C ASP A 9 3.45 3.96 17.54
N TYR A 10 3.07 3.40 16.40
CA TYR A 10 2.14 4.06 15.49
C TYR A 10 0.96 3.15 15.17
N GLU A 11 0.01 3.06 16.09
CA GLU A 11 -1.17 2.22 15.89
C GLU A 11 -2.37 3.06 15.48
N LYS A 12 -3.38 2.41 14.92
CA LYS A 12 -4.59 3.09 14.48
C LYS A 12 -4.25 4.25 13.56
N VAL A 13 -3.10 4.16 12.90
CA VAL A 13 -2.65 5.21 11.99
C VAL A 13 -3.16 4.95 10.58
N PRO A 14 -3.42 6.03 9.83
CA PRO A 14 -3.90 5.94 8.44
C PRO A 14 -2.84 5.42 7.49
N LEU A 15 -1.67 6.03 7.52
CA LEU A 15 -0.57 5.63 6.65
C LEU A 15 0.69 5.31 7.46
N PRO A 16 0.90 4.01 7.75
CA PRO A 16 2.05 3.56 8.52
C PRO A 16 3.37 3.71 7.76
N ASN A 17 4.47 3.76 8.48
CA ASN A 17 5.79 3.91 7.87
C ASN A 17 6.33 2.56 7.42
N SER A 18 5.43 1.67 7.00
CA SER A 18 5.82 0.34 6.55
C SER A 18 5.49 0.16 5.07
N VAL A 19 4.33 0.66 4.66
CA VAL A 19 3.90 0.55 3.27
C VAL A 19 4.84 1.31 2.34
N PHE A 20 5.40 2.40 2.85
CA PHE A 20 6.31 3.22 2.06
C PHE A 20 7.66 2.51 1.87
N VAL A 21 7.83 1.87 0.71
CA VAL A 21 9.06 1.16 0.41
C VAL A 21 10.05 2.07 -0.32
N ASN A 22 11.33 1.95 0.04
CA ASN A 22 12.37 2.75 -0.58
C ASN A 22 12.84 2.11 -1.88
N THR A 23 11.96 1.33 -2.51
CA THR A 23 12.29 0.66 -3.76
C THR A 23 11.67 1.39 -4.95
N THR A 24 12.41 1.43 -6.06
CA THR A 24 11.93 2.10 -7.26
C THR A 24 11.72 1.10 -8.40
N GLU A 25 11.29 -0.11 -8.04
CA GLU A 25 11.04 -1.15 -9.02
C GLU A 25 9.89 -2.06 -8.59
N SER A 26 8.99 -2.35 -9.52
CA SER A 26 7.84 -3.19 -9.22
C SER A 26 8.27 -4.63 -8.94
N CYS A 27 9.00 -5.21 -9.89
CA CYS A 27 9.48 -6.59 -9.74
C CYS A 27 9.91 -6.86 -8.30
N GLU A 28 10.53 -5.87 -7.68
CA GLU A 28 11.00 -5.99 -6.30
C GLU A 28 9.82 -6.14 -5.34
N VAL A 29 8.94 -5.14 -5.34
CA VAL A 29 7.78 -5.15 -4.46
C VAL A 29 7.12 -6.52 -4.44
N GLU A 30 6.86 -7.07 -5.63
CA GLU A 30 6.24 -8.38 -5.74
C GLU A 30 7.01 -9.43 -4.93
N ARG A 31 8.34 -9.40 -5.06
CA ARG A 31 9.19 -10.34 -4.34
C ARG A 31 9.03 -10.19 -2.83
N LEU A 32 9.11 -8.95 -2.36
CA LEU A 32 8.97 -8.67 -0.93
C LEU A 32 7.62 -9.15 -0.41
N PHE A 33 6.55 -8.69 -1.04
CA PHE A 33 5.20 -9.07 -0.63
C PHE A 33 5.17 -10.52 -0.15
N LYS A 34 5.62 -11.44 -1.00
CA LYS A 34 5.65 -12.85 -0.67
C LYS A 34 6.65 -13.12 0.45
N ALA A 35 7.79 -12.45 0.40
CA ALA A 35 8.82 -12.61 1.41
C ALA A 35 8.28 -12.29 2.80
N THR A 36 7.93 -11.03 3.02
CA THR A 36 7.41 -10.60 4.31
C THR A 36 6.47 -11.64 4.91
N SER A 37 5.82 -12.41 4.04
CA SER A 37 4.90 -13.45 4.48
C SER A 37 5.64 -14.73 4.82
N PRO A 38 5.20 -15.41 5.89
CA PRO A 38 5.81 -16.66 6.34
C PRO A 38 5.55 -17.81 5.37
N ARG A 39 4.54 -17.64 4.52
CA ARG A 39 4.19 -18.67 3.55
C ARG A 39 4.60 -18.26 2.13
N GLY A 40 5.63 -17.42 2.06
CA GLY A 40 6.10 -16.95 0.76
C GLY A 40 4.98 -16.53 -0.15
N GLU A 41 3.94 -15.92 0.42
CA GLU A 41 2.79 -15.47 -0.34
C GLU A 41 2.03 -14.39 0.41
N PRO A 42 1.78 -13.25 -0.26
CA PRO A 42 1.06 -12.12 0.33
C PRO A 42 -0.42 -12.42 0.54
N GLN A 43 -1.09 -11.57 1.29
CA GLN A 43 -2.51 -11.74 1.58
C GLN A 43 -3.36 -10.91 0.62
N ASP A 44 -4.57 -11.39 0.34
CA ASP A 44 -5.47 -10.69 -0.56
C ASP A 44 -5.77 -9.28 -0.05
N GLY A 45 -5.31 -8.28 -0.77
CA GLY A 45 -5.53 -6.90 -0.38
C GLY A 45 -4.26 -6.21 0.06
N LEU A 46 -3.12 -6.86 -0.18
CA LEU A 46 -1.82 -6.29 0.19
C LEU A 46 -1.48 -5.09 -0.67
N TYR A 47 -1.55 -3.91 -0.07
CA TYR A 47 -1.26 -2.66 -0.78
C TYR A 47 -0.03 -1.98 -0.18
N CYS A 48 0.64 -1.16 -0.99
CA CYS A 48 1.82 -0.43 -0.54
C CYS A 48 2.05 0.81 -1.39
N ILE A 49 3.14 1.52 -1.10
CA ILE A 49 3.46 2.74 -1.83
C ILE A 49 4.96 2.80 -2.14
N ARG A 50 5.31 2.57 -3.40
CA ARG A 50 6.70 2.60 -3.82
C ARG A 50 6.98 3.84 -4.66
N ASN A 51 8.26 4.10 -4.91
CA ASN A 51 8.67 5.27 -5.70
C ASN A 51 8.38 5.04 -7.18
N SER A 52 8.41 6.11 -7.96
CA SER A 52 8.15 6.02 -9.38
C SER A 52 9.44 6.16 -10.18
N SER A 53 9.89 5.06 -10.78
CA SER A 53 11.11 5.06 -11.57
C SER A 53 11.11 6.20 -12.59
N THR A 54 9.97 6.40 -13.24
CA THR A 54 9.83 7.44 -14.24
C THR A 54 10.44 8.75 -13.76
N LYS A 55 9.96 9.23 -12.62
CA LYS A 55 10.48 10.48 -12.04
C LYS A 55 10.21 10.53 -10.55
N SER A 56 10.84 11.49 -9.87
CA SER A 56 10.68 11.65 -8.44
C SER A 56 9.19 11.69 -8.06
N GLY A 57 8.65 10.52 -7.74
CA GLY A 57 7.24 10.44 -7.36
C GLY A 57 6.91 9.15 -6.63
N LYS A 58 5.62 8.84 -6.55
CA LYS A 58 5.17 7.62 -5.87
C LYS A 58 4.13 6.89 -6.70
N VAL A 59 3.91 5.62 -6.38
CA VAL A 59 2.93 4.81 -7.09
C VAL A 59 2.32 3.76 -6.17
N LEU A 60 0.99 3.79 -6.06
CA LEU A 60 0.28 2.83 -5.21
C LEU A 60 0.21 1.47 -5.87
N VAL A 61 0.86 0.49 -5.25
CA VAL A 61 0.86 -0.87 -5.78
C VAL A 61 0.08 -1.82 -4.87
N VAL A 62 -0.90 -2.51 -5.45
CA VAL A 62 -1.72 -3.45 -4.70
C VAL A 62 -1.55 -4.88 -5.23
N TRP A 63 -1.78 -5.85 -4.35
CA TRP A 63 -1.66 -7.26 -4.74
C TRP A 63 -3.02 -7.87 -5.00
N ASP A 64 -3.21 -8.41 -6.19
CA ASP A 64 -4.47 -9.03 -6.57
C ASP A 64 -4.41 -10.54 -6.39
N GLU A 65 -4.55 -11.00 -5.15
CA GLU A 65 -4.51 -12.42 -4.84
C GLU A 65 -5.36 -13.21 -5.82
N THR A 66 -6.44 -12.59 -6.31
CA THR A 66 -7.34 -13.24 -7.24
C THR A 66 -6.65 -13.50 -8.58
N SER A 67 -5.77 -12.59 -8.97
CA SER A 67 -5.05 -12.73 -10.23
C SER A 67 -3.62 -13.23 -9.98
N ASN A 68 -3.21 -13.22 -8.72
CA ASN A 68 -1.87 -13.67 -8.35
C ASN A 68 -0.80 -12.77 -8.95
N LYS A 69 -1.17 -11.52 -9.21
CA LYS A 69 -0.24 -10.55 -9.78
C LYS A 69 -0.33 -9.22 -9.06
N VAL A 70 0.53 -8.28 -9.44
CA VAL A 70 0.56 -6.96 -8.82
C VAL A 70 0.06 -5.89 -9.79
N ARG A 71 -0.44 -4.79 -9.24
CA ARG A 71 -0.95 -3.69 -10.05
C ARG A 71 -0.26 -2.38 -9.69
N ASN A 72 -0.24 -1.44 -10.62
CA ASN A 72 0.39 -0.15 -10.40
C ASN A 72 -0.63 0.98 -10.52
N TYR A 73 -0.51 1.97 -9.64
CA TYR A 73 -1.43 3.11 -9.65
C TYR A 73 -0.67 4.42 -9.52
N ARG A 74 -0.39 5.05 -10.66
CA ARG A 74 0.33 6.32 -10.68
C ARG A 74 -0.37 7.36 -9.81
N ILE A 75 0.22 7.64 -8.65
CA ILE A 75 -0.35 8.62 -7.73
C ILE A 75 -0.08 10.04 -8.20
N PHE A 76 -0.96 10.55 -9.07
CA PHE A 76 -0.82 11.90 -9.59
C PHE A 76 -0.87 12.93 -8.47
N GLU A 77 -0.52 14.17 -8.80
CA GLU A 77 -0.53 15.25 -7.82
C GLU A 77 -1.20 16.49 -8.38
N LYS A 78 -2.50 16.63 -8.11
CA LYS A 78 -3.26 17.78 -8.59
C LYS A 78 -3.94 18.50 -7.44
N ASP A 79 -4.07 19.82 -7.55
CA ASP A 79 -4.71 20.62 -6.52
C ASP A 79 -4.17 20.25 -5.14
N SER A 80 -2.91 19.85 -5.08
CA SER A 80 -2.28 19.46 -3.82
C SER A 80 -3.00 18.26 -3.21
N LYS A 81 -3.48 17.36 -4.06
CA LYS A 81 -4.18 16.17 -3.61
C LYS A 81 -3.84 14.97 -4.48
N PHE A 82 -3.54 13.84 -3.83
CA PHE A 82 -3.18 12.62 -4.55
C PHE A 82 -4.41 12.03 -5.24
N TYR A 83 -4.26 11.72 -6.53
CA TYR A 83 -5.35 11.15 -7.31
C TYR A 83 -4.84 10.13 -8.31
N LEU A 84 -5.69 9.18 -8.69
CA LEU A 84 -5.31 8.15 -9.64
C LEU A 84 -6.09 8.30 -10.94
N GLU A 85 -7.36 8.69 -10.82
CA GLU A 85 -8.22 8.87 -12.00
C GLU A 85 -8.18 10.33 -12.47
N GLY A 86 -8.42 11.24 -11.54
CA GLY A 86 -8.41 12.66 -11.88
C GLY A 86 -9.40 13.46 -11.04
N GLU A 87 -10.50 13.88 -11.66
CA GLU A 87 -11.52 14.66 -10.97
C GLU A 87 -11.61 14.23 -9.51
N VAL A 88 -11.41 12.95 -9.25
CA VAL A 88 -11.48 12.42 -7.89
C VAL A 88 -10.10 12.39 -7.25
N LEU A 89 -9.84 13.34 -6.36
CA LEU A 89 -8.56 13.42 -5.67
C LEU A 89 -8.73 13.23 -4.17
N PHE A 90 -7.61 13.22 -3.44
CA PHE A 90 -7.65 13.06 -1.99
C PHE A 90 -6.61 13.94 -1.32
N VAL A 91 -7.08 14.88 -0.51
CA VAL A 91 -6.19 15.80 0.19
C VAL A 91 -5.00 15.06 0.79
N SER A 92 -5.17 13.76 1.00
CA SER A 92 -4.10 12.95 1.58
C SER A 92 -4.36 11.47 1.30
N VAL A 93 -3.28 10.70 1.20
CA VAL A 93 -3.38 9.27 0.94
C VAL A 93 -4.36 8.60 1.88
N GLY A 94 -4.26 8.94 3.17
CA GLY A 94 -5.14 8.37 4.16
C GLY A 94 -6.59 8.32 3.69
N SER A 95 -7.18 9.49 3.44
CA SER A 95 -8.56 9.57 2.99
C SER A 95 -8.79 8.66 1.78
N MET A 96 -7.83 8.67 0.86
CA MET A 96 -7.93 7.85 -0.35
C MET A 96 -8.20 6.39 0.00
N VAL A 97 -7.34 5.83 0.86
CA VAL A 97 -7.49 4.45 1.28
C VAL A 97 -8.88 4.18 1.85
N GLU A 98 -9.32 5.06 2.74
CA GLU A 98 -10.63 4.93 3.36
C GLU A 98 -11.74 4.96 2.30
N HIS A 99 -11.53 5.76 1.26
CA HIS A 99 -12.51 5.87 0.18
C HIS A 99 -12.57 4.59 -0.64
N TYR A 100 -11.40 4.10 -1.05
CA TYR A 100 -11.33 2.89 -1.84
C TYR A 100 -11.81 1.68 -1.05
N HIS A 101 -11.56 1.70 0.26
CA HIS A 101 -11.97 0.62 1.14
C HIS A 101 -13.34 0.07 0.73
N THR A 102 -14.16 0.93 0.13
CA THR A 102 -15.49 0.54 -0.31
C THR A 102 -15.63 0.66 -1.83
N HIS A 103 -14.82 1.54 -2.41
CA HIS A 103 -14.86 1.75 -3.86
C HIS A 103 -13.62 1.16 -4.53
N VAL A 104 -13.73 -0.10 -4.95
CA VAL A 104 -12.62 -0.78 -5.61
C VAL A 104 -11.81 0.18 -6.47
N LEU A 105 -10.51 -0.07 -6.56
CA LEU A 105 -9.62 0.78 -7.36
C LEU A 105 -9.89 0.60 -8.85
N PRO A 106 -9.54 1.62 -9.64
CA PRO A 106 -9.72 1.60 -11.09
C PRO A 106 -8.81 0.61 -11.78
N SER A 107 -9.15 0.26 -13.02
CA SER A 107 -8.34 -0.68 -13.80
C SER A 107 -8.42 -2.08 -13.19
N HIS A 108 -9.50 -2.35 -12.48
CA HIS A 108 -9.70 -3.65 -11.85
C HIS A 108 -11.19 -3.96 -11.69
N GLN A 109 -11.49 -5.08 -11.04
CA GLN A 109 -12.87 -5.49 -10.82
C GLN A 109 -13.24 -5.39 -9.35
N SER A 110 -12.57 -6.18 -8.51
CA SER A 110 -12.82 -6.18 -7.08
C SER A 110 -11.51 -6.16 -6.29
N LEU A 111 -10.70 -5.14 -6.54
CA LEU A 111 -9.42 -5.00 -5.86
C LEU A 111 -9.45 -3.82 -4.89
N LEU A 112 -9.72 -4.12 -3.62
CA LEU A 112 -9.77 -3.09 -2.59
C LEU A 112 -8.57 -3.18 -1.66
N LEU A 113 -8.45 -2.22 -0.76
CA LEU A 113 -7.35 -2.18 0.20
C LEU A 113 -7.77 -2.75 1.54
N ARG A 114 -7.32 -3.96 1.85
CA ARG A 114 -7.66 -4.61 3.11
C ARG A 114 -6.52 -4.48 4.11
N HIS A 115 -5.35 -5.01 3.75
CA HIS A 115 -4.19 -4.95 4.63
C HIS A 115 -3.01 -4.32 3.91
N PRO A 116 -2.37 -3.33 4.57
CA PRO A 116 -1.21 -2.63 4.01
C PRO A 116 0.02 -3.51 3.91
N TYR A 117 1.09 -2.97 3.34
CA TYR A 117 2.34 -3.72 3.19
C TYR A 117 3.28 -3.45 4.37
N GLY A 118 4.09 -4.45 4.70
CA GLY A 118 5.02 -4.31 5.81
C GLY A 118 4.34 -4.44 7.16
N TYR A 119 3.20 -3.78 7.31
CA TYR A 119 2.45 -3.83 8.57
C TYR A 119 2.35 -5.26 9.08
N THR A 120 1.92 -5.40 10.33
CA THR A 120 1.76 -6.71 10.94
C THR A 120 0.35 -6.92 11.47
N SER A 121 -0.42 -7.76 10.79
CA SER A 121 -1.79 -8.04 11.18
C SER A 121 -1.84 -9.07 12.31
N GLY A 122 -1.01 -10.10 12.19
CA GLY A 122 -0.97 -11.14 13.20
C GLY A 122 0.40 -11.31 13.81
N PRO A 123 0.65 -12.48 14.42
CA PRO A 123 1.93 -12.78 15.05
C PRO A 123 3.05 -12.97 14.03
N SER A 124 4.29 -12.91 14.50
CA SER A 124 5.46 -13.06 13.63
C SER A 124 6.42 -14.11 14.19
N SER A 125 7.03 -14.87 13.30
CA SER A 125 7.98 -15.91 13.70
C SER A 125 7.46 -16.66 14.93
N GLY A 126 6.17 -16.97 14.93
CA GLY A 126 5.57 -17.69 16.04
C GLY A 126 4.72 -16.80 16.92
N GLY A 1 18.53 9.60 20.23
CA GLY A 1 17.49 9.19 19.31
C GLY A 1 16.12 9.16 19.95
N SER A 2 15.43 8.03 19.82
CA SER A 2 14.10 7.87 20.39
C SER A 2 14.12 8.12 21.89
N SER A 3 13.06 8.74 22.40
CA SER A 3 12.95 9.05 23.82
C SER A 3 12.45 7.83 24.60
N GLY A 4 13.29 7.31 25.48
CA GLY A 4 12.92 6.16 26.28
C GLY A 4 13.00 4.86 25.50
N SER A 5 12.86 3.74 26.20
CA SER A 5 12.94 2.43 25.57
C SER A 5 11.59 1.72 25.64
N SER A 6 10.75 1.94 24.63
CA SER A 6 9.44 1.31 24.58
C SER A 6 8.99 1.08 23.14
N GLY A 7 7.83 0.46 22.98
CA GLY A 7 7.32 0.18 21.65
C GLY A 7 6.76 1.43 20.97
N GLU A 8 6.90 1.49 19.65
CA GLU A 8 6.40 2.62 18.89
C GLU A 8 4.99 3.00 19.32
N ASP A 9 4.59 4.23 19.02
CA ASP A 9 3.26 4.71 19.38
C ASP A 9 2.44 5.02 18.14
N TYR A 10 2.58 4.18 17.12
CA TYR A 10 1.85 4.36 15.87
C TYR A 10 0.55 3.56 15.87
N GLU A 11 -0.46 4.08 16.57
CA GLU A 11 -1.75 3.42 16.64
C GLU A 11 -2.84 4.26 16.00
N LYS A 12 -3.73 3.61 15.26
CA LYS A 12 -4.83 4.30 14.59
C LYS A 12 -4.30 5.28 13.55
N VAL A 13 -3.16 4.95 12.96
CA VAL A 13 -2.54 5.79 11.94
C VAL A 13 -3.09 5.47 10.55
N PRO A 14 -3.29 6.52 9.74
CA PRO A 14 -3.81 6.37 8.38
C PRO A 14 -2.80 5.71 7.44
N LEU A 15 -1.59 6.25 7.41
CA LEU A 15 -0.54 5.72 6.55
C LEU A 15 0.73 5.47 7.36
N PRO A 16 0.99 4.19 7.68
CA PRO A 16 2.17 3.79 8.44
C PRO A 16 3.46 3.95 7.64
N ASN A 17 4.58 4.04 8.35
CA ASN A 17 5.89 4.19 7.70
C ASN A 17 6.45 2.84 7.28
N SER A 18 5.55 1.93 6.92
CA SER A 18 5.97 0.59 6.50
C SER A 18 5.64 0.37 5.02
N VAL A 19 4.51 0.92 4.58
CA VAL A 19 4.09 0.77 3.19
C VAL A 19 5.01 1.54 2.25
N PHE A 20 5.46 2.71 2.70
CA PHE A 20 6.35 3.54 1.90
C PHE A 20 7.73 2.90 1.77
N VAL A 21 8.02 2.34 0.61
CA VAL A 21 9.30 1.70 0.37
C VAL A 21 10.14 2.51 -0.63
N ASN A 22 11.46 2.42 -0.50
CA ASN A 22 12.37 3.13 -1.38
C ASN A 22 12.80 2.25 -2.54
N THR A 23 11.94 1.31 -2.92
CA THR A 23 12.24 0.40 -4.02
C THR A 23 11.57 0.86 -5.30
N THR A 24 12.40 1.22 -6.30
CA THR A 24 11.88 1.68 -7.57
C THR A 24 11.83 0.54 -8.60
N GLU A 25 11.68 -0.68 -8.09
CA GLU A 25 11.62 -1.86 -8.96
C GLU A 25 10.34 -2.66 -8.70
N SER A 26 9.34 -2.46 -9.55
CA SER A 26 8.07 -3.15 -9.42
C SER A 26 8.29 -4.63 -9.12
N CYS A 27 9.27 -5.22 -9.80
CA CYS A 27 9.59 -6.63 -9.62
C CYS A 27 9.93 -6.93 -8.16
N GLU A 28 10.62 -6.00 -7.52
CA GLU A 28 11.01 -6.16 -6.12
C GLU A 28 9.79 -6.19 -5.21
N VAL A 29 8.97 -5.14 -5.28
CA VAL A 29 7.77 -5.06 -4.46
C VAL A 29 7.05 -6.40 -4.40
N GLU A 30 6.84 -7.00 -5.57
CA GLU A 30 6.15 -8.29 -5.65
C GLU A 30 6.86 -9.33 -4.80
N ARG A 31 8.19 -9.34 -4.85
CA ARG A 31 8.98 -10.29 -4.08
C ARG A 31 8.85 -10.01 -2.58
N LEU A 32 8.98 -8.75 -2.21
CA LEU A 32 8.89 -8.35 -0.81
C LEU A 32 7.59 -8.86 -0.18
N PHE A 33 6.46 -8.50 -0.79
CA PHE A 33 5.16 -8.93 -0.31
C PHE A 33 5.20 -10.38 0.15
N LYS A 34 5.49 -11.28 -0.77
CA LYS A 34 5.55 -12.71 -0.47
C LYS A 34 6.60 -12.98 0.62
N ALA A 35 7.72 -12.28 0.53
CA ALA A 35 8.80 -12.45 1.51
C ALA A 35 8.31 -12.14 2.92
N THR A 36 7.95 -10.89 3.17
CA THR A 36 7.47 -10.47 4.47
C THR A 36 6.48 -11.48 5.04
N SER A 37 5.85 -12.24 4.15
CA SER A 37 4.87 -13.25 4.57
C SER A 37 5.55 -14.41 5.28
N PRO A 38 4.91 -14.90 6.35
CA PRO A 38 5.43 -16.01 7.15
C PRO A 38 5.39 -17.33 6.40
N ARG A 39 4.47 -17.43 5.44
CA ARG A 39 4.32 -18.64 4.64
C ARG A 39 4.76 -18.41 3.20
N GLY A 40 5.32 -17.23 2.94
CA GLY A 40 5.77 -16.90 1.60
C GLY A 40 4.62 -16.60 0.66
N GLU A 41 3.45 -16.35 1.22
CA GLU A 41 2.27 -16.05 0.42
C GLU A 41 1.52 -14.84 0.97
N PRO A 42 1.42 -13.78 0.16
CA PRO A 42 0.74 -12.54 0.54
C PRO A 42 -0.77 -12.73 0.65
N GLN A 43 -1.41 -11.86 1.42
CA GLN A 43 -2.86 -11.93 1.61
C GLN A 43 -3.58 -10.95 0.68
N ASP A 44 -4.66 -11.42 0.06
CA ASP A 44 -5.43 -10.59 -0.85
C ASP A 44 -5.69 -9.21 -0.25
N GLY A 45 -5.42 -8.17 -1.04
CA GLY A 45 -5.62 -6.81 -0.56
C GLY A 45 -4.32 -6.13 -0.16
N LEU A 46 -3.23 -6.89 -0.16
CA LEU A 46 -1.93 -6.36 0.21
C LEU A 46 -1.56 -5.17 -0.68
N TYR A 47 -1.58 -3.98 -0.10
CA TYR A 47 -1.25 -2.77 -0.84
C TYR A 47 -0.04 -2.06 -0.21
N CYS A 48 0.60 -1.19 -0.99
CA CYS A 48 1.76 -0.45 -0.50
C CYS A 48 2.01 0.77 -1.36
N ILE A 49 3.11 1.47 -1.08
CA ILE A 49 3.46 2.67 -1.84
C ILE A 49 4.97 2.73 -2.10
N ARG A 50 5.36 2.45 -3.33
CA ARG A 50 6.77 2.47 -3.71
C ARG A 50 7.04 3.56 -4.75
N ASN A 51 8.32 3.87 -4.96
CA ASN A 51 8.71 4.89 -5.91
C ASN A 51 8.71 4.33 -7.34
N SER A 52 8.43 5.20 -8.30
CA SER A 52 8.40 4.79 -9.71
C SER A 52 9.81 4.67 -10.27
N SER A 53 10.54 5.79 -10.28
CA SER A 53 11.91 5.80 -10.80
C SER A 53 12.57 7.15 -10.53
N THR A 54 13.80 7.11 -10.04
CA THR A 54 14.55 8.32 -9.73
C THR A 54 13.83 9.16 -8.68
N LYS A 55 13.31 8.49 -7.66
CA LYS A 55 12.60 9.17 -6.58
C LYS A 55 11.84 10.38 -7.11
N SER A 56 11.20 10.22 -8.26
CA SER A 56 10.44 11.29 -8.88
C SER A 56 9.05 11.40 -8.26
N GLY A 57 8.33 10.28 -8.26
CA GLY A 57 6.99 10.26 -7.70
C GLY A 57 6.67 8.95 -7.02
N LYS A 58 5.39 8.75 -6.70
CA LYS A 58 4.95 7.52 -6.04
C LYS A 58 3.95 6.76 -6.90
N VAL A 59 3.73 5.50 -6.57
CA VAL A 59 2.80 4.67 -7.32
C VAL A 59 2.19 3.59 -6.43
N LEU A 60 0.90 3.73 -6.15
CA LEU A 60 0.19 2.77 -5.31
C LEU A 60 0.18 1.38 -5.95
N VAL A 61 0.85 0.43 -5.32
CA VAL A 61 0.91 -0.94 -5.83
C VAL A 61 0.12 -1.89 -4.94
N VAL A 62 -0.93 -2.48 -5.51
CA VAL A 62 -1.77 -3.42 -4.78
C VAL A 62 -1.51 -4.85 -5.22
N TRP A 63 -1.78 -5.79 -4.32
CA TRP A 63 -1.58 -7.21 -4.62
C TRP A 63 -2.87 -7.86 -5.08
N ASP A 64 -2.80 -8.59 -6.18
CA ASP A 64 -3.97 -9.27 -6.72
C ASP A 64 -3.92 -10.77 -6.44
N GLU A 65 -4.71 -11.20 -5.46
CA GLU A 65 -4.75 -12.61 -5.07
C GLU A 65 -5.49 -13.44 -6.12
N THR A 66 -6.47 -12.82 -6.76
CA THR A 66 -7.26 -13.50 -7.78
C THR A 66 -6.40 -13.86 -8.99
N SER A 67 -5.42 -13.02 -9.28
CA SER A 67 -4.54 -13.25 -10.42
C SER A 67 -3.09 -13.39 -9.95
N ASN A 68 -2.89 -13.37 -8.63
CA ASN A 68 -1.56 -13.49 -8.06
C ASN A 68 -0.58 -12.56 -8.75
N LYS A 69 -0.99 -11.31 -8.94
CA LYS A 69 -0.14 -10.31 -9.60
C LYS A 69 -0.32 -8.94 -8.95
N VAL A 70 0.70 -8.10 -9.06
CA VAL A 70 0.66 -6.76 -8.49
C VAL A 70 0.19 -5.74 -9.52
N ARG A 71 -0.59 -4.77 -9.06
CA ARG A 71 -1.12 -3.73 -9.94
C ARG A 71 -0.37 -2.41 -9.74
N ASN A 72 -0.57 -1.49 -10.66
CA ASN A 72 0.09 -0.18 -10.60
C ASN A 72 -0.94 0.94 -10.66
N TYR A 73 -0.85 1.87 -9.71
CA TYR A 73 -1.76 3.00 -9.66
C TYR A 73 -1.00 4.32 -9.51
N ARG A 74 -0.70 4.95 -10.63
CA ARG A 74 0.03 6.21 -10.62
C ARG A 74 -0.64 7.21 -9.67
N ILE A 75 0.15 7.73 -8.74
CA ILE A 75 -0.36 8.70 -7.76
C ILE A 75 0.06 10.12 -8.14
N PHE A 76 -0.81 10.80 -8.87
CA PHE A 76 -0.52 12.18 -9.30
C PHE A 76 -0.67 13.14 -8.12
N GLU A 77 -0.28 14.40 -8.35
CA GLU A 77 -0.36 15.42 -7.31
C GLU A 77 -0.98 16.70 -7.86
N LYS A 78 -2.27 16.88 -7.59
CA LYS A 78 -2.99 18.06 -8.05
C LYS A 78 -3.74 18.73 -6.91
N ASP A 79 -3.79 20.06 -6.93
CA ASP A 79 -4.47 20.82 -5.89
C ASP A 79 -4.05 20.34 -4.50
N SER A 80 -2.80 19.92 -4.38
CA SER A 80 -2.28 19.43 -3.10
C SER A 80 -3.04 18.19 -2.64
N LYS A 81 -3.47 17.38 -3.60
CA LYS A 81 -4.22 16.17 -3.29
C LYS A 81 -3.84 15.04 -4.24
N PHE A 82 -3.66 13.84 -3.69
CA PHE A 82 -3.29 12.67 -4.49
C PHE A 82 -4.51 12.14 -5.25
N TYR A 83 -4.30 11.83 -6.52
CA TYR A 83 -5.38 11.31 -7.36
C TYR A 83 -4.84 10.30 -8.37
N LEU A 84 -5.74 9.55 -8.99
CA LEU A 84 -5.37 8.55 -10.00
C LEU A 84 -6.08 8.81 -11.31
N GLU A 85 -7.22 9.48 -11.25
CA GLU A 85 -8.00 9.78 -12.45
C GLU A 85 -7.84 11.25 -12.84
N GLY A 86 -7.86 12.13 -11.84
CA GLY A 86 -7.73 13.55 -12.11
C GLY A 86 -8.81 14.37 -11.43
N GLU A 87 -10.06 13.93 -11.56
CA GLU A 87 -11.18 14.63 -10.96
C GLU A 87 -11.40 14.18 -9.51
N VAL A 88 -11.03 12.94 -9.22
CA VAL A 88 -11.18 12.39 -7.87
C VAL A 88 -9.84 12.35 -7.15
N LEU A 89 -9.62 13.33 -6.28
CA LEU A 89 -8.37 13.40 -5.51
C LEU A 89 -8.64 13.18 -4.02
N PHE A 90 -7.59 13.27 -3.22
CA PHE A 90 -7.71 13.08 -1.79
C PHE A 90 -6.69 13.95 -1.04
N VAL A 91 -7.20 14.86 -0.21
CA VAL A 91 -6.36 15.75 0.57
C VAL A 91 -5.09 15.03 1.05
N SER A 92 -5.20 13.72 1.22
CA SER A 92 -4.08 12.91 1.68
C SER A 92 -4.32 11.43 1.40
N VAL A 93 -3.23 10.68 1.26
CA VAL A 93 -3.32 9.25 0.98
C VAL A 93 -4.35 8.59 1.88
N GLY A 94 -4.37 8.98 3.15
CA GLY A 94 -5.32 8.41 4.09
C GLY A 94 -6.73 8.40 3.55
N SER A 95 -7.31 9.58 3.38
CA SER A 95 -8.67 9.70 2.87
C SER A 95 -8.89 8.79 1.67
N MET A 96 -7.93 8.78 0.76
CA MET A 96 -8.01 7.95 -0.43
C MET A 96 -8.21 6.48 -0.06
N VAL A 97 -7.34 5.98 0.81
CA VAL A 97 -7.42 4.58 1.25
C VAL A 97 -8.80 4.27 1.83
N GLU A 98 -9.30 5.17 2.67
CA GLU A 98 -10.60 4.99 3.29
C GLU A 98 -11.72 5.02 2.25
N HIS A 99 -11.52 5.83 1.21
CA HIS A 99 -12.51 5.95 0.14
C HIS A 99 -12.56 4.68 -0.69
N TYR A 100 -11.40 4.18 -1.09
CA TYR A 100 -11.32 2.97 -1.90
C TYR A 100 -11.80 1.76 -1.10
N HIS A 101 -11.56 1.78 0.20
CA HIS A 101 -11.96 0.69 1.07
C HIS A 101 -13.32 0.15 0.67
N THR A 102 -14.15 1.01 0.08
CA THR A 102 -15.49 0.62 -0.35
C THR A 102 -15.63 0.72 -1.87
N HIS A 103 -14.86 1.62 -2.47
CA HIS A 103 -14.89 1.81 -3.91
C HIS A 103 -13.69 1.14 -4.58
N VAL A 104 -13.88 -0.11 -4.99
CA VAL A 104 -12.81 -0.86 -5.64
C VAL A 104 -12.01 0.02 -6.58
N LEU A 105 -10.71 -0.24 -6.67
CA LEU A 105 -9.82 0.54 -7.53
C LEU A 105 -10.10 0.24 -9.00
N PRO A 106 -9.75 1.18 -9.88
CA PRO A 106 -9.94 1.04 -11.33
C PRO A 106 -9.02 0.00 -11.93
N SER A 107 -9.40 -0.51 -13.10
CA SER A 107 -8.61 -1.54 -13.78
C SER A 107 -8.76 -2.89 -13.10
N HIS A 108 -9.88 -3.08 -12.42
CA HIS A 108 -10.15 -4.33 -11.72
C HIS A 108 -11.66 -4.52 -11.50
N GLN A 109 -12.01 -5.58 -10.79
CA GLN A 109 -13.41 -5.87 -10.51
C GLN A 109 -13.72 -5.72 -9.02
N SER A 110 -12.98 -6.45 -8.20
CA SER A 110 -13.18 -6.38 -6.75
C SER A 110 -11.84 -6.30 -6.02
N LEU A 111 -11.04 -5.31 -6.38
CA LEU A 111 -9.73 -5.11 -5.77
C LEU A 111 -9.74 -3.90 -4.85
N LEU A 112 -9.85 -4.16 -3.55
CA LEU A 112 -9.85 -3.08 -2.56
C LEU A 112 -8.66 -3.19 -1.62
N LEU A 113 -8.44 -2.15 -0.83
CA LEU A 113 -7.32 -2.12 0.12
C LEU A 113 -7.75 -2.68 1.47
N ARG A 114 -7.45 -3.96 1.69
CA ARG A 114 -7.79 -4.62 2.95
C ARG A 114 -6.68 -4.45 3.97
N HIS A 115 -5.49 -4.95 3.63
CA HIS A 115 -4.35 -4.85 4.53
C HIS A 115 -3.15 -4.23 3.81
N PRO A 116 -2.53 -3.23 4.46
CA PRO A 116 -1.37 -2.53 3.90
C PRO A 116 -0.12 -3.42 3.87
N TYR A 117 0.96 -2.89 3.32
CA TYR A 117 2.21 -3.62 3.23
C TYR A 117 3.14 -3.28 4.38
N GLY A 118 3.97 -4.24 4.78
CA GLY A 118 4.90 -4.01 5.87
C GLY A 118 4.23 -4.08 7.23
N TYR A 119 3.08 -3.43 7.34
CA TYR A 119 2.33 -3.40 8.59
C TYR A 119 2.34 -4.77 9.26
N THR A 120 2.02 -4.81 10.55
CA THR A 120 1.99 -6.05 11.30
C THR A 120 0.62 -6.31 11.89
N SER A 121 0.03 -7.45 11.57
CA SER A 121 -1.29 -7.81 12.07
C SER A 121 -1.24 -9.13 12.84
N GLY A 122 -2.06 -9.24 13.88
CA GLY A 122 -2.10 -10.45 14.66
C GLY A 122 -1.96 -11.71 13.82
N PRO A 123 -0.94 -12.53 14.14
CA PRO A 123 -0.67 -13.78 13.41
C PRO A 123 -1.74 -14.83 13.67
N SER A 124 -1.84 -15.79 12.76
CA SER A 124 -2.82 -16.87 12.89
C SER A 124 -2.36 -17.91 13.90
N SER A 125 -3.28 -18.40 14.70
CA SER A 125 -2.97 -19.41 15.71
C SER A 125 -3.00 -20.81 15.12
N GLY A 126 -2.07 -21.65 15.54
CA GLY A 126 -2.01 -23.01 15.03
C GLY A 126 -2.20 -24.04 16.12
N GLY A 1 7.36 -5.87 35.39
CA GLY A 1 7.44 -4.42 35.48
C GLY A 1 8.38 -3.82 34.46
N SER A 2 8.09 -4.04 33.19
CA SER A 2 8.92 -3.51 32.11
C SER A 2 9.00 -1.99 32.18
N SER A 3 9.94 -1.42 31.44
CA SER A 3 10.13 0.03 31.41
C SER A 3 9.54 0.63 30.14
N GLY A 4 9.83 0.00 29.01
CA GLY A 4 9.33 0.49 27.74
C GLY A 4 9.24 -0.60 26.69
N SER A 5 9.80 -0.33 25.52
CA SER A 5 9.77 -1.30 24.41
C SER A 5 11.03 -1.18 23.56
N SER A 6 11.20 -2.12 22.64
CA SER A 6 12.37 -2.12 21.76
C SER A 6 12.05 -1.41 20.45
N GLY A 7 11.35 -0.28 20.54
CA GLY A 7 11.00 0.48 19.37
C GLY A 7 9.98 1.56 19.65
N GLU A 8 9.20 1.91 18.63
CA GLU A 8 8.18 2.95 18.78
C GLU A 8 6.78 2.34 18.73
N ASP A 9 5.88 2.87 19.56
CA ASP A 9 4.51 2.38 19.62
C ASP A 9 3.57 3.32 18.86
N TYR A 10 3.40 3.07 17.57
CA TYR A 10 2.53 3.89 16.74
C TYR A 10 1.61 3.02 15.89
N GLU A 11 0.38 2.82 16.36
CA GLU A 11 -0.59 2.02 15.65
C GLU A 11 -1.78 2.87 15.21
N LYS A 12 -2.05 3.94 15.95
CA LYS A 12 -3.16 4.84 15.64
C LYS A 12 -2.77 5.82 14.54
N VAL A 13 -2.11 5.31 13.51
CA VAL A 13 -1.68 6.14 12.39
C VAL A 13 -2.40 5.75 11.10
N PRO A 14 -2.69 6.74 10.25
CA PRO A 14 -3.38 6.52 8.98
C PRO A 14 -2.50 5.79 7.97
N LEU A 15 -1.29 6.30 7.75
CA LEU A 15 -0.36 5.69 6.82
C LEU A 15 1.00 5.46 7.46
N PRO A 16 1.34 4.18 7.69
CA PRO A 16 2.62 3.81 8.30
C PRO A 16 3.81 4.07 7.38
N ASN A 17 5.01 3.83 7.89
CA ASN A 17 6.23 4.04 7.11
C ASN A 17 6.69 2.74 6.45
N SER A 18 5.97 1.66 6.72
CA SER A 18 6.30 0.36 6.17
C SER A 18 5.83 0.25 4.71
N VAL A 19 4.63 0.73 4.44
CA VAL A 19 4.07 0.70 3.10
C VAL A 19 4.95 1.47 2.12
N PHE A 20 5.48 2.60 2.57
CA PHE A 20 6.34 3.42 1.74
C PHE A 20 7.73 2.82 1.60
N VAL A 21 8.04 2.32 0.41
CA VAL A 21 9.33 1.70 0.15
C VAL A 21 10.17 2.56 -0.78
N ASN A 22 11.48 2.55 -0.57
CA ASN A 22 12.40 3.33 -1.39
C ASN A 22 12.85 2.54 -2.61
N THR A 23 12.02 1.59 -3.02
CA THR A 23 12.34 0.75 -4.18
C THR A 23 11.67 1.28 -5.44
N THR A 24 12.48 1.58 -6.45
CA THR A 24 11.96 2.10 -7.71
C THR A 24 11.74 0.98 -8.72
N GLU A 25 11.33 -0.18 -8.22
CA GLU A 25 11.08 -1.34 -9.09
C GLU A 25 9.90 -2.16 -8.57
N SER A 26 9.01 -2.54 -9.48
CA SER A 26 7.84 -3.32 -9.12
C SER A 26 8.23 -4.77 -8.81
N CYS A 27 9.16 -5.30 -9.59
CA CYS A 27 9.63 -6.67 -9.40
C CYS A 27 9.93 -6.94 -7.93
N GLU A 28 10.70 -6.05 -7.32
CA GLU A 28 11.08 -6.19 -5.92
C GLU A 28 9.84 -6.26 -5.03
N VAL A 29 9.01 -5.22 -5.10
CA VAL A 29 7.79 -5.15 -4.30
C VAL A 29 7.06 -6.50 -4.31
N GLU A 30 6.68 -6.95 -5.50
CA GLU A 30 5.97 -8.21 -5.64
C GLU A 30 6.60 -9.29 -4.75
N ARG A 31 7.92 -9.37 -4.77
CA ARG A 31 8.65 -10.35 -3.97
C ARG A 31 8.48 -10.06 -2.49
N LEU A 32 8.90 -8.87 -2.06
CA LEU A 32 8.80 -8.47 -0.67
C LEU A 32 7.48 -8.94 -0.06
N PHE A 33 6.39 -8.67 -0.76
CA PHE A 33 5.06 -9.06 -0.29
C PHE A 33 5.07 -10.49 0.25
N LYS A 34 5.47 -11.42 -0.61
CA LYS A 34 5.53 -12.83 -0.24
C LYS A 34 6.56 -13.06 0.86
N ALA A 35 7.68 -12.35 0.78
CA ALA A 35 8.73 -12.46 1.77
C ALA A 35 8.21 -12.13 3.17
N THR A 36 7.82 -10.87 3.37
CA THR A 36 7.30 -10.43 4.66
C THR A 36 6.30 -11.43 5.22
N SER A 37 5.70 -12.22 4.34
CA SER A 37 4.72 -13.22 4.76
C SER A 37 5.41 -14.44 5.36
N PRO A 38 4.83 -14.97 6.45
CA PRO A 38 5.36 -16.14 7.12
C PRO A 38 5.21 -17.42 6.31
N ARG A 39 4.30 -17.39 5.34
CA ARG A 39 4.05 -18.53 4.48
C ARG A 39 4.49 -18.25 3.05
N GLY A 40 5.37 -17.27 2.89
CA GLY A 40 5.85 -16.91 1.56
C GLY A 40 4.71 -16.61 0.60
N GLU A 41 3.59 -16.16 1.14
CA GLU A 41 2.43 -15.82 0.32
C GLU A 41 1.63 -14.67 0.94
N PRO A 42 1.48 -13.59 0.17
CA PRO A 42 0.74 -12.40 0.62
C PRO A 42 -0.77 -12.66 0.74
N GLN A 43 -1.48 -11.71 1.33
CA GLN A 43 -2.92 -11.84 1.51
C GLN A 43 -3.67 -10.92 0.55
N ASP A 44 -4.78 -11.42 0.02
CA ASP A 44 -5.59 -10.64 -0.92
C ASP A 44 -5.85 -9.24 -0.37
N GLY A 45 -5.30 -8.23 -1.03
CA GLY A 45 -5.49 -6.86 -0.59
C GLY A 45 -4.18 -6.19 -0.23
N LEU A 46 -3.12 -6.97 -0.11
CA LEU A 46 -1.81 -6.45 0.23
C LEU A 46 -1.43 -5.29 -0.68
N TYR A 47 -1.45 -4.08 -0.14
CA TYR A 47 -1.10 -2.89 -0.91
C TYR A 47 0.08 -2.17 -0.29
N CYS A 48 0.69 -1.26 -1.06
CA CYS A 48 1.84 -0.51 -0.59
C CYS A 48 2.07 0.74 -1.46
N ILE A 49 3.15 1.46 -1.18
CA ILE A 49 3.48 2.67 -1.93
C ILE A 49 4.96 2.72 -2.25
N ARG A 50 5.30 2.52 -3.52
CA ARG A 50 6.69 2.55 -3.96
C ARG A 50 6.96 3.78 -4.81
N ASN A 51 8.23 4.11 -4.99
CA ASN A 51 8.63 5.27 -5.78
C ASN A 51 8.55 4.96 -7.27
N SER A 52 8.47 6.01 -8.08
CA SER A 52 8.39 5.86 -9.53
C SER A 52 9.66 6.37 -10.20
N SER A 53 10.08 5.68 -11.27
CA SER A 53 11.28 6.06 -12.00
C SER A 53 11.25 7.55 -12.34
N THR A 54 10.06 8.14 -12.32
CA THR A 54 9.90 9.56 -12.62
C THR A 54 9.67 10.37 -11.36
N LYS A 55 10.27 11.56 -11.31
CA LYS A 55 10.13 12.44 -10.16
C LYS A 55 8.78 13.15 -10.17
N SER A 56 7.72 12.39 -10.41
CA SER A 56 6.37 12.95 -10.45
C SER A 56 5.64 12.69 -9.13
N GLY A 57 5.59 11.43 -8.72
CA GLY A 57 4.92 11.08 -7.49
C GLY A 57 5.07 9.61 -7.14
N LYS A 58 4.27 9.14 -6.18
CA LYS A 58 4.33 7.75 -5.76
C LYS A 58 3.43 6.87 -6.63
N VAL A 59 3.47 5.57 -6.39
CA VAL A 59 2.67 4.63 -7.16
C VAL A 59 2.07 3.55 -6.26
N LEU A 60 0.76 3.56 -6.13
CA LEU A 60 0.07 2.58 -5.29
C LEU A 60 0.09 1.20 -5.94
N VAL A 61 0.70 0.24 -5.25
CA VAL A 61 0.78 -1.12 -5.76
C VAL A 61 -0.01 -2.09 -4.89
N VAL A 62 -1.08 -2.63 -5.46
CA VAL A 62 -1.93 -3.58 -4.72
C VAL A 62 -1.68 -5.01 -5.20
N TRP A 63 -1.89 -5.96 -4.29
CA TRP A 63 -1.69 -7.37 -4.61
C TRP A 63 -2.99 -8.01 -5.10
N ASP A 64 -2.92 -8.65 -6.25
CA ASP A 64 -4.09 -9.30 -6.83
C ASP A 64 -4.05 -10.81 -6.59
N GLU A 65 -4.64 -11.24 -5.48
CA GLU A 65 -4.66 -12.65 -5.12
C GLU A 65 -5.43 -13.46 -6.18
N THR A 66 -6.33 -12.79 -6.88
CA THR A 66 -7.13 -13.44 -7.90
C THR A 66 -6.27 -13.86 -9.09
N SER A 67 -5.21 -13.10 -9.35
CA SER A 67 -4.31 -13.40 -10.46
C SER A 67 -2.88 -13.55 -9.96
N ASN A 68 -2.71 -13.52 -8.64
CA ASN A 68 -1.38 -13.64 -8.04
C ASN A 68 -0.39 -12.69 -8.70
N LYS A 69 -0.78 -11.43 -8.83
CA LYS A 69 0.07 -10.43 -9.44
C LYS A 69 -0.17 -9.05 -8.82
N VAL A 70 0.85 -8.20 -8.84
CA VAL A 70 0.74 -6.86 -8.29
C VAL A 70 0.11 -5.90 -9.29
N ARG A 71 -0.33 -4.75 -8.80
CA ARG A 71 -0.97 -3.75 -9.65
C ARG A 71 -0.18 -2.44 -9.62
N ASN A 72 -0.41 -1.59 -10.61
CA ASN A 72 0.28 -0.31 -10.71
C ASN A 72 -0.72 0.84 -10.82
N TYR A 73 -0.77 1.67 -9.78
CA TYR A 73 -1.69 2.80 -9.77
C TYR A 73 -0.93 4.11 -9.53
N ARG A 74 -0.58 4.78 -10.62
CA ARG A 74 0.15 6.03 -10.55
C ARG A 74 -0.57 7.03 -9.64
N ILE A 75 0.15 7.58 -8.67
CA ILE A 75 -0.42 8.54 -7.75
C ILE A 75 -0.04 9.97 -8.12
N PHE A 76 -0.78 10.54 -9.05
CA PHE A 76 -0.52 11.91 -9.51
C PHE A 76 -0.71 12.91 -8.36
N GLU A 77 -0.25 14.13 -8.57
CA GLU A 77 -0.36 15.17 -7.56
C GLU A 77 -0.98 16.44 -8.15
N LYS A 78 -2.00 16.95 -7.48
CA LYS A 78 -2.69 18.16 -7.94
C LYS A 78 -3.38 18.87 -6.77
N ASP A 79 -3.08 20.16 -6.60
CA ASP A 79 -3.68 20.94 -5.53
C ASP A 79 -3.39 20.31 -4.18
N SER A 80 -2.22 19.71 -4.04
CA SER A 80 -1.82 19.06 -2.79
C SER A 80 -2.77 17.91 -2.46
N LYS A 81 -3.27 17.25 -3.49
CA LYS A 81 -4.19 16.13 -3.30
C LYS A 81 -3.85 14.99 -4.26
N PHE A 82 -3.46 13.84 -3.70
CA PHE A 82 -3.10 12.68 -4.49
C PHE A 82 -4.31 12.14 -5.25
N TYR A 83 -4.15 11.90 -6.54
CA TYR A 83 -5.23 11.39 -7.38
C TYR A 83 -4.70 10.40 -8.41
N LEU A 84 -5.59 9.58 -8.94
CA LEU A 84 -5.23 8.59 -9.94
C LEU A 84 -5.98 8.82 -11.25
N GLU A 85 -7.21 9.31 -11.14
CA GLU A 85 -8.03 9.58 -12.31
C GLU A 85 -7.74 10.97 -12.87
N GLY A 86 -8.07 11.99 -12.09
CA GLY A 86 -7.84 13.37 -12.51
C GLY A 86 -8.78 14.34 -11.86
N GLU A 87 -10.00 13.89 -11.56
CA GLU A 87 -11.01 14.73 -10.92
C GLU A 87 -11.23 14.32 -9.47
N VAL A 88 -10.85 13.08 -9.16
CA VAL A 88 -11.01 12.56 -7.81
C VAL A 88 -9.68 12.47 -7.08
N LEU A 89 -9.39 13.45 -6.24
CA LEU A 89 -8.15 13.49 -5.49
C LEU A 89 -8.41 13.35 -4.00
N PHE A 90 -7.34 13.36 -3.21
CA PHE A 90 -7.45 13.24 -1.76
C PHE A 90 -6.36 14.05 -1.05
N VAL A 91 -6.79 15.05 -0.28
CA VAL A 91 -5.86 15.90 0.45
C VAL A 91 -4.67 15.10 0.97
N SER A 92 -4.93 13.85 1.37
CA SER A 92 -3.89 12.98 1.89
C SER A 92 -4.21 11.51 1.61
N VAL A 93 -3.17 10.72 1.43
CA VAL A 93 -3.34 9.29 1.16
C VAL A 93 -4.38 8.68 2.07
N GLY A 94 -4.20 8.87 3.38
CA GLY A 94 -5.14 8.33 4.35
C GLY A 94 -6.57 8.33 3.84
N SER A 95 -7.12 9.52 3.63
CA SER A 95 -8.48 9.66 3.14
C SER A 95 -8.71 8.79 1.90
N MET A 96 -7.80 8.92 0.93
CA MET A 96 -7.91 8.16 -0.31
C MET A 96 -8.12 6.68 -0.02
N VAL A 97 -7.25 6.11 0.81
CA VAL A 97 -7.35 4.70 1.17
C VAL A 97 -8.75 4.36 1.68
N GLU A 98 -9.25 5.17 2.59
CA GLU A 98 -10.57 4.96 3.17
C GLU A 98 -11.65 5.01 2.07
N HIS A 99 -11.42 5.85 1.07
CA HIS A 99 -12.36 5.99 -0.03
C HIS A 99 -12.42 4.72 -0.87
N TYR A 100 -11.25 4.17 -1.18
CA TYR A 100 -11.17 2.95 -1.98
C TYR A 100 -11.74 1.76 -1.22
N HIS A 101 -11.51 1.73 0.10
CA HIS A 101 -12.01 0.64 0.93
C HIS A 101 -13.39 0.19 0.47
N THR A 102 -14.17 1.13 -0.06
CA THR A 102 -15.51 0.83 -0.54
C THR A 102 -15.60 0.95 -2.05
N HIS A 103 -14.76 1.81 -2.63
CA HIS A 103 -14.75 2.02 -4.06
C HIS A 103 -13.56 1.29 -4.70
N VAL A 104 -13.80 0.06 -5.13
CA VAL A 104 -12.76 -0.75 -5.76
C VAL A 104 -11.92 0.09 -6.72
N LEU A 105 -10.63 -0.23 -6.80
CA LEU A 105 -9.72 0.50 -7.68
C LEU A 105 -10.04 0.24 -9.14
N PRO A 106 -9.67 1.18 -10.01
CA PRO A 106 -9.91 1.08 -11.45
C PRO A 106 -9.05 -0.01 -12.11
N SER A 107 -9.48 -0.48 -13.27
CA SER A 107 -8.76 -1.52 -14.00
C SER A 107 -8.94 -2.88 -13.32
N HIS A 108 -10.04 -3.02 -12.58
CA HIS A 108 -10.32 -4.27 -11.88
C HIS A 108 -11.82 -4.43 -11.65
N GLN A 109 -12.19 -5.48 -10.93
CA GLN A 109 -13.60 -5.75 -10.64
C GLN A 109 -13.88 -5.61 -9.15
N SER A 110 -13.16 -6.39 -8.33
CA SER A 110 -13.35 -6.35 -6.89
C SER A 110 -11.99 -6.32 -6.18
N LEU A 111 -11.18 -5.32 -6.50
CA LEU A 111 -9.86 -5.19 -5.89
C LEU A 111 -9.81 -3.97 -4.97
N LEU A 112 -9.96 -4.22 -3.68
CA LEU A 112 -9.93 -3.15 -2.69
C LEU A 112 -8.72 -3.28 -1.77
N LEU A 113 -8.55 -2.31 -0.89
CA LEU A 113 -7.42 -2.31 0.04
C LEU A 113 -7.84 -2.89 1.39
N ARG A 114 -7.33 -4.06 1.73
CA ARG A 114 -7.65 -4.71 2.99
C ARG A 114 -6.53 -4.50 4.01
N HIS A 115 -5.35 -4.97 3.68
CA HIS A 115 -4.19 -4.84 4.56
C HIS A 115 -3.00 -4.24 3.82
N PRO A 116 -2.36 -3.22 4.43
CA PRO A 116 -1.21 -2.55 3.84
C PRO A 116 0.03 -3.43 3.82
N TYR A 117 1.09 -2.95 3.19
CA TYR A 117 2.34 -3.70 3.10
C TYR A 117 3.23 -3.41 4.30
N GLY A 118 4.05 -4.40 4.68
CA GLY A 118 4.94 -4.24 5.81
C GLY A 118 4.22 -4.36 7.14
N TYR A 119 3.09 -3.67 7.26
CA TYR A 119 2.31 -3.71 8.50
C TYR A 119 1.99 -5.14 8.90
N THR A 120 1.62 -5.34 10.16
CA THR A 120 1.29 -6.65 10.68
C THR A 120 -0.14 -6.69 11.23
N SER A 121 -0.83 -7.80 11.00
CA SER A 121 -2.20 -7.95 11.47
C SER A 121 -2.37 -9.31 12.17
N GLY A 122 -2.09 -9.33 13.47
CA GLY A 122 -2.23 -10.56 14.23
C GLY A 122 -3.58 -11.21 14.05
N PRO A 123 -3.63 -12.33 13.31
CA PRO A 123 -4.86 -13.07 13.05
C PRO A 123 -5.40 -13.75 14.30
N SER A 124 -6.32 -13.08 14.99
CA SER A 124 -6.90 -13.63 16.21
C SER A 124 -8.13 -12.84 16.62
N SER A 125 -9.11 -13.52 17.21
CA SER A 125 -10.34 -12.87 17.66
C SER A 125 -10.03 -11.65 18.51
N GLY A 126 -9.23 -11.85 19.55
CA GLY A 126 -8.88 -10.76 20.44
C GLY A 126 -7.69 -11.10 21.32
N GLY A 1 16.11 3.05 35.24
CA GLY A 1 16.91 3.45 34.08
C GLY A 1 16.80 2.45 32.94
N SER A 2 15.61 2.39 32.33
CA SER A 2 15.38 1.48 31.22
C SER A 2 14.18 1.92 30.40
N SER A 3 14.15 1.51 29.13
CA SER A 3 13.05 1.87 28.24
C SER A 3 11.96 0.80 28.26
N GLY A 4 12.36 -0.45 28.13
CA GLY A 4 11.40 -1.55 28.14
C GLY A 4 11.08 -2.04 26.75
N SER A 5 9.81 -2.39 26.52
CA SER A 5 9.36 -2.88 25.22
C SER A 5 9.92 -2.01 24.09
N SER A 6 10.60 -2.63 23.14
CA SER A 6 11.18 -1.92 22.02
C SER A 6 10.31 -2.08 20.77
N GLY A 7 10.16 -0.99 20.02
CA GLY A 7 9.36 -1.03 18.82
C GLY A 7 8.19 -0.07 18.87
N GLU A 8 7.27 -0.19 17.90
CA GLU A 8 6.11 0.67 17.84
C GLU A 8 4.86 -0.12 17.46
N ASP A 9 3.85 -0.05 18.31
CA ASP A 9 2.60 -0.77 18.08
C ASP A 9 1.46 0.21 17.76
N TYR A 10 1.63 0.99 16.70
CA TYR A 10 0.63 1.96 16.29
C TYR A 10 -0.38 1.34 15.34
N GLU A 11 -1.62 1.19 15.81
CA GLU A 11 -2.68 0.61 15.00
C GLU A 11 -3.78 1.63 14.73
N LYS A 12 -3.55 2.87 15.17
CA LYS A 12 -4.52 3.94 14.97
C LYS A 12 -3.98 4.99 14.01
N VAL A 13 -3.14 4.57 13.09
CA VAL A 13 -2.55 5.48 12.11
C VAL A 13 -3.10 5.23 10.72
N PRO A 14 -3.29 6.30 9.94
CA PRO A 14 -3.81 6.22 8.57
C PRO A 14 -2.83 5.58 7.61
N LEU A 15 -1.60 6.08 7.59
CA LEU A 15 -0.56 5.55 6.72
C LEU A 15 0.70 5.23 7.50
N PRO A 16 0.93 3.93 7.76
CA PRO A 16 2.10 3.45 8.49
C PRO A 16 3.39 3.63 7.71
N ASN A 17 4.52 3.62 8.42
CA ASN A 17 5.82 3.77 7.78
C ASN A 17 6.36 2.42 7.30
N SER A 18 5.45 1.54 6.88
CA SER A 18 5.83 0.22 6.41
C SER A 18 5.51 0.07 4.92
N VAL A 19 4.40 0.65 4.50
CA VAL A 19 3.98 0.58 3.11
C VAL A 19 4.97 1.31 2.20
N PHE A 20 5.40 2.49 2.62
CA PHE A 20 6.34 3.29 1.86
C PHE A 20 7.68 2.57 1.72
N VAL A 21 7.89 1.94 0.56
CA VAL A 21 9.13 1.21 0.30
C VAL A 21 10.11 2.07 -0.49
N ASN A 22 11.40 1.89 -0.22
CA ASN A 22 12.44 2.64 -0.92
C ASN A 22 12.85 1.94 -2.21
N THR A 23 11.92 1.17 -2.77
CA THR A 23 12.18 0.44 -4.00
C THR A 23 11.52 1.13 -5.20
N THR A 24 12.35 1.57 -6.15
CA THR A 24 11.84 2.24 -7.34
C THR A 24 11.59 1.24 -8.46
N GLU A 25 11.16 0.05 -8.10
CA GLU A 25 10.88 -1.00 -9.07
C GLU A 25 9.54 -1.69 -8.78
N SER A 26 9.15 -2.60 -9.64
CA SER A 26 7.90 -3.33 -9.48
C SER A 26 8.15 -4.78 -9.10
N CYS A 27 9.10 -5.41 -9.80
CA CYS A 27 9.44 -6.81 -9.54
C CYS A 27 9.84 -7.01 -8.08
N GLU A 28 10.58 -6.04 -7.54
CA GLU A 28 11.03 -6.12 -6.16
C GLU A 28 9.84 -6.21 -5.20
N VAL A 29 8.92 -5.25 -5.31
CA VAL A 29 7.74 -5.23 -4.45
C VAL A 29 7.05 -6.59 -4.45
N GLU A 30 6.79 -7.12 -5.64
CA GLU A 30 6.12 -8.41 -5.76
C GLU A 30 6.85 -9.48 -4.94
N ARG A 31 8.17 -9.44 -4.95
CA ARG A 31 8.98 -10.40 -4.22
C ARG A 31 8.86 -10.16 -2.71
N LEU A 32 8.98 -8.91 -2.30
CA LEU A 32 8.88 -8.55 -0.89
C LEU A 32 7.58 -9.06 -0.29
N PHE A 33 6.45 -8.64 -0.87
CA PHE A 33 5.14 -9.06 -0.39
C PHE A 33 5.17 -10.51 0.09
N LYS A 34 5.53 -11.42 -0.81
CA LYS A 34 5.61 -12.83 -0.48
C LYS A 34 6.67 -13.10 0.58
N ALA A 35 7.77 -12.35 0.49
CA ALA A 35 8.86 -12.50 1.46
C ALA A 35 8.40 -12.17 2.86
N THR A 36 8.04 -10.91 3.08
CA THR A 36 7.58 -10.46 4.39
C THR A 36 6.59 -11.44 4.99
N SER A 37 5.93 -12.21 4.14
CA SER A 37 4.95 -13.18 4.57
C SER A 37 5.62 -14.40 5.19
N PRO A 38 5.10 -14.85 6.35
CA PRO A 38 5.64 -16.01 7.06
C PRO A 38 5.38 -17.32 6.33
N ARG A 39 4.52 -17.26 5.33
CA ARG A 39 4.18 -18.45 4.54
C ARG A 39 4.54 -18.25 3.07
N GLY A 40 5.43 -17.29 2.81
CA GLY A 40 5.84 -17.01 1.44
C GLY A 40 4.67 -16.72 0.53
N GLU A 41 3.61 -16.15 1.09
CA GLU A 41 2.42 -15.82 0.31
C GLU A 41 1.68 -14.63 0.93
N PRO A 42 1.53 -13.56 0.13
CA PRO A 42 0.85 -12.34 0.56
C PRO A 42 -0.66 -12.54 0.74
N GLN A 43 -1.27 -11.68 1.53
CA GLN A 43 -2.71 -11.77 1.78
C GLN A 43 -3.48 -10.88 0.82
N ASP A 44 -4.58 -11.40 0.29
CA ASP A 44 -5.42 -10.65 -0.64
C ASP A 44 -5.68 -9.24 -0.12
N GLY A 45 -5.35 -8.24 -0.93
CA GLY A 45 -5.56 -6.86 -0.53
C GLY A 45 -4.27 -6.16 -0.15
N LEU A 46 -3.17 -6.92 -0.13
CA LEU A 46 -1.87 -6.37 0.23
C LEU A 46 -1.51 -5.19 -0.68
N TYR A 47 -1.53 -3.99 -0.11
CA TYR A 47 -1.21 -2.79 -0.86
C TYR A 47 -0.04 -2.05 -0.24
N CYS A 48 0.65 -1.25 -1.03
CA CYS A 48 1.80 -0.48 -0.55
C CYS A 48 2.02 0.77 -1.41
N ILE A 49 3.10 1.49 -1.13
CA ILE A 49 3.42 2.70 -1.87
C ILE A 49 4.91 2.78 -2.17
N ARG A 50 5.27 2.55 -3.43
CA ARG A 50 6.66 2.60 -3.85
C ARG A 50 6.93 3.84 -4.70
N ASN A 51 8.21 4.14 -4.90
CA ASN A 51 8.61 5.30 -5.68
C ASN A 51 8.43 5.05 -7.18
N SER A 52 8.40 6.11 -7.96
CA SER A 52 8.22 6.01 -9.40
C SER A 52 9.53 6.27 -10.13
N SER A 53 9.54 6.04 -11.43
CA SER A 53 10.74 6.25 -12.25
C SER A 53 10.88 7.73 -12.61
N THR A 54 10.72 8.59 -11.63
CA THR A 54 10.83 10.04 -11.85
C THR A 54 11.49 10.72 -10.66
N LYS A 55 11.74 12.02 -10.80
CA LYS A 55 12.36 12.80 -9.73
C LYS A 55 11.45 12.86 -8.50
N SER A 56 10.20 13.20 -8.72
CA SER A 56 9.23 13.30 -7.63
C SER A 56 7.91 12.63 -8.01
N GLY A 57 7.40 11.79 -7.12
CA GLY A 57 6.14 11.10 -7.38
C GLY A 57 6.12 9.70 -6.79
N LYS A 58 4.93 9.22 -6.46
CA LYS A 58 4.77 7.89 -5.87
C LYS A 58 3.82 7.04 -6.71
N VAL A 59 3.90 5.73 -6.55
CA VAL A 59 3.05 4.81 -7.28
C VAL A 59 2.47 3.74 -6.36
N LEU A 60 1.14 3.70 -6.26
CA LEU A 60 0.47 2.73 -5.42
C LEU A 60 0.43 1.35 -6.09
N VAL A 61 0.90 0.33 -5.37
CA VAL A 61 0.91 -1.03 -5.90
C VAL A 61 0.13 -1.98 -4.99
N VAL A 62 -0.97 -2.50 -5.52
CA VAL A 62 -1.80 -3.43 -4.76
C VAL A 62 -1.59 -4.87 -5.22
N TRP A 63 -1.81 -5.81 -4.31
CA TRP A 63 -1.65 -7.23 -4.62
C TRP A 63 -2.98 -7.86 -5.01
N ASP A 64 -3.05 -8.35 -6.25
CA ASP A 64 -4.27 -8.98 -6.74
C ASP A 64 -4.24 -10.48 -6.48
N GLU A 65 -4.48 -10.87 -5.23
CA GLU A 65 -4.48 -12.28 -4.85
C GLU A 65 -5.36 -13.10 -5.80
N THR A 66 -6.35 -12.44 -6.39
CA THR A 66 -7.26 -13.10 -7.32
C THR A 66 -6.51 -13.60 -8.56
N SER A 67 -5.51 -12.84 -8.99
CA SER A 67 -4.73 -13.19 -10.16
C SER A 67 -3.26 -13.39 -9.80
N ASN A 68 -2.97 -13.39 -8.50
CA ASN A 68 -1.61 -13.56 -8.02
C ASN A 68 -0.65 -12.64 -8.76
N LYS A 69 -1.07 -11.40 -8.95
CA LYS A 69 -0.24 -10.42 -9.65
C LYS A 69 -0.36 -9.04 -9.00
N VAL A 70 0.59 -8.17 -9.29
CA VAL A 70 0.59 -6.82 -8.73
C VAL A 70 0.11 -5.81 -9.76
N ARG A 71 -0.49 -4.72 -9.28
CA ARG A 71 -0.99 -3.67 -10.16
C ARG A 71 -0.27 -2.35 -9.89
N ASN A 72 -0.16 -1.52 -10.93
CA ASN A 72 0.51 -0.23 -10.81
C ASN A 72 -0.51 0.91 -10.84
N TYR A 73 -0.52 1.70 -9.77
CA TYR A 73 -1.44 2.83 -9.68
C TYR A 73 -0.69 4.14 -9.45
N ARG A 74 -0.36 4.83 -10.54
CA ARG A 74 0.35 6.09 -10.45
C ARG A 74 -0.37 7.07 -9.55
N ILE A 75 0.36 7.65 -8.61
CA ILE A 75 -0.22 8.62 -7.67
C ILE A 75 0.06 10.05 -8.12
N PHE A 76 -0.82 10.60 -8.94
CA PHE A 76 -0.67 11.96 -9.44
C PHE A 76 -0.83 12.97 -8.31
N GLU A 77 -0.32 14.18 -8.52
CA GLU A 77 -0.40 15.24 -7.53
C GLU A 77 -1.05 16.49 -8.11
N LYS A 78 -2.37 16.60 -7.95
CA LYS A 78 -3.12 17.75 -8.45
C LYS A 78 -3.80 18.50 -7.32
N ASP A 79 -3.80 19.82 -7.41
CA ASP A 79 -4.43 20.66 -6.38
C ASP A 79 -3.95 20.26 -5.00
N SER A 80 -2.70 19.81 -4.90
CA SER A 80 -2.11 19.40 -3.63
C SER A 80 -2.88 18.21 -3.05
N LYS A 81 -3.38 17.35 -3.93
CA LYS A 81 -4.12 16.16 -3.51
C LYS A 81 -3.77 14.96 -4.38
N PHE A 82 -3.50 13.83 -3.74
CA PHE A 82 -3.16 12.61 -4.46
C PHE A 82 -4.39 12.04 -5.17
N TYR A 83 -4.22 11.71 -6.45
CA TYR A 83 -5.31 11.15 -7.25
C TYR A 83 -4.79 10.12 -8.24
N LEU A 84 -5.61 9.13 -8.54
CA LEU A 84 -5.24 8.07 -9.48
C LEU A 84 -6.02 8.20 -10.78
N GLU A 85 -7.28 8.62 -10.67
CA GLU A 85 -8.13 8.79 -11.84
C GLU A 85 -8.06 10.22 -12.36
N GLY A 86 -8.31 11.18 -11.48
CA GLY A 86 -8.26 12.58 -11.86
C GLY A 86 -9.22 13.43 -11.07
N GLU A 87 -10.32 13.83 -11.70
CA GLU A 87 -11.33 14.66 -11.04
C GLU A 87 -11.42 14.32 -9.56
N VAL A 88 -11.34 13.03 -9.25
CA VAL A 88 -11.42 12.56 -7.87
C VAL A 88 -10.04 12.49 -7.23
N LEU A 89 -9.77 13.41 -6.32
CA LEU A 89 -8.48 13.45 -5.63
C LEU A 89 -8.66 13.28 -4.13
N PHE A 90 -7.54 13.23 -3.41
CA PHE A 90 -7.58 13.09 -1.96
C PHE A 90 -6.52 13.96 -1.29
N VAL A 91 -6.97 14.90 -0.47
CA VAL A 91 -6.06 15.80 0.23
C VAL A 91 -4.89 15.04 0.83
N SER A 92 -5.11 13.77 1.13
CA SER A 92 -4.07 12.93 1.71
C SER A 92 -4.33 11.46 1.42
N VAL A 93 -3.25 10.69 1.30
CA VAL A 93 -3.36 9.25 1.02
C VAL A 93 -4.38 8.59 1.94
N GLY A 94 -4.30 8.92 3.23
CA GLY A 94 -5.22 8.34 4.20
C GLY A 94 -6.64 8.31 3.69
N SER A 95 -7.22 9.48 3.47
CA SER A 95 -8.59 9.57 2.99
C SER A 95 -8.81 8.67 1.77
N MET A 96 -7.85 8.69 0.86
CA MET A 96 -7.93 7.87 -0.35
C MET A 96 -8.18 6.40 0.01
N VAL A 97 -7.35 5.87 0.89
CA VAL A 97 -7.47 4.47 1.31
C VAL A 97 -8.87 4.20 1.87
N GLU A 98 -9.32 5.08 2.76
CA GLU A 98 -10.64 4.93 3.37
C GLU A 98 -11.74 4.99 2.32
N HIS A 99 -11.53 5.80 1.29
CA HIS A 99 -12.51 5.95 0.21
C HIS A 99 -12.55 4.69 -0.65
N TYR A 100 -11.38 4.23 -1.07
CA TYR A 100 -11.29 3.04 -1.91
C TYR A 100 -11.71 1.80 -1.15
N HIS A 101 -11.52 1.83 0.17
CA HIS A 101 -11.88 0.70 1.02
C HIS A 101 -13.24 0.13 0.61
N THR A 102 -14.08 0.97 0.03
CA THR A 102 -15.40 0.55 -0.40
C THR A 102 -15.56 0.69 -1.92
N HIS A 103 -14.74 1.56 -2.51
CA HIS A 103 -14.79 1.79 -3.95
C HIS A 103 -13.58 1.15 -4.63
N VAL A 104 -13.73 -0.10 -5.05
CA VAL A 104 -12.66 -0.83 -5.71
C VAL A 104 -11.84 0.11 -6.60
N LEU A 105 -10.53 -0.13 -6.66
CA LEU A 105 -9.64 0.69 -7.47
C LEU A 105 -9.95 0.54 -8.95
N PRO A 106 -9.58 1.55 -9.74
CA PRO A 106 -9.80 1.54 -11.19
C PRO A 106 -8.92 0.52 -11.91
N SER A 107 -9.27 0.22 -13.16
CA SER A 107 -8.52 -0.74 -13.96
C SER A 107 -8.61 -2.13 -13.35
N HIS A 108 -9.68 -2.37 -12.60
CA HIS A 108 -9.88 -3.67 -11.96
C HIS A 108 -11.38 -3.95 -11.77
N GLN A 109 -11.69 -5.07 -11.12
CA GLN A 109 -13.06 -5.45 -10.88
C GLN A 109 -13.40 -5.41 -9.39
N SER A 110 -12.66 -6.20 -8.61
CA SER A 110 -12.88 -6.26 -7.17
C SER A 110 -11.55 -6.21 -6.43
N LEU A 111 -10.79 -5.14 -6.63
CA LEU A 111 -9.50 -4.98 -5.99
C LEU A 111 -9.53 -3.83 -4.99
N LEU A 112 -9.81 -4.15 -3.72
CA LEU A 112 -9.88 -3.15 -2.67
C LEU A 112 -8.66 -3.22 -1.77
N LEU A 113 -8.44 -2.19 -0.97
CA LEU A 113 -7.31 -2.15 -0.05
C LEU A 113 -7.70 -2.66 1.33
N ARG A 114 -7.41 -3.93 1.59
CA ARG A 114 -7.74 -4.54 2.87
C ARG A 114 -6.63 -4.29 3.88
N HIS A 115 -5.45 -4.84 3.60
CA HIS A 115 -4.30 -4.68 4.49
C HIS A 115 -3.10 -4.13 3.73
N PRO A 116 -2.40 -3.15 4.35
CA PRO A 116 -1.23 -2.53 3.74
C PRO A 116 -0.03 -3.47 3.68
N TYR A 117 1.09 -2.97 3.18
CA TYR A 117 2.31 -3.77 3.07
C TYR A 117 3.24 -3.52 4.26
N GLY A 118 4.06 -4.52 4.57
CA GLY A 118 4.98 -4.40 5.69
C GLY A 118 4.29 -4.51 7.03
N TYR A 119 3.19 -3.79 7.19
CA TYR A 119 2.43 -3.80 8.44
C TYR A 119 2.27 -5.23 8.96
N THR A 120 2.10 -5.36 10.27
CA THR A 120 1.93 -6.66 10.89
C THR A 120 0.52 -6.84 11.44
N SER A 121 -0.05 -8.01 11.24
CA SER A 121 -1.39 -8.31 11.71
C SER A 121 -1.69 -9.81 11.63
N GLY A 122 -2.45 -10.30 12.59
CA GLY A 122 -2.79 -11.72 12.62
C GLY A 122 -2.50 -12.36 13.96
N PRO A 123 -1.23 -12.75 14.18
CA PRO A 123 -0.79 -13.39 15.42
C PRO A 123 -0.81 -12.42 16.60
N SER A 124 -1.34 -12.87 17.73
CA SER A 124 -1.40 -12.04 18.93
C SER A 124 -1.76 -12.88 20.15
N SER A 125 -1.48 -12.34 21.33
CA SER A 125 -1.76 -13.04 22.58
C SER A 125 -3.13 -13.71 22.53
N GLY A 126 -3.25 -14.86 23.17
CA GLY A 126 -4.51 -15.58 23.19
C GLY A 126 -4.34 -17.04 23.56
#